data_9D9U
#
_entry.id   9D9U
#
_cell.length_a   1.00
_cell.length_b   1.00
_cell.length_c   1.00
_cell.angle_alpha   90.00
_cell.angle_beta   90.00
_cell.angle_gamma   90.00
#
_symmetry.space_group_name_H-M   'P 1'
#
loop_
_entity.id
_entity.type
_entity.pdbx_description
1 polymer Nitrogenase
2 polymer Nitrogenase
3 non-polymer 'FE(8)-S(7) CLUSTER'
#
loop_
_entity_poly.entity_id
_entity_poly.type
_entity_poly.pdbx_seq_one_letter_code
_entity_poly.pdbx_strand_id
1 'polypeptide(L)'
;MPIHHHHHHQHNLKTSVVESREQRLGTIIAWDGKASDLSKESAYARSEGCGSACGAKARRVCEMRSPFSQGSVCSEQMVE
CQAGNVRGAVLVQHSPIGCGAGQVIYNSIFRNGLAIRGLPVENLHLISTNLRERDMVYGGLDKLERTIRDAWERHHPQAI
FIATSCPTAIIGDDIESVASQLEAEFGIPVIPLHCEGFKSKHWSTGFDATQHGILRQIVRKNPERKQEDLVNVINLWGSD
VFGPMLGELGLRVNYVVDLATVEDLAQMSEAAATVGFCYTLSTYMAAALEQEFGVPEVKAPMPYGFAGTDAWLREIARVT
HREEQAEAYIAREHARVKPQLEALREKLKGIKGFVSTGSAYAHGMIQVLRELGVTVDGSLVFHHDPVYDSQDPRQDSLAH
LVDNYGDVGHFSVGNRQQFQFYGLLQRVKPDFIIIRHNGLAPLASRLGIPAIPLGDEHIAVGYQGILNLGESILDVLAHR
KFHEDIAAHVRLPYRQDWLARDPFDLARQSAGQPRRPAE
;
A,B
2 'polypeptide(L)'
;MPDAESRSQVTAKAAPPPAPKTNSIEQVRYICSIGAMHSASAIPRVIPITHCGPGCADKQFMNVAFYNGFQGGGYGGGAV
VPSTNATEREVVFGGAERLDELIGASLQVLDADLFVVLTGCIPDLVGDDIGSVVGPYQKRGVPIVYAETGGFRGNNFTGH
ELVTKAIIDQFVGDYDAERDGAREPHTVNVWSLLPYHNTFWRGDLTEIKRLLEGIGLKVNILFGPQSAGVAEWKAIPRAG
FNLVLSPWLGLDTARHLDRKYGQPTLHRPIIPIGAKETGAFLREVAAFAGLDSAVVEAFITAEEAVYYRYLEDFTDFYAE
YWWGLPAKFAVIGDSAYNLALTKFLVNQLGLIPGLQIITDNPPEEVREDIRAHYHAIADDVATDVSFEEDSYTIHQKIRA
TDFGHKAPILFGTTWERDLAKELKGAIVEVGFPASYEVVLSRSYLGYRGALTLLEKIYTTTVSASA
;
C,D
#
loop_
_chem_comp.id
_chem_comp.type
_chem_comp.name
_chem_comp.formula
CLF non-polymer 'FE(8)-S(7) CLUSTER' 'Fe8 S7'
#
# COMPACT_ATOMS: atom_id res chain seq x y z
N SER A 75 -26.72 23.98 7.13
CA SER A 75 -25.48 24.55 7.62
C SER A 75 -24.94 23.76 8.82
N GLU A 76 -25.73 22.79 9.29
CA GLU A 76 -25.33 22.03 10.46
C GLU A 76 -24.02 21.29 10.21
N GLN A 77 -23.86 20.70 9.02
CA GLN A 77 -22.61 20.02 8.70
C GLN A 77 -21.44 21.00 8.72
N MET A 78 -21.62 22.19 8.14
CA MET A 78 -20.55 23.17 8.15
C MET A 78 -20.24 23.65 9.56
N VAL A 79 -21.27 23.84 10.38
CA VAL A 79 -21.05 24.24 11.77
C VAL A 79 -20.23 23.18 12.50
N GLU A 80 -20.61 21.92 12.36
CA GLU A 80 -19.88 20.84 13.02
C GLU A 80 -18.45 20.77 12.52
N CYS A 81 -18.25 20.90 11.20
CA CYS A 81 -16.90 20.84 10.66
C CYS A 81 -16.03 21.98 11.19
N GLN A 82 -16.58 23.20 11.24
CA GLN A 82 -15.83 24.32 11.76
C GLN A 82 -15.48 24.12 13.22
N ALA A 83 -16.47 23.72 14.03
CA ALA A 83 -16.23 23.56 15.46
C ALA A 83 -15.23 22.45 15.74
N GLY A 84 -15.32 21.34 15.02
CA GLY A 84 -14.40 20.24 15.23
C GLY A 84 -13.03 20.44 14.61
N ASN A 85 -12.91 21.38 13.69
CA ASN A 85 -11.64 21.67 13.02
C ASN A 85 -10.80 22.67 13.79
N VAL A 86 -11.28 23.17 14.93
CA VAL A 86 -10.49 24.07 15.77
C VAL A 86 -9.55 23.22 16.60
N ARG A 87 -8.25 23.36 16.37
CA ARG A 87 -7.27 22.60 17.12
C ARG A 87 -7.26 23.05 18.58
N GLY A 88 -7.02 22.10 19.47
CA GLY A 88 -7.03 22.38 20.89
C GLY A 88 -8.41 22.45 21.51
N ALA A 89 -9.46 22.20 20.74
CA ALA A 89 -10.82 22.17 21.22
C ALA A 89 -11.42 20.80 20.97
N VAL A 90 -12.53 20.52 21.65
CA VAL A 90 -13.25 19.26 21.52
C VAL A 90 -14.71 19.56 21.24
N LEU A 91 -15.27 18.91 20.24
CA LEU A 91 -16.67 19.06 19.88
C LEU A 91 -17.47 17.90 20.43
N VAL A 92 -18.53 18.20 21.16
CA VAL A 92 -19.41 17.20 21.74
C VAL A 92 -20.68 17.17 20.90
N GLN A 93 -21.01 16.00 20.35
CA GLN A 93 -22.22 15.82 19.55
C GLN A 93 -23.30 15.23 20.46
N HIS A 94 -24.19 16.08 20.94
CA HIS A 94 -25.30 15.66 21.78
C HIS A 94 -26.39 15.12 20.88
N SER A 95 -26.34 13.81 20.61
CA SER A 95 -27.29 13.19 19.70
C SER A 95 -27.04 11.69 19.68
N PRO A 96 -27.92 10.91 19.06
CA PRO A 96 -27.65 9.47 18.91
C PRO A 96 -26.39 9.24 18.10
N ILE A 97 -25.90 7.99 18.16
CA ILE A 97 -24.64 7.67 17.50
C ILE A 97 -24.72 7.93 16.00
N GLY A 98 -25.92 7.86 15.43
CA GLY A 98 -26.04 8.03 13.99
C GLY A 98 -25.60 9.39 13.52
N CYS A 99 -25.96 10.43 14.27
CA CYS A 99 -25.61 11.79 13.86
C CYS A 99 -24.11 12.06 13.97
N GLY A 100 -23.36 11.17 14.58
CA GLY A 100 -21.91 11.25 14.60
C GLY A 100 -21.24 10.66 13.39
N ALA A 101 -22.00 10.21 12.41
CA ALA A 101 -21.41 9.60 11.22
C ALA A 101 -20.47 10.57 10.51
N GLY A 102 -20.75 11.87 10.58
CA GLY A 102 -19.90 12.85 9.94
C GLY A 102 -18.50 12.91 10.50
N GLN A 103 -18.24 12.25 11.63
CA GLN A 103 -16.91 12.27 12.23
C GLN A 103 -15.85 11.79 11.25
N VAL A 104 -16.18 10.79 10.43
CA VAL A 104 -15.21 10.28 9.47
C VAL A 104 -14.97 11.29 8.36
N ILE A 105 -16.03 11.94 7.89
CA ILE A 105 -15.88 12.97 6.87
C ILE A 105 -15.04 14.12 7.42
N TYR A 106 -15.40 14.60 8.61
CA TYR A 106 -14.66 15.68 9.23
C TYR A 106 -13.23 15.27 9.49
N ASN A 107 -13.02 14.03 9.92
CA ASN A 107 -11.65 13.57 10.19
C ASN A 107 -10.83 13.58 8.91
N SER A 108 -11.39 13.11 7.80
CA SER A 108 -10.64 13.11 6.55
C SER A 108 -10.31 14.52 6.12
N ILE A 109 -11.29 15.43 6.17
CA ILE A 109 -11.05 16.81 5.78
C ILE A 109 -10.00 17.43 6.68
N PHE A 110 -10.09 17.17 7.99
CA PHE A 110 -9.16 17.74 8.95
C PHE A 110 -7.73 17.27 8.70
N ARG A 111 -7.56 15.97 8.49
CA ARG A 111 -6.23 15.43 8.23
C ARG A 111 -5.66 15.98 6.94
N ASN A 112 -6.48 16.07 5.90
CA ASN A 112 -5.98 16.58 4.63
C ASN A 112 -5.63 18.06 4.73
N GLY A 113 -6.44 18.83 5.46
CA GLY A 113 -6.11 20.23 5.67
C GLY A 113 -4.82 20.40 6.45
N LEU A 114 -4.62 19.57 7.47
CA LEU A 114 -3.36 19.63 8.22
C LEU A 114 -2.18 19.29 7.32
N ALA A 115 -2.32 18.27 6.49
CA ALA A 115 -1.23 17.89 5.59
C ALA A 115 -0.92 19.01 4.60
N ILE A 116 -1.96 19.61 4.01
CA ILE A 116 -1.74 20.69 3.05
C ILE A 116 -1.08 21.87 3.74
N ARG A 117 -1.56 22.24 4.93
CA ARG A 117 -1.05 23.39 5.65
C ARG A 117 0.36 23.14 6.22
N GLY A 118 0.85 21.91 6.15
CA GLY A 118 2.17 21.59 6.66
C GLY A 118 2.21 21.28 8.14
N LEU A 119 1.10 21.38 8.84
CA LEU A 119 1.06 21.11 10.27
C LEU A 119 1.07 19.61 10.52
N PRO A 120 1.42 19.20 11.74
CA PRO A 120 1.41 17.76 12.06
C PRO A 120 0.02 17.19 11.88
N VAL A 121 -0.04 15.97 11.35
CA VAL A 121 -1.30 15.32 10.99
C VAL A 121 -1.74 14.43 12.13
N GLU A 122 -3.03 14.48 12.44
CA GLU A 122 -3.59 13.64 13.49
C GLU A 122 -5.11 13.62 13.34
N ASN A 123 -5.72 12.61 13.96
CA ASN A 123 -7.17 12.52 13.97
C ASN A 123 -7.77 13.56 14.89
N LEU A 124 -8.98 14.00 14.56
CA LEU A 124 -9.72 14.86 15.47
C LEU A 124 -10.57 14.00 16.40
N HIS A 125 -10.81 14.51 17.60
CA HIS A 125 -11.52 13.78 18.64
C HIS A 125 -12.87 14.43 18.87
N LEU A 126 -13.90 13.87 18.25
CA LEU A 126 -15.27 14.29 18.47
C LEU A 126 -15.96 13.24 19.33
N ILE A 127 -16.64 13.68 20.38
CA ILE A 127 -17.31 12.79 21.32
C ILE A 127 -18.81 12.91 21.11
N SER A 128 -19.48 11.77 21.02
CA SER A 128 -20.93 11.71 20.92
C SER A 128 -21.50 11.29 22.27
N THR A 129 -22.61 11.93 22.65
CA THR A 129 -23.29 11.51 23.86
C THR A 129 -23.98 10.16 23.71
N ASN A 130 -24.15 9.68 22.48
CA ASN A 130 -24.64 8.33 22.22
C ASN A 130 -25.98 8.10 22.91
N LEU A 131 -26.97 8.89 22.49
CA LEU A 131 -28.29 8.81 23.08
C LEU A 131 -29.04 7.60 22.57
N ARG A 132 -29.87 7.02 23.45
CA ARG A 132 -30.69 5.87 23.11
C ARG A 132 -32.14 6.16 23.47
N GLU A 133 -33.01 5.15 23.42
CA GLU A 133 -34.42 5.34 23.68
C GLU A 133 -34.65 6.09 24.99
N ARG A 134 -33.96 5.66 26.05
CA ARG A 134 -34.12 6.29 27.35
C ARG A 134 -33.97 7.80 27.25
N ASP A 135 -32.96 8.26 26.52
CA ASP A 135 -32.73 9.69 26.40
C ASP A 135 -33.77 10.35 25.50
N MET A 136 -34.23 9.66 24.46
CA MET A 136 -35.29 10.21 23.63
C MET A 136 -36.56 10.43 24.45
N VAL A 137 -36.77 9.63 25.48
CA VAL A 137 -37.97 9.77 26.30
C VAL A 137 -37.75 10.82 27.38
N TYR A 138 -36.75 10.61 28.24
CA TYR A 138 -36.54 11.41 29.43
C TYR A 138 -35.47 12.48 29.24
N GLY A 139 -34.94 12.64 28.04
CA GLY A 139 -33.86 13.58 27.81
C GLY A 139 -32.51 13.00 28.18
N GLY A 140 -31.46 13.71 27.76
CA GLY A 140 -30.10 13.22 27.95
C GLY A 140 -29.18 14.23 28.58
N LEU A 141 -29.69 15.04 29.51
CA LEU A 141 -28.85 16.03 30.16
C LEU A 141 -27.75 15.37 30.97
N ASP A 142 -28.08 14.30 31.69
CA ASP A 142 -27.06 13.58 32.45
C ASP A 142 -26.00 12.99 31.54
N LYS A 143 -26.43 12.40 30.42
CA LYS A 143 -25.48 11.87 29.46
C LYS A 143 -24.62 12.98 28.86
N LEU A 144 -25.22 14.14 28.60
CA LEU A 144 -24.45 15.26 28.08
C LEU A 144 -23.39 15.71 29.07
N GLU A 145 -23.75 15.82 30.35
CA GLU A 145 -22.79 16.21 31.36
C GLU A 145 -21.67 15.18 31.48
N ARG A 146 -22.04 13.89 31.43
CA ARG A 146 -21.04 12.84 31.49
C ARG A 146 -20.08 12.93 30.30
N THR A 147 -20.61 13.18 29.11
CA THR A 147 -19.77 13.29 27.93
C THR A 147 -18.84 14.49 28.01
N ILE A 148 -19.34 15.63 28.50
CA ILE A 148 -18.48 16.79 28.62
C ILE A 148 -17.37 16.54 29.63
N ARG A 149 -17.70 15.91 30.75
CA ARG A 149 -16.67 15.55 31.73
C ARG A 149 -15.66 14.60 31.12
N ASP A 150 -16.13 13.64 30.31
CA ASP A 150 -15.22 12.73 29.63
C ASP A 150 -14.28 13.47 28.69
N ALA A 151 -14.82 14.41 27.92
CA ALA A 151 -13.98 15.19 27.02
C ALA A 151 -12.91 15.94 27.81
N TRP A 152 -13.32 16.60 28.89
CA TRP A 152 -12.38 17.36 29.69
C TRP A 152 -11.28 16.46 30.27
N GLU A 153 -11.68 15.30 30.81
CA GLU A 153 -10.70 14.42 31.44
C GLU A 153 -9.77 13.79 30.40
N ARG A 154 -10.31 13.40 29.25
CA ARG A 154 -9.50 12.70 28.26
C ARG A 154 -8.52 13.63 27.58
N HIS A 155 -8.98 14.84 27.19
CA HIS A 155 -8.18 15.70 26.34
C HIS A 155 -7.72 16.98 27.02
N HIS A 156 -8.39 17.42 28.08
CA HIS A 156 -8.12 18.69 28.72
C HIS A 156 -8.04 19.79 27.65
N PRO A 157 -9.13 20.05 26.94
CA PRO A 157 -9.09 21.00 25.83
C PRO A 157 -9.07 22.45 26.32
N GLN A 158 -8.84 23.35 25.38
CA GLN A 158 -8.93 24.79 25.62
C GLN A 158 -10.33 25.33 25.37
N ALA A 159 -11.25 24.50 24.87
CA ALA A 159 -12.61 24.91 24.62
C ALA A 159 -13.42 23.68 24.25
N ILE A 160 -14.69 23.69 24.60
CA ILE A 160 -15.59 22.58 24.32
C ILE A 160 -16.83 23.13 23.64
N PHE A 161 -17.10 22.68 22.43
CA PHE A 161 -18.32 23.01 21.71
C PHE A 161 -19.33 21.88 21.87
N ILE A 162 -20.60 22.22 21.73
CA ILE A 162 -21.70 21.26 21.88
C ILE A 162 -22.63 21.42 20.68
N ALA A 163 -22.90 20.31 20.00
CA ALA A 163 -23.75 20.30 18.81
C ALA A 163 -24.99 19.45 19.09
N THR A 164 -26.14 19.93 18.62
CA THR A 164 -27.43 19.29 18.89
C THR A 164 -28.13 18.97 17.57
N SER A 165 -28.60 17.74 17.43
CA SER A 165 -29.23 17.21 16.24
C SER A 165 -30.75 17.42 16.30
N CYS A 166 -31.48 16.78 15.37
CA CYS A 166 -32.94 16.84 15.37
C CYS A 166 -33.55 16.00 16.49
N PRO A 167 -33.14 14.74 16.66
CA PRO A 167 -33.72 13.94 17.75
C PRO A 167 -33.50 14.55 19.12
N THR A 168 -32.44 15.34 19.30
CA THR A 168 -32.21 16.04 20.56
C THR A 168 -32.90 17.39 20.60
N ALA A 169 -33.09 18.05 19.45
CA ALA A 169 -33.89 19.27 19.43
C ALA A 169 -35.35 18.99 19.75
N ILE A 170 -35.85 17.85 19.29
CA ILE A 170 -37.25 17.51 19.52
C ILE A 170 -37.53 17.32 21.00
N ILE A 171 -36.66 16.59 21.70
CA ILE A 171 -36.84 16.40 23.14
C ILE A 171 -36.58 17.66 23.93
N GLY A 172 -36.03 18.70 23.29
CA GLY A 172 -35.89 19.99 23.93
C GLY A 172 -35.02 19.99 25.17
N ASP A 173 -33.88 19.32 25.11
CA ASP A 173 -32.94 19.35 26.23
C ASP A 173 -32.38 20.75 26.42
N ASP A 174 -32.15 21.12 27.67
CA ASP A 174 -31.61 22.44 28.03
C ASP A 174 -30.09 22.30 28.17
N ILE A 175 -29.38 22.60 27.08
CA ILE A 175 -27.92 22.50 27.10
C ILE A 175 -27.28 23.70 27.77
N GLU A 176 -27.98 24.84 27.83
CA GLU A 176 -27.36 26.06 28.34
C GLU A 176 -26.96 25.92 29.80
N SER A 177 -27.83 25.32 30.62
CA SER A 177 -27.54 25.21 32.04
C SER A 177 -26.29 24.37 32.30
N VAL A 178 -26.24 23.18 31.71
CA VAL A 178 -25.08 22.31 31.90
C VAL A 178 -23.83 22.96 31.32
N ALA A 179 -23.98 23.63 30.18
CA ALA A 179 -22.83 24.30 29.59
C ALA A 179 -22.24 25.33 30.53
N SER A 180 -23.10 26.20 31.09
CA SER A 180 -22.63 27.21 32.01
C SER A 180 -22.02 26.58 33.27
N GLN A 181 -22.68 25.57 33.81
CA GLN A 181 -22.18 24.94 35.04
C GLN A 181 -20.80 24.34 34.83
N LEU A 182 -20.64 23.56 33.76
CA LEU A 182 -19.34 22.93 33.51
C LEU A 182 -18.29 23.95 33.09
N GLU A 183 -18.70 25.03 32.43
CA GLU A 183 -17.76 26.09 32.13
C GLU A 183 -17.22 26.70 33.40
N ALA A 184 -18.09 26.96 34.38
CA ALA A 184 -17.63 27.47 35.66
C ALA A 184 -16.72 26.47 36.35
N GLU A 185 -17.08 25.19 36.30
CA GLU A 185 -16.30 24.19 37.03
C GLU A 185 -14.90 24.03 36.44
N PHE A 186 -14.79 23.94 35.11
CA PHE A 186 -13.52 23.63 34.47
C PHE A 186 -12.66 24.85 34.19
N GLY A 187 -13.26 26.04 34.10
CA GLY A 187 -12.49 27.23 33.80
C GLY A 187 -12.11 27.38 32.33
N ILE A 188 -12.81 26.71 31.44
CA ILE A 188 -12.58 26.88 29.99
C ILE A 188 -13.93 27.10 29.34
N PRO A 189 -13.96 27.72 28.16
CA PRO A 189 -15.24 27.93 27.48
C PRO A 189 -15.94 26.61 27.19
N VAL A 190 -17.25 26.60 27.39
CA VAL A 190 -18.10 25.50 26.99
C VAL A 190 -19.20 26.13 26.14
N ILE A 191 -19.08 25.97 24.83
CA ILE A 191 -19.85 26.78 23.87
C ILE A 191 -20.95 25.94 23.25
N PRO A 192 -22.20 26.13 23.66
CA PRO A 192 -23.31 25.42 23.00
C PRO A 192 -23.64 26.06 21.65
N LEU A 193 -23.31 25.35 20.57
CA LEU A 193 -23.61 25.84 19.24
C LEU A 193 -25.11 25.76 18.98
N HIS A 194 -25.67 26.84 18.43
CA HIS A 194 -27.10 26.90 18.15
C HIS A 194 -27.34 26.44 16.72
N CYS A 195 -27.37 25.11 16.57
CA CYS A 195 -27.59 24.49 15.27
C CYS A 195 -28.80 23.55 15.31
N GLY A 206 -24.65 34.80 6.61
CA GLY A 206 -25.15 35.87 7.45
C GLY A 206 -25.01 35.56 8.93
N PHE A 207 -25.00 34.27 9.26
CA PHE A 207 -24.86 33.84 10.65
C PHE A 207 -24.23 32.46 10.67
N ASP A 208 -23.47 32.19 11.72
CA ASP A 208 -22.84 30.89 11.91
C ASP A 208 -22.67 30.64 13.40
N ALA A 209 -23.17 29.49 13.87
CA ALA A 209 -23.16 29.21 15.30
C ALA A 209 -21.75 29.14 15.84
N THR A 210 -20.84 28.47 15.12
CA THR A 210 -19.47 28.35 15.60
C THR A 210 -18.79 29.71 15.70
N GLN A 211 -18.95 30.54 14.67
CA GLN A 211 -18.33 31.86 14.70
C GLN A 211 -18.93 32.70 15.81
N HIS A 212 -20.25 32.63 15.99
CA HIS A 212 -20.89 33.38 17.06
C HIS A 212 -20.36 32.95 18.43
N GLY A 213 -20.23 31.65 18.64
CA GLY A 213 -19.71 31.18 19.92
C GLY A 213 -18.26 31.57 20.13
N ILE A 214 -17.45 31.49 19.08
CA ILE A 214 -16.04 31.89 19.20
C ILE A 214 -15.95 33.36 19.59
N LEU A 215 -16.74 34.21 18.93
CA LEU A 215 -16.73 35.63 19.27
C LEU A 215 -17.19 35.85 20.70
N ARG A 216 -18.24 35.15 21.11
CA ARG A 216 -18.78 35.36 22.46
C ARG A 216 -17.77 34.97 23.53
N GLN A 217 -17.16 33.79 23.40
CA GLN A 217 -16.46 33.17 24.51
C GLN A 217 -14.96 32.99 24.32
N ILE A 218 -14.46 32.93 23.09
CA ILE A 218 -13.05 32.67 22.85
C ILE A 218 -12.31 33.94 22.46
N VAL A 219 -12.89 34.77 21.59
CA VAL A 219 -12.19 35.95 21.12
C VAL A 219 -11.89 36.86 22.31
N ARG A 220 -10.62 37.20 22.47
CA ARG A 220 -10.20 38.04 23.60
C ARG A 220 -10.84 39.42 23.48
N LYS A 221 -11.16 40.00 24.64
CA LYS A 221 -11.80 41.29 24.71
C LYS A 221 -10.85 42.31 25.30
N ASN A 222 -10.84 43.52 24.72
CA ASN A 222 -9.97 44.60 25.14
C ASN A 222 -8.52 44.10 25.25
N PRO A 223 -7.98 43.54 24.16
CA PRO A 223 -6.61 42.99 24.24
C PRO A 223 -5.60 44.06 24.59
N GLU A 224 -4.61 43.68 25.39
CA GLU A 224 -3.51 44.58 25.71
C GLU A 224 -2.46 44.64 24.62
N ARG A 225 -2.56 43.79 23.60
CA ARG A 225 -1.61 43.73 22.50
C ARG A 225 -2.34 43.94 21.19
N LYS A 226 -1.80 44.80 20.34
CA LYS A 226 -2.32 45.02 19.00
C LYS A 226 -1.23 44.67 17.99
N GLN A 227 -1.57 43.82 17.04
CA GLN A 227 -0.62 43.31 16.05
C GLN A 227 -0.86 44.05 14.75
N GLU A 228 -0.06 45.10 14.52
CA GLU A 228 -0.25 45.94 13.34
C GLU A 228 0.00 45.16 12.06
N ASP A 229 0.82 44.12 12.11
CA ASP A 229 1.16 43.33 10.93
C ASP A 229 0.41 42.00 10.87
N LEU A 230 -0.72 41.89 11.56
CA LEU A 230 -1.53 40.68 11.57
C LEU A 230 -2.85 40.96 10.89
N VAL A 231 -3.26 40.06 10.00
CA VAL A 231 -4.52 40.17 9.28
C VAL A 231 -5.25 38.84 9.42
N ASN A 232 -6.53 38.91 9.73
CA ASN A 232 -7.37 37.72 9.83
C ASN A 232 -7.88 37.35 8.44
N VAL A 233 -7.63 36.11 8.03
CA VAL A 233 -8.11 35.58 6.76
C VAL A 233 -9.10 34.47 7.08
N ILE A 234 -10.36 34.69 6.76
CA ILE A 234 -11.41 33.73 7.05
C ILE A 234 -11.56 32.81 5.84
N ASN A 235 -11.17 31.54 6.01
CA ASN A 235 -11.27 30.57 4.94
C ASN A 235 -11.68 29.23 5.52
N LEU A 236 -12.24 28.37 4.66
CA LEU A 236 -12.58 27.01 5.08
C LEU A 236 -11.36 26.10 5.02
N TRP A 237 -10.82 25.89 3.83
CA TRP A 237 -9.63 25.08 3.64
C TRP A 237 -8.83 25.66 2.48
N GLY A 238 -7.88 24.89 1.98
CA GLY A 238 -7.04 25.32 0.88
C GLY A 238 -5.62 25.58 1.32
N SER A 239 -4.73 25.60 0.34
CA SER A 239 -3.31 25.78 0.61
C SER A 239 -3.02 27.22 1.02
N ASP A 240 -1.76 27.48 1.34
CA ASP A 240 -1.30 28.81 1.71
C ASP A 240 -1.17 29.68 0.46
N VAL A 241 -2.29 30.25 0.04
CA VAL A 241 -2.28 31.20 -1.07
C VAL A 241 -2.08 32.62 -0.55
N PHE A 242 -2.78 32.98 0.53
CA PHE A 242 -2.66 34.31 1.08
C PHE A 242 -1.37 34.47 1.88
N GLY A 243 -0.83 33.39 2.41
CA GLY A 243 0.41 33.45 3.13
C GLY A 243 1.47 34.18 2.33
N PRO A 244 1.91 33.57 1.23
CA PRO A 244 2.94 34.22 0.40
C PRO A 244 2.52 35.56 -0.15
N MET A 245 1.26 35.70 -0.58
CA MET A 245 0.83 36.95 -1.22
C MET A 245 0.94 38.12 -0.26
N LEU A 246 0.40 37.97 0.96
CA LEU A 246 0.47 39.02 1.95
C LEU A 246 1.85 39.11 2.60
N GLY A 247 2.65 38.05 2.51
CA GLY A 247 4.03 38.15 2.99
C GLY A 247 4.82 39.18 2.21
N GLU A 248 4.59 39.26 0.89
CA GLU A 248 5.25 40.27 0.09
C GLU A 248 4.85 41.68 0.53
N LEU A 249 3.75 41.81 1.26
CA LEU A 249 3.36 43.08 1.86
C LEU A 249 3.89 43.26 3.26
N GLY A 250 4.64 42.29 3.78
CA GLY A 250 5.10 42.36 5.15
C GLY A 250 4.03 42.11 6.17
N LEU A 251 2.92 41.50 5.78
CA LEU A 251 1.81 41.20 6.67
C LEU A 251 1.82 39.72 7.03
N ARG A 252 1.35 39.43 8.24
CA ARG A 252 1.17 38.06 8.69
C ARG A 252 -0.29 37.66 8.57
N VAL A 253 -0.53 36.35 8.45
CA VAL A 253 -1.85 35.82 8.17
C VAL A 253 -2.30 34.99 9.37
N ASN A 254 -3.54 35.20 9.79
CA ASN A 254 -4.17 34.44 10.86
C ASN A 254 -5.34 33.68 10.23
N TYR A 255 -5.13 32.40 9.96
CA TYR A 255 -6.13 31.59 9.27
C TYR A 255 -7.17 31.12 10.26
N VAL A 256 -8.44 31.48 10.02
CA VAL A 256 -9.55 31.07 10.86
C VAL A 256 -10.71 30.69 9.96
N VAL A 257 -11.61 29.84 10.48
CA VAL A 257 -11.62 29.24 11.80
C VAL A 257 -10.97 27.86 11.76
N ASP A 258 -11.10 27.18 10.62
CA ASP A 258 -10.64 25.80 10.52
C ASP A 258 -9.13 25.71 10.71
N LEU A 259 -8.69 24.65 11.37
CA LEU A 259 -7.27 24.38 11.63
C LEU A 259 -6.63 25.44 12.52
N ALA A 260 -7.42 26.35 13.08
CA ALA A 260 -6.90 27.38 13.95
C ALA A 260 -6.91 26.87 15.39
N THR A 261 -5.80 27.10 16.10
CA THR A 261 -5.76 26.81 17.52
C THR A 261 -6.64 27.79 18.28
N VAL A 262 -7.04 27.41 19.49
CA VAL A 262 -7.85 28.30 20.30
C VAL A 262 -7.09 29.59 20.58
N GLU A 263 -5.76 29.53 20.61
CA GLU A 263 -4.97 30.74 20.77
C GLU A 263 -5.19 31.69 19.59
N ASP A 264 -5.23 31.15 18.38
CA ASP A 264 -5.41 31.99 17.19
C ASP A 264 -6.79 32.65 17.19
N LEU A 265 -7.83 31.91 17.58
CA LEU A 265 -9.15 32.50 17.63
C LEU A 265 -9.21 33.61 18.67
N ALA A 266 -8.54 33.42 19.80
CA ALA A 266 -8.58 34.42 20.86
C ALA A 266 -7.95 35.74 20.39
N GLN A 267 -6.88 35.66 19.62
CA GLN A 267 -6.10 36.84 19.25
C GLN A 267 -6.63 37.54 18.01
N MET A 268 -7.76 37.11 17.47
CA MET A 268 -8.31 37.78 16.29
C MET A 268 -8.72 39.21 16.58
N SER A 269 -8.97 39.55 17.84
CA SER A 269 -9.28 40.93 18.20
C SER A 269 -8.06 41.84 18.18
N GLU A 270 -6.86 41.26 18.07
CA GLU A 270 -5.64 42.05 18.02
C GLU A 270 -5.20 42.39 16.61
N ALA A 271 -5.75 41.73 15.60
CA ALA A 271 -5.26 41.89 14.24
C ALA A 271 -5.50 43.30 13.72
N ALA A 272 -4.76 43.66 12.68
CA ALA A 272 -4.86 44.97 12.05
C ALA A 272 -5.97 45.05 11.01
N ALA A 273 -6.53 43.92 10.60
CA ALA A 273 -7.62 43.92 9.63
C ALA A 273 -8.12 42.49 9.46
N THR A 274 -9.31 42.36 8.89
CA THR A 274 -9.93 41.08 8.61
C THR A 274 -10.31 41.03 7.14
N VAL A 275 -9.64 40.18 6.37
CA VAL A 275 -9.89 40.04 4.95
C VAL A 275 -10.62 38.73 4.71
N GLY A 276 -11.77 38.80 4.05
CA GLY A 276 -12.48 37.62 3.66
C GLY A 276 -12.67 37.53 2.16
N PHE A 277 -11.98 36.58 1.53
CA PHE A 277 -12.14 36.36 0.10
C PHE A 277 -13.52 35.83 -0.25
N CYS A 278 -14.24 35.26 0.71
CA CYS A 278 -15.57 34.71 0.49
C CYS A 278 -16.57 35.62 1.18
N TYR A 279 -17.36 36.35 0.38
CA TYR A 279 -18.34 37.27 0.93
C TYR A 279 -19.38 36.52 1.75
N THR A 280 -19.89 35.40 1.22
CA THR A 280 -20.96 34.68 1.91
C THR A 280 -20.49 34.16 3.27
N LEU A 281 -19.25 33.66 3.32
CA LEU A 281 -18.74 33.06 4.57
C LEU A 281 -18.25 34.14 5.53
N SER A 282 -17.34 35.00 5.07
CA SER A 282 -16.59 35.87 5.96
C SER A 282 -17.36 37.11 6.41
N THR A 283 -18.48 37.44 5.77
CA THR A 283 -19.13 38.72 6.05
C THR A 283 -19.54 38.83 7.52
N TYR A 284 -20.20 37.80 8.05
CA TYR A 284 -20.74 37.89 9.40
C TYR A 284 -19.63 38.05 10.44
N MET A 285 -18.65 37.15 10.40
CA MET A 285 -17.64 37.14 11.45
C MET A 285 -16.77 38.38 11.38
N ALA A 286 -16.38 38.80 10.18
CA ALA A 286 -15.57 40.00 10.04
C ALA A 286 -16.35 41.25 10.47
N ALA A 287 -17.63 41.33 10.10
CA ALA A 287 -18.43 42.47 10.51
C ALA A 287 -18.55 42.53 12.03
N ALA A 288 -18.79 41.38 12.66
CA ALA A 288 -18.88 41.35 14.12
C ALA A 288 -17.55 41.74 14.75
N LEU A 289 -16.45 41.23 14.20
CA LEU A 289 -15.13 41.60 14.72
C LEU A 289 -14.91 43.10 14.66
N GLU A 290 -15.18 43.71 13.51
CA GLU A 290 -14.98 45.15 13.39
C GLU A 290 -15.90 45.91 14.33
N GLN A 291 -17.17 45.50 14.43
CA GLN A 291 -18.13 46.24 15.24
C GLN A 291 -17.78 46.17 16.72
N GLU A 292 -17.41 44.99 17.21
CA GLU A 292 -17.25 44.78 18.65
C GLU A 292 -15.83 45.05 19.14
N PHE A 293 -14.82 44.82 18.30
CA PHE A 293 -13.43 44.86 18.74
C PHE A 293 -12.59 45.88 18.00
N GLY A 294 -13.10 46.48 16.93
CA GLY A 294 -12.38 47.53 16.24
C GLY A 294 -11.40 47.08 15.19
N VAL A 295 -11.32 45.78 14.91
CA VAL A 295 -10.42 45.29 13.86
C VAL A 295 -11.06 45.63 12.53
N PRO A 296 -10.45 46.46 11.69
CA PRO A 296 -11.11 46.88 10.45
C PRO A 296 -11.38 45.69 9.53
N GLU A 297 -12.51 45.74 8.85
CA GLU A 297 -12.85 44.76 7.83
C GLU A 297 -12.52 45.35 6.47
N VAL A 298 -11.84 44.57 5.63
CA VAL A 298 -11.49 45.00 4.29
C VAL A 298 -12.63 44.62 3.35
N LYS A 299 -13.26 45.62 2.76
CA LYS A 299 -14.36 45.44 1.82
C LYS A 299 -13.87 45.96 0.47
N ALA A 300 -13.56 45.04 -0.43
CA ALA A 300 -12.96 45.38 -1.72
C ALA A 300 -13.25 44.25 -2.69
N PRO A 301 -12.96 44.44 -3.97
CA PRO A 301 -13.15 43.34 -4.93
C PRO A 301 -12.32 42.13 -4.52
N MET A 302 -12.89 40.95 -4.77
CA MET A 302 -12.21 39.72 -4.40
C MET A 302 -10.96 39.55 -5.25
N PRO A 303 -9.97 38.81 -4.75
CA PRO A 303 -8.71 38.64 -5.49
C PRO A 303 -8.83 37.67 -6.66
N TYR A 304 -9.75 37.97 -7.57
CA TYR A 304 -10.01 37.15 -8.74
C TYR A 304 -9.84 38.02 -9.99
N GLY A 305 -8.96 37.60 -10.88
CA GLY A 305 -8.63 38.39 -12.05
C GLY A 305 -7.59 39.45 -11.72
N PHE A 306 -7.01 40.01 -12.78
CA PHE A 306 -5.97 41.02 -12.59
C PHE A 306 -6.51 42.24 -11.86
N ALA A 307 -7.62 42.81 -12.34
CA ALA A 307 -8.18 43.99 -11.71
C ALA A 307 -8.65 43.69 -10.29
N GLY A 308 -9.29 42.54 -10.09
CA GLY A 308 -9.75 42.18 -8.76
C GLY A 308 -8.61 42.07 -7.77
N THR A 309 -7.55 41.37 -8.17
CA THR A 309 -6.39 41.25 -7.28
C THR A 309 -5.74 42.60 -7.04
N ASP A 310 -5.64 43.43 -8.08
CA ASP A 310 -5.09 44.77 -7.91
C ASP A 310 -5.86 45.53 -6.83
N ALA A 311 -7.18 45.60 -6.97
CA ALA A 311 -7.98 46.33 -6.00
C ALA A 311 -7.86 45.73 -4.62
N TRP A 312 -7.90 44.41 -4.52
CA TRP A 312 -7.83 43.75 -3.22
C TRP A 312 -6.52 44.06 -2.52
N LEU A 313 -5.40 43.90 -3.23
CA LEU A 313 -4.10 44.18 -2.62
C LEU A 313 -3.96 45.64 -2.25
N ARG A 314 -4.45 46.55 -3.11
CA ARG A 314 -4.34 47.96 -2.79
C ARG A 314 -5.16 48.31 -1.55
N GLU A 315 -6.34 47.71 -1.41
CA GLU A 315 -7.13 47.95 -0.19
C GLU A 315 -6.42 47.42 1.04
N ILE A 316 -5.85 46.20 0.94
CA ILE A 316 -5.10 45.67 2.09
C ILE A 316 -3.99 46.63 2.46
N ALA A 317 -3.23 47.09 1.46
CA ALA A 317 -2.10 47.96 1.72
C ALA A 317 -2.54 49.27 2.35
N ARG A 318 -3.63 49.85 1.85
CA ARG A 318 -4.13 51.10 2.43
C ARG A 318 -4.55 50.90 3.86
N VAL A 319 -5.23 49.80 4.16
CA VAL A 319 -5.70 49.57 5.53
C VAL A 319 -4.53 49.33 6.47
N THR A 320 -3.50 48.62 6.01
CA THR A 320 -2.35 48.29 6.85
C THR A 320 -1.14 49.15 6.53
N HIS A 321 -1.29 50.21 5.75
CA HIS A 321 -0.21 51.15 5.46
C HIS A 321 1.03 50.43 4.92
N ARG A 322 0.85 49.77 3.78
CA ARG A 322 1.94 49.10 3.10
C ARG A 322 1.85 49.33 1.60
N GLU A 323 1.58 50.59 1.21
CA GLU A 323 1.33 50.88 -0.20
C GLU A 323 2.55 50.59 -1.06
N GLU A 324 3.74 50.95 -0.59
CA GLU A 324 4.94 50.77 -1.41
C GLU A 324 5.16 49.30 -1.73
N GLN A 325 5.09 48.44 -0.71
CA GLN A 325 5.29 47.01 -0.92
C GLN A 325 4.21 46.45 -1.82
N ALA A 326 2.97 46.89 -1.64
CA ALA A 326 1.88 46.40 -2.48
C ALA A 326 2.10 46.76 -3.93
N GLU A 327 2.50 48.00 -4.21
CA GLU A 327 2.75 48.40 -5.60
C GLU A 327 3.91 47.62 -6.19
N ALA A 328 4.98 47.42 -5.41
CA ALA A 328 6.11 46.64 -5.91
C ALA A 328 5.66 45.23 -6.25
N TYR A 329 4.89 44.61 -5.37
CA TYR A 329 4.41 43.25 -5.61
C TYR A 329 3.51 43.20 -6.83
N ILE A 330 2.63 44.18 -6.99
CA ILE A 330 1.71 44.19 -8.13
C ILE A 330 2.49 44.30 -9.43
N ALA A 331 3.47 45.21 -9.48
CA ALA A 331 4.27 45.36 -10.68
C ALA A 331 5.02 44.07 -10.99
N ARG A 332 5.66 43.49 -9.98
CA ARG A 332 6.38 42.23 -10.18
C ARG A 332 5.46 41.16 -10.75
N GLU A 333 4.27 41.00 -10.16
CA GLU A 333 3.39 39.92 -10.55
C GLU A 333 2.80 40.16 -11.94
N HIS A 334 2.44 41.41 -12.25
CA HIS A 334 1.97 41.71 -13.59
C HIS A 334 3.03 41.35 -14.62
N ALA A 335 4.28 41.77 -14.38
CA ALA A 335 5.35 41.45 -15.31
C ALA A 335 5.55 39.95 -15.44
N ARG A 336 5.48 39.22 -14.32
CA ARG A 336 5.79 37.79 -14.34
C ARG A 336 4.67 36.99 -15.00
N VAL A 337 3.42 37.38 -14.78
CA VAL A 337 2.29 36.54 -15.16
C VAL A 337 1.75 36.91 -16.54
N LYS A 338 1.73 38.19 -16.89
CA LYS A 338 1.08 38.61 -18.13
C LYS A 338 1.59 37.85 -19.35
N PRO A 339 2.89 37.59 -19.50
CA PRO A 339 3.33 36.82 -20.68
C PRO A 339 2.69 35.44 -20.79
N GLN A 340 2.77 34.64 -19.72
CA GLN A 340 2.32 33.25 -19.81
C GLN A 340 0.82 33.16 -20.12
N LEU A 341 0.07 34.20 -19.78
CA LEU A 341 -1.36 34.19 -20.04
C LEU A 341 -1.67 34.09 -21.52
N GLU A 342 -0.77 34.59 -22.37
CA GLU A 342 -0.99 34.49 -23.81
C GLU A 342 -0.95 33.03 -24.28
N ALA A 343 0.08 32.29 -23.87
CA ALA A 343 0.14 30.88 -24.21
C ALA A 343 -1.04 30.13 -23.63
N LEU A 344 -1.41 30.44 -22.38
CA LEU A 344 -2.56 29.78 -21.78
C LEU A 344 -3.82 30.05 -22.58
N ARG A 345 -4.01 31.30 -23.02
CA ARG A 345 -5.18 31.64 -23.82
C ARG A 345 -5.20 30.84 -25.11
N GLU A 346 -4.05 30.73 -25.77
CA GLU A 346 -4.00 29.94 -27.01
C GLU A 346 -4.39 28.49 -26.74
N LYS A 347 -3.89 27.91 -25.65
CA LYS A 347 -4.19 26.52 -25.36
C LYS A 347 -5.67 26.34 -25.02
N LEU A 348 -6.28 27.29 -24.32
CA LEU A 348 -7.65 27.19 -23.87
C LEU A 348 -8.66 27.71 -24.89
N LYS A 349 -8.20 28.14 -26.07
CA LYS A 349 -9.10 28.71 -27.05
C LYS A 349 -10.16 27.71 -27.48
N GLY A 350 -11.41 28.16 -27.54
CA GLY A 350 -12.51 27.33 -27.95
C GLY A 350 -13.11 26.47 -26.86
N ILE A 351 -12.66 26.61 -25.63
CA ILE A 351 -13.15 25.79 -24.53
C ILE A 351 -14.39 26.45 -23.92
N LYS A 352 -15.45 25.69 -23.77
CA LYS A 352 -16.68 26.17 -23.15
C LYS A 352 -16.78 25.61 -21.73
N GLY A 353 -16.95 26.49 -20.76
CA GLY A 353 -17.06 26.11 -19.38
C GLY A 353 -18.48 26.23 -18.86
N PHE A 354 -18.62 25.96 -17.56
CA PHE A 354 -19.90 26.08 -16.89
C PHE A 354 -19.65 26.23 -15.40
N VAL A 355 -20.30 27.20 -14.78
CA VAL A 355 -20.12 27.50 -13.37
C VAL A 355 -21.49 27.49 -12.70
N SER A 356 -21.58 26.84 -11.54
CA SER A 356 -22.83 26.79 -10.78
C SER A 356 -22.45 26.79 -9.30
N THR A 357 -22.43 27.98 -8.70
CA THR A 357 -22.07 28.15 -7.31
C THR A 357 -22.72 29.44 -6.82
N GLY A 358 -22.49 29.76 -5.55
CA GLY A 358 -22.95 31.02 -5.00
C GLY A 358 -22.49 32.19 -5.86
N SER A 359 -23.39 33.15 -6.07
CA SER A 359 -23.08 34.24 -7.00
C SER A 359 -21.77 34.93 -6.65
N ALA A 360 -21.47 35.05 -5.35
CA ALA A 360 -20.23 35.71 -4.96
C ALA A 360 -19.01 34.92 -5.44
N TYR A 361 -18.97 33.62 -5.15
CA TYR A 361 -17.82 32.82 -5.58
C TYR A 361 -17.83 32.62 -7.09
N ALA A 362 -19.01 32.39 -7.67
CA ALA A 362 -19.09 32.20 -9.11
C ALA A 362 -18.60 33.42 -9.87
N HIS A 363 -18.81 34.61 -9.32
CA HIS A 363 -18.38 35.82 -10.01
C HIS A 363 -16.87 35.84 -10.20
N GLY A 364 -16.13 35.50 -9.15
CA GLY A 364 -14.68 35.52 -9.26
C GLY A 364 -14.17 34.48 -10.24
N MET A 365 -14.72 33.27 -10.18
CA MET A 365 -14.29 32.23 -11.12
C MET A 365 -14.62 32.61 -12.55
N ILE A 366 -15.78 33.21 -12.78
CA ILE A 366 -16.14 33.62 -14.14
C ILE A 366 -15.22 34.74 -14.61
N GLN A 367 -14.83 35.63 -13.70
CA GLN A 367 -13.88 36.67 -14.07
C GLN A 367 -12.54 36.08 -14.47
N VAL A 368 -12.05 35.11 -13.68
CA VAL A 368 -10.78 34.48 -14.02
C VAL A 368 -10.88 33.76 -15.35
N LEU A 369 -11.97 33.05 -15.58
CA LEU A 369 -12.14 32.35 -16.86
C LEU A 369 -12.16 33.35 -18.01
N ARG A 370 -12.89 34.45 -17.86
CA ARG A 370 -12.90 35.48 -18.89
C ARG A 370 -11.49 35.99 -19.15
N GLU A 371 -10.66 36.07 -18.12
CA GLU A 371 -9.26 36.43 -18.34
C GLU A 371 -8.57 35.42 -19.23
N LEU A 372 -8.83 34.13 -19.00
CA LEU A 372 -8.18 33.06 -19.76
C LEU A 372 -8.78 32.85 -21.15
N GLY A 373 -9.90 33.50 -21.46
CA GLY A 373 -10.55 33.32 -22.74
C GLY A 373 -11.53 32.19 -22.79
N VAL A 374 -11.79 31.51 -21.68
CA VAL A 374 -12.75 30.42 -21.67
C VAL A 374 -14.17 30.99 -21.73
N THR A 375 -15.05 30.30 -22.44
CA THR A 375 -16.43 30.71 -22.58
C THR A 375 -17.28 30.12 -21.46
N VAL A 376 -18.15 30.94 -20.90
CA VAL A 376 -19.05 30.54 -19.82
C VAL A 376 -20.47 30.85 -20.25
N ASP A 377 -21.35 29.86 -20.12
CA ASP A 377 -22.75 30.07 -20.50
C ASP A 377 -23.48 30.94 -19.47
N GLY A 378 -23.22 30.72 -18.19
CA GLY A 378 -23.88 31.47 -17.15
C GLY A 378 -24.12 30.59 -15.93
N SER A 379 -24.82 31.14 -14.97
CA SER A 379 -25.13 30.45 -13.72
C SER A 379 -26.63 30.25 -13.56
N GLN A 418 -30.91 16.33 -7.81
CA GLN A 418 -29.80 16.25 -8.74
C GLN A 418 -30.30 15.99 -10.16
N PHE A 419 -31.62 15.89 -10.33
CA PHE A 419 -32.19 15.73 -11.67
C PHE A 419 -32.14 17.04 -12.45
N GLN A 420 -32.38 18.17 -11.76
CA GLN A 420 -32.30 19.46 -12.43
C GLN A 420 -30.89 19.71 -12.94
N PHE A 421 -29.88 19.24 -12.20
CA PHE A 421 -28.51 19.33 -12.69
C PHE A 421 -28.33 18.52 -13.96
N TYR A 422 -28.93 17.33 -14.00
CA TYR A 422 -28.88 16.53 -15.22
C TYR A 422 -29.46 17.30 -16.40
N GLY A 423 -30.62 17.91 -16.21
CA GLY A 423 -31.23 18.68 -17.29
C GLY A 423 -30.35 19.85 -17.70
N LEU A 424 -29.77 20.56 -16.74
CA LEU A 424 -28.92 21.69 -17.05
C LEU A 424 -27.70 21.24 -17.87
N LEU A 425 -27.05 20.16 -17.43
CA LEU A 425 -25.88 19.67 -18.14
C LEU A 425 -26.22 19.24 -19.54
N GLN A 426 -27.36 18.55 -19.72
CA GLN A 426 -27.78 18.17 -21.06
C GLN A 426 -28.00 19.41 -21.93
N ARG A 427 -28.63 20.43 -21.36
CA ARG A 427 -28.88 21.66 -22.13
C ARG A 427 -27.57 22.30 -22.56
N VAL A 428 -26.62 22.43 -21.65
CA VAL A 428 -25.41 23.21 -21.91
C VAL A 428 -24.32 22.37 -22.57
N LYS A 429 -24.10 21.16 -22.10
CA LYS A 429 -23.04 20.29 -22.63
C LYS A 429 -21.69 21.01 -22.57
N PRO A 430 -21.25 21.44 -21.39
CA PRO A 430 -19.96 22.10 -21.28
C PRO A 430 -18.80 21.13 -21.35
N ASP A 431 -17.64 21.66 -21.74
CA ASP A 431 -16.42 20.86 -21.69
C ASP A 431 -16.05 20.50 -20.26
N PHE A 432 -16.26 21.43 -19.33
CA PHE A 432 -15.97 21.20 -17.93
C PHE A 432 -16.95 22.02 -17.10
N ILE A 433 -17.08 21.65 -15.83
CA ILE A 433 -17.93 22.36 -14.90
C ILE A 433 -17.12 22.76 -13.69
N ILE A 434 -17.56 23.82 -13.01
CA ILE A 434 -17.00 24.24 -11.74
C ILE A 434 -18.12 24.20 -10.72
N ILE A 435 -17.94 23.42 -9.66
CA ILE A 435 -18.93 23.25 -8.63
C ILE A 435 -18.24 23.27 -7.27
N ARG A 436 -19.05 23.50 -6.22
CA ARG A 436 -18.54 23.53 -4.86
C ARG A 436 -19.40 22.70 -3.91
N HIS A 437 -20.31 21.89 -4.44
CA HIS A 437 -21.21 21.08 -3.62
C HIS A 437 -21.04 19.61 -3.98
N ASN A 438 -21.15 18.75 -2.97
CA ASN A 438 -20.97 17.33 -3.17
C ASN A 438 -22.13 16.74 -3.96
N GLY A 439 -21.84 15.64 -4.67
CA GLY A 439 -22.84 14.91 -5.41
C GLY A 439 -23.06 15.42 -6.82
N LEU A 440 -22.65 16.65 -7.12
CA LEU A 440 -22.81 17.16 -8.48
C LEU A 440 -21.79 16.54 -9.42
N ALA A 441 -20.53 16.46 -8.98
CA ALA A 441 -19.47 15.98 -9.86
C ALA A 441 -19.70 14.55 -10.33
N PRO A 442 -20.03 13.59 -9.47
CA PRO A 442 -20.22 12.22 -9.97
C PRO A 442 -21.29 12.11 -11.04
N LEU A 443 -22.37 12.89 -10.92
CA LEU A 443 -23.40 12.87 -11.95
C LEU A 443 -22.86 13.44 -13.26
N ALA A 444 -22.13 14.55 -13.19
CA ALA A 444 -21.53 15.11 -14.39
C ALA A 444 -20.52 14.16 -15.01
N SER A 445 -19.82 13.40 -14.16
CA SER A 445 -18.85 12.43 -14.68
C SER A 445 -19.54 11.37 -15.53
N ARG A 446 -20.71 10.90 -15.09
CA ARG A 446 -21.44 9.91 -15.85
C ARG A 446 -21.99 10.45 -17.16
N LEU A 447 -21.99 11.77 -17.34
CA LEU A 447 -22.33 12.38 -18.62
C LEU A 447 -21.09 12.69 -19.45
N GLY A 448 -19.90 12.40 -18.93
CA GLY A 448 -18.68 12.64 -19.66
C GLY A 448 -18.09 14.02 -19.49
N ILE A 449 -18.47 14.74 -18.44
CA ILE A 449 -18.03 16.11 -18.22
C ILE A 449 -17.13 16.13 -16.98
N PRO A 450 -15.83 16.42 -17.11
CA PRO A 450 -15.00 16.57 -15.92
C PRO A 450 -15.35 17.84 -15.15
N ALA A 451 -15.05 17.80 -13.86
CA ALA A 451 -15.31 18.93 -12.96
C ALA A 451 -14.00 19.38 -12.32
N ILE A 452 -13.90 20.69 -12.09
CA ILE A 452 -12.73 21.23 -11.42
C ILE A 452 -12.84 20.93 -9.94
N PRO A 453 -11.88 20.21 -9.34
CA PRO A 453 -11.99 19.86 -7.91
C PRO A 453 -11.68 21.06 -7.03
N LEU A 454 -12.72 21.61 -6.42
CA LEU A 454 -12.58 22.81 -5.59
C LEU A 454 -12.50 22.46 -4.11
N GLY A 455 -11.84 21.35 -3.77
CA GLY A 455 -11.50 21.12 -2.38
C GLY A 455 -10.62 22.21 -1.83
N ASP A 456 -9.69 22.70 -2.64
CA ASP A 456 -8.89 23.89 -2.33
C ASP A 456 -9.52 25.05 -3.09
N GLU A 457 -10.36 25.82 -2.41
CA GLU A 457 -11.00 26.98 -3.02
C GLU A 457 -10.01 28.07 -3.38
N HIS A 458 -8.78 27.99 -2.87
CA HIS A 458 -7.74 28.97 -3.15
C HIS A 458 -7.08 28.75 -4.51
N ILE A 459 -7.67 27.93 -5.38
CA ILE A 459 -7.00 27.55 -6.62
C ILE A 459 -6.81 28.77 -7.51
N ALA A 460 -7.83 29.61 -7.64
CA ALA A 460 -7.84 30.70 -8.60
C ALA A 460 -7.61 32.07 -7.98
N VAL A 461 -7.14 32.12 -6.74
CA VAL A 461 -6.98 33.40 -6.04
C VAL A 461 -5.64 34.01 -6.44
N GLY A 462 -5.66 35.29 -6.79
CA GLY A 462 -4.43 36.03 -7.03
C GLY A 462 -3.95 35.95 -8.46
N TYR A 463 -2.75 36.49 -8.67
CA TYR A 463 -2.15 36.48 -10.01
C TYR A 463 -1.76 35.06 -10.41
N GLN A 464 -1.09 34.33 -9.52
CA GLN A 464 -0.76 32.95 -9.79
C GLN A 464 -2.02 32.09 -9.92
N GLY A 465 -3.12 32.53 -9.32
CA GLY A 465 -4.36 31.78 -9.43
C GLY A 465 -4.86 31.69 -10.85
N ILE A 466 -4.61 32.72 -11.65
CA ILE A 466 -5.04 32.68 -13.05
C ILE A 466 -4.37 31.50 -13.76
N LEU A 467 -3.05 31.39 -13.62
CA LEU A 467 -2.34 30.29 -14.27
C LEU A 467 -2.70 28.96 -13.64
N ASN A 468 -2.91 28.93 -12.33
CA ASN A 468 -3.29 27.68 -11.68
C ASN A 468 -4.61 27.16 -12.23
N LEU A 469 -5.61 28.04 -12.33
CA LEU A 469 -6.90 27.63 -12.88
C LEU A 469 -6.77 27.26 -14.35
N GLY A 470 -5.96 27.99 -15.10
CA GLY A 470 -5.80 27.65 -16.51
C GLY A 470 -5.26 26.24 -16.70
N GLU A 471 -4.18 25.91 -15.99
CA GLU A 471 -3.60 24.60 -16.23
C GLU A 471 -4.38 23.51 -15.50
N SER A 472 -5.18 23.86 -14.49
CA SER A 472 -6.14 22.89 -13.94
C SER A 472 -7.21 22.55 -14.96
N ILE A 473 -7.70 23.56 -15.69
CA ILE A 473 -8.65 23.31 -16.75
C ILE A 473 -8.03 22.43 -17.81
N LEU A 474 -6.79 22.72 -18.19
CA LEU A 474 -6.11 21.88 -19.16
C LEU A 474 -5.94 20.45 -18.63
N ASP A 475 -5.74 20.29 -17.33
CA ASP A 475 -5.63 18.95 -16.75
C ASP A 475 -6.95 18.20 -16.84
N VAL A 476 -8.04 18.82 -16.41
CA VAL A 476 -9.32 18.12 -16.42
C VAL A 476 -9.82 17.90 -17.84
N LEU A 477 -9.33 18.67 -18.81
CA LEU A 477 -9.66 18.37 -20.19
C LEU A 477 -9.00 17.07 -20.64
N ALA A 478 -7.78 16.80 -20.15
CA ALA A 478 -7.15 15.52 -20.44
C ALA A 478 -7.92 14.38 -19.80
N HIS A 479 -8.39 14.56 -18.57
CA HIS A 479 -9.10 13.51 -17.87
C HIS A 479 -10.45 13.20 -18.49
N ARG A 480 -10.90 14.03 -19.43
CA ARG A 480 -12.14 13.75 -20.14
C ARG A 480 -12.21 12.32 -20.65
N LYS A 481 -11.06 11.71 -20.91
CA LYS A 481 -11.04 10.35 -21.44
C LYS A 481 -11.71 9.38 -20.49
N PHE A 482 -11.43 9.49 -19.19
CA PHE A 482 -12.05 8.61 -18.20
C PHE A 482 -13.56 8.81 -18.17
N HIS A 483 -14.00 10.07 -18.10
CA HIS A 483 -15.41 10.35 -17.95
C HIS A 483 -16.19 9.92 -19.18
N GLU A 484 -15.61 10.07 -20.37
CA GLU A 484 -16.30 9.64 -21.58
C GLU A 484 -16.46 8.13 -21.61
N ASP A 485 -15.44 7.38 -21.16
CA ASP A 485 -15.57 5.94 -21.06
C ASP A 485 -16.68 5.56 -20.08
N ILE A 486 -16.69 6.19 -18.91
CA ILE A 486 -17.73 5.92 -17.93
C ILE A 486 -19.10 6.21 -18.52
N ALA A 487 -19.25 7.36 -19.19
CA ALA A 487 -20.53 7.71 -19.79
C ALA A 487 -20.94 6.67 -20.82
N ALA A 488 -19.98 6.16 -21.58
CA ALA A 488 -20.31 5.16 -22.59
C ALA A 488 -20.82 3.88 -21.95
N HIS A 489 -20.25 3.48 -20.82
CA HIS A 489 -20.49 2.15 -20.28
C HIS A 489 -21.33 2.13 -19.02
N VAL A 490 -22.13 3.15 -18.77
CA VAL A 490 -23.00 3.17 -17.60
C VAL A 490 -24.40 3.59 -18.03
N ARG A 491 -25.39 3.13 -17.26
CA ARG A 491 -26.77 3.55 -17.43
C ARG A 491 -27.20 4.31 -16.20
N LEU A 492 -27.77 5.48 -16.40
CA LEU A 492 -28.21 6.30 -15.29
C LEU A 492 -29.55 5.79 -14.77
N PRO A 493 -29.85 6.03 -13.49
CA PRO A 493 -31.06 5.46 -12.89
C PRO A 493 -32.35 6.19 -13.24
N TYR A 494 -32.32 7.15 -14.16
CA TYR A 494 -33.49 7.95 -14.48
C TYR A 494 -34.29 7.29 -15.59
N ARG A 495 -35.61 7.27 -15.42
CA ARG A 495 -36.49 6.72 -16.43
C ARG A 495 -36.43 7.55 -17.71
N GLN A 496 -36.62 6.88 -18.84
CA GLN A 496 -36.48 7.55 -20.13
C GLN A 496 -37.47 8.71 -20.24
N ASP A 497 -38.70 8.51 -19.79
CA ASP A 497 -39.72 9.57 -19.95
C ASP A 497 -39.32 10.82 -19.19
N TRP A 498 -38.81 10.66 -17.96
CA TRP A 498 -38.39 11.83 -17.20
C TRP A 498 -37.30 12.61 -17.92
N LEU A 499 -36.51 11.94 -18.76
CA LEU A 499 -35.45 12.62 -19.50
C LEU A 499 -36.01 13.67 -20.46
N ALA A 500 -37.28 13.55 -20.84
CA ALA A 500 -37.90 14.47 -21.79
C ALA A 500 -38.56 15.67 -21.10
N ARG A 501 -38.08 16.04 -19.92
CA ARG A 501 -38.64 17.16 -19.17
C ARG A 501 -37.51 18.04 -18.67
N ASP A 502 -37.82 19.32 -18.48
CA ASP A 502 -36.83 20.30 -18.02
C ASP A 502 -36.69 20.25 -16.50
N GLN B 77 33.60 -10.49 0.19
CA GLN B 77 32.16 -10.66 0.27
C GLN B 77 31.52 -9.45 0.96
N MET B 78 31.97 -9.15 2.18
CA MET B 78 31.47 -8.00 2.91
C MET B 78 32.19 -6.71 2.53
N VAL B 79 33.25 -6.78 1.74
CA VAL B 79 34.02 -5.59 1.40
C VAL B 79 33.16 -4.59 0.67
N GLU B 80 32.37 -5.05 -0.30
CA GLU B 80 31.62 -4.12 -1.14
C GLU B 80 30.53 -3.43 -0.35
N CYS B 81 29.79 -4.16 0.48
CA CYS B 81 28.75 -3.54 1.30
C CYS B 81 29.37 -2.61 2.34
N GLN B 82 30.49 -3.00 2.93
CA GLN B 82 31.15 -2.13 3.91
C GLN B 82 31.57 -0.82 3.26
N ALA B 83 32.18 -0.89 2.07
CA ALA B 83 32.65 0.31 1.40
C ALA B 83 31.49 1.17 0.94
N GLY B 84 30.41 0.55 0.45
CA GLY B 84 29.26 1.30 0.00
C GLY B 84 28.38 1.83 1.11
N ASN B 85 28.54 1.31 2.33
CA ASN B 85 27.74 1.74 3.47
C ASN B 85 28.36 2.90 4.21
N VAL B 86 29.50 3.41 3.76
CA VAL B 86 30.12 4.58 4.38
C VAL B 86 29.46 5.82 3.80
N ARG B 87 28.78 6.58 4.65
CA ARG B 87 28.11 7.79 4.19
C ARG B 87 29.14 8.85 3.82
N GLY B 88 28.79 9.65 2.81
CA GLY B 88 29.71 10.64 2.31
C GLY B 88 30.79 10.11 1.39
N ALA B 89 30.77 8.81 1.09
CA ALA B 89 31.71 8.19 0.17
C ALA B 89 30.94 7.58 -0.99
N VAL B 90 31.67 7.30 -2.07
CA VAL B 90 31.10 6.70 -3.26
C VAL B 90 31.93 5.48 -3.62
N LEU B 91 31.26 4.36 -3.87
CA LEU B 91 31.92 3.12 -4.27
C LEU B 91 31.80 2.94 -5.76
N VAL B 92 32.91 2.72 -6.43
CA VAL B 92 32.96 2.50 -7.87
C VAL B 92 33.20 1.01 -8.10
N GLN B 93 32.29 0.37 -8.82
CA GLN B 93 32.41 -1.04 -9.16
C GLN B 93 32.99 -1.15 -10.56
N HIS B 94 34.29 -1.39 -10.64
CA HIS B 94 34.97 -1.55 -11.93
C HIS B 94 34.74 -2.97 -12.41
N SER B 95 33.67 -3.16 -13.18
CA SER B 95 33.30 -4.48 -13.64
C SER B 95 32.10 -4.38 -14.58
N PRO B 96 31.72 -5.44 -15.27
CA PRO B 96 30.51 -5.39 -16.10
C PRO B 96 29.28 -5.10 -15.25
N ILE B 97 28.21 -4.71 -15.93
CA ILE B 97 26.99 -4.30 -15.22
C ILE B 97 26.48 -5.43 -14.35
N GLY B 98 26.78 -6.67 -14.69
CA GLY B 98 26.26 -7.80 -13.92
C GLY B 98 26.75 -7.81 -12.49
N CYS B 99 28.03 -7.52 -12.29
CA CYS B 99 28.60 -7.56 -10.95
C CYS B 99 28.06 -6.45 -10.06
N GLY B 100 27.34 -5.49 -10.63
CA GLY B 100 26.67 -4.46 -9.86
C GLY B 100 25.30 -4.86 -9.36
N ALA B 101 24.89 -6.10 -9.57
CA ALA B 101 23.56 -6.53 -9.11
C ALA B 101 23.41 -6.38 -7.60
N GLY B 102 24.51 -6.50 -6.86
CA GLY B 102 24.44 -6.35 -5.42
C GLY B 102 24.01 -4.97 -4.96
N GLN B 103 24.00 -3.99 -5.85
CA GLN B 103 23.58 -2.65 -5.49
C GLN B 103 22.20 -2.65 -4.86
N VAL B 104 21.32 -3.54 -5.32
CA VAL B 104 19.97 -3.60 -4.76
C VAL B 104 20.01 -4.16 -3.34
N ILE B 105 20.78 -5.23 -3.13
CA ILE B 105 20.91 -5.81 -1.80
C ILE B 105 21.53 -4.80 -0.85
N TYR B 106 22.62 -4.17 -1.29
CA TYR B 106 23.30 -3.18 -0.46
C TYR B 106 22.38 -2.01 -0.19
N ASN B 107 21.62 -1.57 -1.18
CA ASN B 107 20.71 -0.45 -0.97
C ASN B 107 19.66 -0.79 0.08
N SER B 108 19.09 -1.99 0.00
CA SER B 108 18.08 -2.37 0.98
C SER B 108 18.68 -2.42 2.38
N ILE B 109 19.85 -3.04 2.52
CA ILE B 109 20.49 -3.13 3.83
C ILE B 109 20.82 -1.73 4.35
N PHE B 110 21.32 -0.87 3.47
CA PHE B 110 21.71 0.47 3.85
C PHE B 110 20.51 1.27 4.34
N ARG B 111 19.41 1.22 3.59
CA ARG B 111 18.21 1.96 3.99
C ARG B 111 17.66 1.44 5.31
N ASN B 112 17.64 0.11 5.48
CA ASN B 112 17.11 -0.45 6.72
C ASN B 112 18.01 -0.10 7.90
N GLY B 113 19.32 -0.12 7.71
CA GLY B 113 20.22 0.30 8.77
C GLY B 113 20.04 1.76 9.14
N LEU B 114 19.86 2.62 8.13
CA LEU B 114 19.60 4.03 8.42
C LEU B 114 18.31 4.20 9.20
N ALA B 115 17.26 3.48 8.81
CA ALA B 115 16.00 3.59 9.52
C ALA B 115 16.13 3.10 10.96
N ILE B 116 16.81 1.97 11.17
CA ILE B 116 16.98 1.44 12.52
C ILE B 116 17.76 2.42 13.38
N ARG B 117 18.84 2.98 12.85
CA ARG B 117 19.69 3.87 13.62
C ARG B 117 19.08 5.26 13.79
N GLY B 118 17.94 5.53 13.17
CA GLY B 118 17.29 6.81 13.30
C GLY B 118 17.80 7.89 12.37
N LEU B 119 18.81 7.60 11.57
CA LEU B 119 19.36 8.56 10.64
C LEU B 119 18.43 8.76 9.45
N PRO B 120 18.56 9.87 8.72
CA PRO B 120 17.72 10.06 7.53
C PRO B 120 17.96 8.94 6.52
N VAL B 121 16.88 8.51 5.88
CA VAL B 121 16.89 7.36 5.00
C VAL B 121 17.05 7.84 3.56
N GLU B 122 17.96 7.21 2.82
CA GLU B 122 18.18 7.55 1.43
C GLU B 122 18.88 6.39 0.74
N ASN B 123 18.79 6.39 -0.59
CA ASN B 123 19.48 5.38 -1.37
C ASN B 123 20.98 5.64 -1.38
N LEU B 124 21.76 4.56 -1.48
CA LEU B 124 23.19 4.69 -1.68
C LEU B 124 23.48 4.78 -3.17
N HIS B 125 24.57 5.46 -3.51
CA HIS B 125 24.93 5.74 -4.89
C HIS B 125 26.19 4.95 -5.22
N LEU B 126 26.02 3.80 -5.85
CA LEU B 126 27.10 2.97 -6.33
C LEU B 126 27.17 3.09 -7.84
N ILE B 127 28.36 3.39 -8.36
CA ILE B 127 28.58 3.59 -9.78
C ILE B 127 29.35 2.41 -10.33
N SER B 128 28.89 1.87 -11.45
CA SER B 128 29.55 0.78 -12.15
C SER B 128 30.21 1.32 -13.41
N THR B 129 31.43 0.87 -13.69
CA THR B 129 32.10 1.26 -14.91
C THR B 129 31.44 0.64 -16.14
N ASN B 130 30.62 -0.38 -15.96
CA ASN B 130 29.82 -0.96 -17.03
C ASN B 130 30.72 -1.42 -18.18
N LEU B 131 31.61 -2.35 -17.87
CA LEU B 131 32.52 -2.89 -18.87
C LEU B 131 31.75 -3.75 -19.86
N ARG B 132 32.22 -3.75 -21.10
CA ARG B 132 31.56 -4.47 -22.19
C ARG B 132 32.58 -5.37 -22.87
N GLU B 133 32.18 -5.95 -24.00
CA GLU B 133 33.08 -6.83 -24.75
C GLU B 133 34.42 -6.16 -25.02
N ARG B 134 34.39 -4.89 -25.41
CA ARG B 134 35.62 -4.22 -25.82
C ARG B 134 36.63 -4.18 -24.68
N ASP B 135 36.18 -3.89 -23.46
CA ASP B 135 37.09 -3.78 -22.33
C ASP B 135 37.70 -5.12 -21.94
N MET B 136 37.17 -6.23 -22.43
CA MET B 136 37.71 -7.54 -22.09
C MET B 136 38.97 -7.87 -22.87
N VAL B 137 39.26 -7.14 -23.95
CA VAL B 137 40.47 -7.35 -24.73
C VAL B 137 41.38 -6.12 -24.74
N TYR B 138 40.88 -4.95 -24.36
CA TYR B 138 41.67 -3.73 -24.31
C TYR B 138 41.97 -3.31 -22.88
N GLY B 139 40.95 -3.22 -22.03
CA GLY B 139 41.11 -2.73 -20.68
C GLY B 139 40.06 -1.68 -20.36
N GLY B 140 39.77 -1.49 -19.07
CA GLY B 140 38.75 -0.55 -18.67
C GLY B 140 39.28 0.67 -17.95
N LEU B 141 40.58 0.93 -18.10
CA LEU B 141 41.18 2.04 -17.37
C LEU B 141 40.57 3.38 -17.78
N ASP B 142 40.37 3.59 -19.07
CA ASP B 142 39.71 4.82 -19.51
C ASP B 142 38.30 4.90 -18.98
N LYS B 143 37.55 3.80 -19.04
CA LYS B 143 36.21 3.79 -18.48
C LYS B 143 36.26 3.94 -16.97
N LEU B 144 37.27 3.35 -16.32
CA LEU B 144 37.39 3.51 -14.87
C LEU B 144 37.61 4.97 -14.49
N GLU B 145 38.52 5.65 -15.20
CA GLU B 145 38.75 7.06 -14.93
C GLU B 145 37.51 7.89 -15.21
N ARG B 146 36.82 7.58 -16.30
CA ARG B 146 35.58 8.30 -16.60
C ARG B 146 34.57 8.12 -15.49
N THR B 147 34.43 6.91 -14.96
CA THR B 147 33.47 6.64 -13.90
C THR B 147 33.86 7.36 -12.62
N ILE B 148 35.16 7.40 -12.29
CA ILE B 148 35.59 8.09 -11.09
C ILE B 148 35.33 9.59 -11.22
N ARG B 149 35.61 10.16 -12.39
CA ARG B 149 35.30 11.56 -12.62
C ARG B 149 33.80 11.82 -12.51
N ASP B 150 33.00 10.88 -13.03
CA ASP B 150 31.56 11.02 -12.90
C ASP B 150 31.12 11.01 -11.45
N ALA B 151 31.68 10.09 -10.65
CA ALA B 151 31.34 10.05 -9.24
C ALA B 151 31.69 11.38 -8.57
N TRP B 152 32.89 11.88 -8.84
CA TRP B 152 33.32 13.13 -8.22
C TRP B 152 32.39 14.27 -8.61
N GLU B 153 32.06 14.38 -9.90
CA GLU B 153 31.24 15.50 -10.36
C GLU B 153 29.81 15.38 -9.85
N ARG B 154 29.26 14.18 -9.83
CA ARG B 154 27.86 14.01 -9.45
C ARG B 154 27.67 14.21 -7.96
N HIS B 155 28.53 13.63 -7.13
CA HIS B 155 28.31 13.60 -5.70
C HIS B 155 29.31 14.41 -4.89
N HIS B 156 30.49 14.71 -5.42
CA HIS B 156 31.54 15.37 -4.68
C HIS B 156 31.73 14.67 -3.33
N PRO B 157 32.15 13.41 -3.34
CA PRO B 157 32.24 12.65 -2.08
C PRO B 157 33.48 13.05 -1.28
N GLN B 158 33.52 12.54 -0.05
CA GLN B 158 34.69 12.68 0.79
C GLN B 158 35.68 11.55 0.62
N ALA B 159 35.35 10.53 -0.17
CA ALA B 159 36.22 9.40 -0.43
C ALA B 159 35.60 8.55 -1.52
N ILE B 160 36.45 7.91 -2.32
CA ILE B 160 36.00 7.07 -3.41
C ILE B 160 36.70 5.72 -3.30
N PHE B 161 35.92 4.65 -3.19
CA PHE B 161 36.43 3.30 -3.19
C PHE B 161 36.26 2.68 -4.57
N ILE B 162 37.07 1.66 -4.86
CA ILE B 162 37.04 0.99 -6.15
C ILE B 162 37.05 -0.51 -5.92
N ALA B 163 36.14 -1.22 -6.58
CA ALA B 163 36.02 -2.66 -6.47
C ALA B 163 36.40 -3.31 -7.79
N THR B 164 36.61 -4.63 -7.75
CA THR B 164 37.13 -5.36 -8.91
C THR B 164 36.70 -6.81 -8.81
N SER B 165 35.79 -7.22 -9.70
CA SER B 165 35.30 -8.59 -9.72
C SER B 165 36.25 -9.49 -10.53
N CYS B 166 35.84 -10.73 -10.78
CA CYS B 166 36.63 -11.67 -11.58
C CYS B 166 36.87 -11.19 -13.01
N PRO B 167 35.84 -10.78 -13.76
CA PRO B 167 36.07 -10.42 -15.16
C PRO B 167 37.09 -9.31 -15.33
N THR B 168 37.06 -8.30 -14.46
CA THR B 168 38.01 -7.21 -14.55
C THR B 168 39.35 -7.55 -13.91
N ALA B 169 39.37 -8.50 -12.98
CA ALA B 169 40.64 -8.93 -12.40
C ALA B 169 41.43 -9.79 -13.37
N ILE B 170 40.73 -10.57 -14.19
CA ILE B 170 41.40 -11.44 -15.15
C ILE B 170 42.13 -10.61 -16.19
N ILE B 171 41.48 -9.58 -16.72
CA ILE B 171 42.15 -8.70 -17.69
C ILE B 171 43.27 -7.90 -17.06
N GLY B 172 43.35 -7.86 -15.73
CA GLY B 172 44.49 -7.30 -15.05
C GLY B 172 44.72 -5.83 -15.30
N ASP B 173 43.66 -5.03 -15.21
CA ASP B 173 43.82 -3.58 -15.32
C ASP B 173 44.57 -3.04 -14.11
N ASP B 174 45.30 -1.95 -14.31
CA ASP B 174 46.10 -1.32 -13.26
C ASP B 174 45.28 -0.19 -12.65
N ILE B 175 44.57 -0.49 -11.57
CA ILE B 175 43.73 0.49 -10.92
C ILE B 175 44.55 1.43 -10.04
N GLU B 176 45.71 1.00 -9.56
CA GLU B 176 46.49 1.80 -8.61
C GLU B 176 46.92 3.13 -9.22
N SER B 177 47.38 3.10 -10.47
CA SER B 177 47.88 4.31 -11.11
C SER B 177 46.77 5.35 -11.26
N VAL B 178 45.63 4.93 -11.81
CA VAL B 178 44.51 5.85 -11.98
C VAL B 178 44.02 6.34 -10.63
N ALA B 179 43.97 5.46 -9.64
CA ALA B 179 43.54 5.86 -8.31
C ALA B 179 44.43 6.96 -7.75
N SER B 180 45.74 6.76 -7.83
CA SER B 180 46.67 7.77 -7.31
C SER B 180 46.55 9.07 -8.08
N GLN B 181 46.46 8.99 -9.40
CA GLN B 181 46.38 10.20 -10.22
C GLN B 181 45.14 11.01 -9.87
N LEU B 182 43.97 10.35 -9.85
CA LEU B 182 42.74 11.08 -9.56
C LEU B 182 42.67 11.52 -8.11
N GLU B 183 43.31 10.78 -7.20
CA GLU B 183 43.40 11.21 -5.82
C GLU B 183 44.16 12.53 -5.73
N ALA B 184 45.29 12.62 -6.44
CA ALA B 184 46.04 13.87 -6.48
C ALA B 184 45.21 14.98 -7.10
N GLU B 185 44.49 14.68 -8.18
CA GLU B 185 43.74 15.71 -8.88
C GLU B 185 42.60 16.27 -8.03
N PHE B 186 41.86 15.40 -7.35
CA PHE B 186 40.65 15.82 -6.65
C PHE B 186 40.92 16.27 -5.21
N GLY B 187 41.98 15.78 -4.58
CA GLY B 187 42.25 16.13 -3.21
C GLY B 187 41.45 15.37 -2.18
N ILE B 188 40.86 14.25 -2.56
CA ILE B 188 40.16 13.37 -1.62
C ILE B 188 40.69 11.96 -1.82
N PRO B 189 40.68 11.10 -0.81
CA PRO B 189 41.23 9.75 -0.99
C PRO B 189 40.47 9.00 -2.07
N VAL B 190 41.21 8.25 -2.87
CA VAL B 190 40.66 7.33 -3.85
C VAL B 190 41.24 5.96 -3.52
N ILE B 191 40.44 5.10 -2.92
CA ILE B 191 40.92 3.90 -2.25
C ILE B 191 40.62 2.68 -3.10
N PRO B 192 41.60 2.10 -3.78
CA PRO B 192 41.37 0.82 -4.47
C PRO B 192 41.35 -0.33 -3.47
N LEU B 193 40.27 -1.11 -3.51
CA LEU B 193 40.12 -2.26 -2.63
C LEU B 193 40.71 -3.50 -3.28
N HIS B 194 41.35 -4.34 -2.47
CA HIS B 194 42.06 -5.53 -2.96
C HIS B 194 41.22 -6.79 -2.78
N CYS B 195 39.90 -6.68 -2.94
CA CYS B 195 39.02 -7.84 -2.83
C CYS B 195 39.28 -8.82 -3.97
N PHE B 207 41.67 -10.08 7.87
CA PHE B 207 41.95 -9.01 6.92
C PHE B 207 40.68 -8.58 6.20
N ASP B 208 40.61 -7.29 5.86
CA ASP B 208 39.46 -6.75 5.13
C ASP B 208 39.94 -5.58 4.31
N ALA B 209 39.63 -5.61 3.00
CA ALA B 209 40.15 -4.58 2.10
C ALA B 209 39.62 -3.21 2.47
N THR B 210 38.31 -3.11 2.77
CA THR B 210 37.74 -1.81 3.10
C THR B 210 38.35 -1.24 4.37
N GLN B 211 38.49 -2.07 5.40
CA GLN B 211 39.08 -1.60 6.65
C GLN B 211 40.54 -1.20 6.44
N HIS B 212 41.28 -1.99 5.68
CA HIS B 212 42.67 -1.65 5.40
C HIS B 212 42.77 -0.31 4.67
N GLY B 213 41.92 -0.09 3.67
CA GLY B 213 41.95 1.17 2.95
C GLY B 213 41.57 2.34 3.83
N ILE B 214 40.55 2.16 4.68
CA ILE B 214 40.14 3.22 5.59
C ILE B 214 41.29 3.60 6.51
N LEU B 215 41.95 2.59 7.10
CA LEU B 215 43.08 2.88 7.97
C LEU B 215 44.21 3.57 7.21
N ARG B 216 44.48 3.10 5.99
CA ARG B 216 45.63 3.61 5.25
C ARG B 216 45.42 5.05 4.81
N GLN B 217 44.20 5.41 4.40
CA GLN B 217 43.98 6.66 3.69
C GLN B 217 42.95 7.60 4.32
N ILE B 218 42.09 7.12 5.21
CA ILE B 218 41.05 7.95 5.81
C ILE B 218 41.34 8.24 7.28
N VAL B 219 41.83 7.24 8.01
CA VAL B 219 42.08 7.42 9.44
C VAL B 219 43.18 8.46 9.63
N ARG B 220 42.92 9.45 10.48
CA ARG B 220 43.91 10.49 10.73
C ARG B 220 45.14 9.92 11.42
N LYS B 221 46.27 10.58 11.21
CA LYS B 221 47.53 10.23 11.83
C LYS B 221 47.97 11.34 12.77
N ASN B 222 48.43 10.96 13.95
CA ASN B 222 48.87 11.91 14.98
C ASN B 222 47.81 12.99 15.20
N PRO B 223 46.57 12.61 15.48
CA PRO B 223 45.52 13.63 15.67
C PRO B 223 45.84 14.52 16.86
N GLU B 224 45.50 15.80 16.74
CA GLU B 224 45.66 16.71 17.85
C GLU B 224 44.76 16.32 19.02
N ARG B 225 43.53 15.92 18.71
CA ARG B 225 42.55 15.59 19.75
C ARG B 225 42.74 14.15 20.22
N LYS B 226 42.21 13.88 21.41
CA LYS B 226 42.16 12.52 21.96
C LYS B 226 40.88 12.46 22.80
N GLN B 227 39.80 12.00 22.19
CA GLN B 227 38.50 11.97 22.84
C GLN B 227 38.50 10.85 23.87
N GLU B 228 38.74 11.22 25.13
CA GLU B 228 38.84 10.24 26.20
C GLU B 228 37.53 9.50 26.44
N ASP B 229 36.39 10.09 26.07
CA ASP B 229 35.09 9.49 26.26
C ASP B 229 34.54 8.87 24.99
N LEU B 230 35.38 8.65 23.99
CA LEU B 230 34.97 8.06 22.72
C LEU B 230 35.54 6.65 22.61
N VAL B 231 34.69 5.70 22.24
CA VAL B 231 35.08 4.31 22.06
C VAL B 231 34.60 3.86 20.69
N ASN B 232 35.48 3.22 19.94
CA ASN B 232 35.10 2.68 18.64
C ASN B 232 34.45 1.33 18.81
N VAL B 233 33.27 1.15 18.21
CA VAL B 233 32.53 -0.09 18.25
C VAL B 233 32.41 -0.60 16.82
N ILE B 234 33.01 -1.75 16.54
CA ILE B 234 32.93 -2.37 15.23
C ILE B 234 31.68 -3.23 15.18
N ASN B 235 30.86 -3.02 14.14
CA ASN B 235 29.66 -3.82 13.93
C ASN B 235 29.35 -3.82 12.44
N LEU B 236 28.63 -4.85 11.99
CA LEU B 236 28.31 -4.93 10.57
C LEU B 236 27.12 -4.05 10.25
N TRP B 237 25.93 -4.45 10.69
CA TRP B 237 24.74 -3.60 10.63
C TRP B 237 24.24 -3.29 12.02
N GLY B 238 23.95 -4.32 12.81
CA GLY B 238 23.58 -4.17 14.21
C GLY B 238 22.51 -3.15 14.48
N SER B 239 22.35 -2.80 15.75
CA SER B 239 21.45 -1.75 16.19
C SER B 239 22.10 -1.02 17.34
N ASP B 240 21.43 0.00 17.85
CA ASP B 240 21.96 0.83 18.92
C ASP B 240 21.69 0.16 20.26
N VAL B 241 22.51 -0.85 20.57
CA VAL B 241 22.51 -1.48 21.88
C VAL B 241 23.69 -1.00 22.72
N PHE B 242 24.85 -0.85 22.10
CA PHE B 242 26.01 -0.36 22.83
C PHE B 242 25.86 1.11 23.20
N GLY B 243 25.07 1.85 22.43
CA GLY B 243 24.80 3.23 22.74
C GLY B 243 24.35 3.40 24.17
N PRO B 244 23.15 2.91 24.48
CA PRO B 244 22.65 3.01 25.86
C PRO B 244 23.55 2.35 26.88
N MET B 245 24.11 1.18 26.57
CA MET B 245 24.89 0.44 27.56
C MET B 245 26.11 1.22 27.99
N LEU B 246 26.90 1.71 27.02
CA LEU B 246 28.08 2.49 27.33
C LEU B 246 27.75 3.91 27.75
N GLY B 247 26.55 4.40 27.43
CA GLY B 247 26.15 5.70 27.93
C GLY B 247 26.07 5.73 29.44
N GLU B 248 25.57 4.65 30.04
CA GLU B 248 25.54 4.55 31.49
C GLU B 248 26.93 4.59 32.09
N LEU B 249 27.95 4.32 31.29
CA LEU B 249 29.34 4.46 31.71
C LEU B 249 29.89 5.85 31.41
N GLY B 250 29.11 6.72 30.80
CA GLY B 250 29.57 8.03 30.40
C GLY B 250 30.39 8.05 29.13
N LEU B 251 30.52 6.91 28.45
CA LEU B 251 31.28 6.83 27.21
C LEU B 251 30.39 7.11 26.01
N ARG B 252 31.02 7.49 24.91
CA ARG B 252 30.33 7.70 23.64
C ARG B 252 30.78 6.64 22.65
N VAL B 253 29.89 6.33 21.71
CA VAL B 253 30.08 5.22 20.77
C VAL B 253 30.32 5.78 19.39
N ASN B 254 31.32 5.22 18.71
CA ASN B 254 31.66 5.57 17.33
C ASN B 254 31.42 4.32 16.49
N TYR B 255 30.21 4.17 15.98
CA TYR B 255 29.87 2.99 15.21
C TYR B 255 30.60 3.01 13.87
N VAL B 256 31.28 1.91 13.55
CA VAL B 256 32.04 1.78 12.31
C VAL B 256 32.02 0.32 11.92
N VAL B 257 32.20 0.05 10.62
CA VAL B 257 32.43 0.98 9.52
C VAL B 257 31.12 1.40 8.88
N ASP B 258 30.15 0.49 8.86
CA ASP B 258 28.92 0.72 8.12
C ASP B 258 28.13 1.87 8.72
N LEU B 259 27.48 2.65 7.85
CA LEU B 259 26.67 3.80 8.22
C LEU B 259 27.49 4.90 8.88
N ALA B 260 28.82 4.79 8.86
CA ALA B 260 29.68 5.81 9.43
C ALA B 260 30.07 6.81 8.36
N THR B 261 29.97 8.10 8.69
CA THR B 261 30.45 9.13 7.79
C THR B 261 31.97 9.08 7.70
N VAL B 262 32.51 9.66 6.63
CA VAL B 262 33.97 9.70 6.48
C VAL B 262 34.60 10.43 7.65
N GLU B 263 33.86 11.39 8.23
CA GLU B 263 34.37 12.06 9.43
C GLU B 263 34.56 11.08 10.57
N ASP B 264 33.60 10.16 10.76
CA ASP B 264 33.69 9.20 11.85
C ASP B 264 34.89 8.27 11.67
N LEU B 265 35.13 7.82 10.43
CA LEU B 265 36.26 6.93 10.20
C LEU B 265 37.58 7.64 10.48
N ALA B 266 37.64 8.96 10.22
CA ALA B 266 38.85 9.72 10.54
C ALA B 266 38.99 9.97 12.04
N GLN B 267 37.89 9.89 12.79
CA GLN B 267 37.93 10.13 14.22
C GLN B 267 38.51 8.97 15.01
N MET B 268 38.58 7.78 14.42
CA MET B 268 38.89 6.59 15.20
C MET B 268 40.31 6.60 15.76
N SER B 269 41.19 7.45 15.23
CA SER B 269 42.50 7.60 15.83
C SER B 269 42.45 8.36 17.14
N GLU B 270 41.35 9.05 17.41
CA GLU B 270 41.20 9.86 18.62
C GLU B 270 40.51 9.12 19.76
N ALA B 271 39.88 7.99 19.49
CA ALA B 271 39.06 7.33 20.50
C ALA B 271 39.93 6.81 21.65
N ALA B 272 39.28 6.56 22.78
CA ALA B 272 39.96 6.07 23.96
C ALA B 272 40.06 4.55 24.02
N ALA B 273 39.37 3.84 23.13
CA ALA B 273 39.43 2.38 23.09
C ALA B 273 38.61 1.90 21.90
N THR B 274 38.84 0.64 21.52
CA THR B 274 38.12 0.01 20.43
C THR B 274 37.57 -1.32 20.92
N VAL B 275 36.27 -1.53 20.71
CA VAL B 275 35.60 -2.76 21.12
C VAL B 275 35.05 -3.45 19.88
N GLY B 276 35.39 -4.73 19.72
CA GLY B 276 34.90 -5.52 18.60
C GLY B 276 33.83 -6.48 19.06
N PHE B 277 32.68 -6.43 18.41
CA PHE B 277 31.56 -7.26 18.83
C PHE B 277 31.87 -8.74 18.66
N CYS B 278 32.56 -9.11 17.58
CA CYS B 278 32.93 -10.49 17.32
C CYS B 278 34.40 -10.57 16.94
N TYR B 279 35.03 -11.69 17.31
CA TYR B 279 36.45 -11.86 17.05
C TYR B 279 36.74 -11.86 15.56
N THR B 280 36.20 -12.84 14.83
CA THR B 280 36.56 -13.02 13.43
C THR B 280 36.05 -11.89 12.54
N LEU B 281 35.24 -10.97 13.08
CA LEU B 281 34.70 -9.87 12.31
C LEU B 281 35.20 -8.50 12.74
N SER B 282 35.81 -8.38 13.93
CA SER B 282 36.23 -7.07 14.43
C SER B 282 37.59 -7.12 15.12
N THR B 283 38.49 -8.00 14.68
CA THR B 283 39.80 -8.10 15.32
C THR B 283 40.91 -7.44 14.53
N TYR B 284 40.90 -7.55 13.20
CA TYR B 284 41.98 -6.99 12.40
C TYR B 284 42.03 -5.47 12.54
N MET B 285 40.88 -4.81 12.41
CA MET B 285 40.88 -3.36 12.32
C MET B 285 41.25 -2.72 13.65
N ALA B 286 40.72 -3.26 14.75
CA ALA B 286 41.07 -2.73 16.06
C ALA B 286 42.53 -2.99 16.39
N ALA B 287 43.04 -4.17 16.03
CA ALA B 287 44.45 -4.47 16.25
C ALA B 287 45.34 -3.50 15.49
N ALA B 288 45.00 -3.22 14.23
CA ALA B 288 45.77 -2.26 13.46
C ALA B 288 45.66 -0.86 14.07
N LEU B 289 44.48 -0.50 14.54
CA LEU B 289 44.30 0.80 15.18
C LEU B 289 45.21 0.94 16.38
N GLU B 290 45.26 -0.09 17.23
CA GLU B 290 46.11 -0.03 18.41
C GLU B 290 47.59 -0.03 18.03
N GLN B 291 47.97 -0.83 17.03
CA GLN B 291 49.38 -0.91 16.66
C GLN B 291 49.88 0.40 16.07
N GLU B 292 49.16 0.94 15.09
CA GLU B 292 49.59 2.14 14.39
C GLU B 292 49.15 3.42 15.07
N PHE B 293 48.17 3.35 15.97
CA PHE B 293 47.70 4.50 16.70
C PHE B 293 47.52 4.11 18.16
N GLY B 294 47.56 5.11 19.03
CA GLY B 294 47.53 4.86 20.46
C GLY B 294 46.20 4.39 21.03
N VAL B 295 45.25 3.98 20.20
CA VAL B 295 43.93 3.61 20.69
C VAL B 295 43.99 2.19 21.25
N PRO B 296 43.76 1.99 22.54
CA PRO B 296 43.81 0.63 23.08
C PRO B 296 42.67 -0.24 22.54
N GLU B 297 42.94 -1.53 22.45
CA GLU B 297 41.95 -2.52 22.07
C GLU B 297 41.50 -3.28 23.30
N VAL B 298 40.19 -3.48 23.42
CA VAL B 298 39.62 -4.17 24.56
C VAL B 298 39.62 -5.67 24.28
N LYS B 299 40.29 -6.44 25.14
CA LYS B 299 40.34 -7.89 25.03
C LYS B 299 39.63 -8.45 26.27
N ALA B 300 38.40 -8.90 26.09
CA ALA B 300 37.60 -9.39 27.20
C ALA B 300 36.52 -10.30 26.64
N PRO B 301 35.82 -11.06 27.49
CA PRO B 301 34.71 -11.88 27.00
C PRO B 301 33.66 -11.02 26.34
N MET B 302 33.02 -11.57 25.32
CA MET B 302 31.99 -10.85 24.62
C MET B 302 30.80 -10.60 25.55
N PRO B 303 30.02 -9.57 25.30
CA PRO B 303 28.89 -9.24 26.19
C PRO B 303 27.71 -10.19 26.01
N TYR B 304 27.96 -11.48 26.25
CA TYR B 304 26.94 -12.52 26.12
C TYR B 304 26.85 -13.26 27.45
N GLY B 305 25.66 -13.30 28.02
CA GLY B 305 25.47 -13.90 29.33
C GLY B 305 25.83 -12.92 30.43
N PHE B 306 25.40 -13.26 31.64
CA PHE B 306 25.66 -12.38 32.78
C PHE B 306 27.15 -12.22 33.03
N ALA B 307 27.87 -13.34 33.13
CA ALA B 307 29.31 -13.27 33.39
C ALA B 307 30.05 -12.59 32.25
N GLY B 308 29.67 -12.91 31.01
CA GLY B 308 30.32 -12.28 29.87
C GLY B 308 30.14 -10.78 29.85
N THR B 309 28.91 -10.33 30.08
CA THR B 309 28.65 -8.90 30.12
C THR B 309 29.37 -8.24 31.30
N ASP B 310 29.40 -8.90 32.45
CA ASP B 310 30.13 -8.36 33.59
C ASP B 310 31.59 -8.13 33.23
N ALA B 311 32.25 -9.16 32.69
CA ALA B 311 33.65 -9.02 32.34
C ALA B 311 33.86 -7.96 31.28
N TRP B 312 33.00 -7.93 30.27
CA TRP B 312 33.15 -6.97 29.19
C TRP B 312 33.04 -5.54 29.71
N LEU B 313 31.99 -5.27 30.49
CA LEU B 313 31.80 -3.93 31.02
C LEU B 313 32.93 -3.53 31.96
N ARG B 314 33.40 -4.47 32.78
CA ARG B 314 34.49 -4.15 33.69
C ARG B 314 35.77 -3.83 32.92
N GLU B 315 36.03 -4.56 31.84
CA GLU B 315 37.19 -4.25 31.01
C GLU B 315 37.07 -2.87 30.38
N ILE B 316 35.89 -2.54 29.84
CA ILE B 316 35.69 -1.22 29.27
C ILE B 316 35.93 -0.15 30.33
N ALA B 317 35.37 -0.35 31.52
CA ALA B 317 35.51 0.64 32.58
C ALA B 317 36.95 0.82 32.99
N ARG B 318 37.69 -0.28 33.13
CA ARG B 318 39.09 -0.19 33.49
C ARG B 318 39.89 0.54 32.43
N VAL B 319 39.64 0.24 31.15
CA VAL B 319 40.40 0.88 30.10
C VAL B 319 40.09 2.38 30.03
N THR B 320 38.83 2.75 30.19
CA THR B 320 38.41 4.14 30.10
C THR B 320 38.21 4.79 31.46
N HIS B 321 38.58 4.12 32.55
CA HIS B 321 38.52 4.69 33.89
C HIS B 321 37.09 5.16 34.22
N ARG B 322 36.18 4.19 34.23
CA ARG B 322 34.78 4.44 34.57
C ARG B 322 34.27 3.34 35.50
N GLU B 323 35.11 2.90 36.43
CA GLU B 323 34.78 1.73 37.23
C GLU B 323 33.55 1.97 38.11
N GLU B 324 33.42 3.17 38.68
CA GLU B 324 32.29 3.44 39.56
C GLU B 324 30.97 3.30 38.81
N GLN B 325 30.87 4.00 37.67
CA GLN B 325 29.64 3.93 36.89
C GLN B 325 29.40 2.51 36.37
N ALA B 326 30.47 1.82 35.98
CA ALA B 326 30.31 0.46 35.48
C ALA B 326 29.74 -0.46 36.55
N GLU B 327 30.28 -0.39 37.77
CA GLU B 327 29.77 -1.23 38.84
C GLU B 327 28.33 -0.86 39.19
N ALA B 328 28.02 0.44 39.22
CA ALA B 328 26.64 0.84 39.49
C ALA B 328 25.70 0.25 38.44
N TYR B 329 26.08 0.37 37.17
CA TYR B 329 25.25 -0.15 36.09
C TYR B 329 25.11 -1.66 36.18
N ILE B 330 26.20 -2.35 36.49
CA ILE B 330 26.15 -3.82 36.57
C ILE B 330 25.20 -4.25 37.68
N ALA B 331 25.33 -3.64 38.86
CA ALA B 331 24.45 -4.02 39.97
C ALA B 331 23.00 -3.71 39.63
N ARG B 332 22.74 -2.53 39.07
CA ARG B 332 21.38 -2.15 38.73
C ARG B 332 20.78 -3.10 37.71
N GLU B 333 21.56 -3.48 36.69
CA GLU B 333 21.04 -4.36 35.65
C GLU B 333 20.83 -5.77 36.18
N HIS B 334 21.75 -6.26 37.02
CA HIS B 334 21.54 -7.57 37.63
C HIS B 334 20.23 -7.58 38.41
N ALA B 335 20.00 -6.56 39.23
CA ALA B 335 18.76 -6.48 39.99
C ALA B 335 17.55 -6.43 39.06
N ARG B 336 17.62 -5.64 37.99
CA ARG B 336 16.47 -5.46 37.13
C ARG B 336 16.15 -6.72 36.32
N VAL B 337 17.17 -7.44 35.87
CA VAL B 337 16.96 -8.50 34.90
C VAL B 337 16.81 -9.86 35.57
N LYS B 338 17.56 -10.12 36.64
CA LYS B 338 17.55 -11.46 37.23
C LYS B 338 16.15 -11.96 37.56
N PRO B 339 15.25 -11.16 38.13
CA PRO B 339 13.89 -11.67 38.36
C PRO B 339 13.20 -12.12 37.10
N GLN B 340 13.19 -11.30 36.05
CA GLN B 340 12.46 -11.65 34.83
C GLN B 340 12.95 -12.94 34.22
N LEU B 341 14.25 -13.21 34.34
CA LEU B 341 14.82 -14.42 33.74
C LEU B 341 14.22 -15.66 34.36
N GLU B 342 13.84 -15.61 35.63
CA GLU B 342 13.21 -16.76 36.27
C GLU B 342 11.91 -17.10 35.57
N ALA B 343 11.03 -16.12 35.41
CA ALA B 343 9.77 -16.37 34.71
C ALA B 343 10.03 -16.81 33.28
N LEU B 344 10.98 -16.17 32.60
CA LEU B 344 11.26 -16.51 31.20
C LEU B 344 11.75 -17.94 31.07
N ARG B 345 12.45 -18.46 32.08
CA ARG B 345 13.03 -19.79 31.99
C ARG B 345 11.95 -20.85 31.87
N GLU B 346 10.86 -20.71 32.60
CA GLU B 346 9.83 -21.73 32.61
C GLU B 346 9.20 -21.90 31.22
N LYS B 347 8.95 -20.79 30.53
CA LYS B 347 8.31 -20.86 29.22
C LYS B 347 9.17 -21.61 28.22
N LEU B 348 10.49 -21.62 28.42
CA LEU B 348 11.42 -22.23 27.49
C LEU B 348 11.80 -23.65 27.88
N LYS B 349 11.15 -24.22 28.89
CA LYS B 349 11.48 -25.58 29.30
C LYS B 349 11.28 -26.55 28.15
N GLY B 350 12.25 -27.44 27.96
CA GLY B 350 12.14 -28.47 26.95
C GLY B 350 12.38 -28.01 25.53
N ILE B 351 12.80 -26.76 25.34
CA ILE B 351 13.05 -26.25 24.00
C ILE B 351 14.47 -26.65 23.58
N LYS B 352 14.57 -27.31 22.43
CA LYS B 352 15.85 -27.77 21.90
C LYS B 352 16.25 -26.83 20.76
N GLY B 353 17.30 -26.05 20.98
CA GLY B 353 17.78 -25.11 19.98
C GLY B 353 18.82 -25.73 19.07
N PHE B 354 19.40 -24.87 18.25
CA PHE B 354 20.44 -25.28 17.32
C PHE B 354 21.16 -24.06 16.77
N VAL B 355 22.49 -24.06 16.80
CA VAL B 355 23.30 -22.91 16.40
C VAL B 355 24.27 -23.37 15.33
N SER B 356 24.42 -22.55 14.29
CA SER B 356 25.35 -22.85 13.20
C SER B 356 26.02 -21.59 12.68
N THR B 357 26.17 -20.57 13.53
CA THR B 357 26.79 -19.33 13.12
C THR B 357 28.31 -19.44 13.25
N GLY B 358 29.00 -18.33 13.12
CA GLY B 358 30.45 -18.33 13.32
C GLY B 358 30.80 -18.81 14.72
N SER B 359 31.81 -19.67 14.80
CA SER B 359 32.18 -20.27 16.08
C SER B 359 32.56 -19.25 17.13
N ALA B 360 32.97 -18.05 16.71
CA ALA B 360 33.33 -16.99 17.64
C ALA B 360 32.14 -16.19 18.14
N TYR B 361 30.95 -16.44 17.61
CA TYR B 361 29.74 -15.71 18.01
C TYR B 361 28.66 -16.72 18.36
N ALA B 362 28.71 -17.89 17.73
CA ALA B 362 27.89 -19.00 18.18
C ALA B 362 28.18 -19.34 19.63
N HIS B 363 29.42 -19.16 20.08
CA HIS B 363 29.75 -19.41 21.47
C HIS B 363 28.96 -18.49 22.39
N GLY B 364 28.92 -17.20 22.07
CA GLY B 364 28.16 -16.27 22.89
C GLY B 364 26.67 -16.57 22.85
N MET B 365 26.15 -16.91 21.67
CA MET B 365 24.74 -17.24 21.56
C MET B 365 24.40 -18.48 22.39
N ILE B 366 25.28 -19.48 22.37
CA ILE B 366 25.04 -20.69 23.15
C ILE B 366 25.13 -20.39 24.64
N GLN B 367 26.03 -19.49 25.03
CA GLN B 367 26.10 -19.07 26.42
C GLN B 367 24.78 -18.43 26.86
N VAL B 368 24.25 -17.52 26.03
CA VAL B 368 23.00 -16.87 26.35
C VAL B 368 21.87 -17.89 26.44
N LEU B 369 21.83 -18.83 25.50
CA LEU B 369 20.80 -19.86 25.53
C LEU B 369 20.90 -20.68 26.80
N ARG B 370 22.11 -21.11 27.16
CA ARG B 370 22.27 -21.86 28.39
C ARG B 370 21.81 -21.05 29.60
N GLU B 371 21.95 -19.72 29.55
CA GLU B 371 21.40 -18.91 30.62
C GLU B 371 19.89 -19.08 30.70
N LEU B 372 19.21 -19.11 29.55
CA LEU B 372 17.76 -19.20 29.50
C LEU B 372 17.25 -20.62 29.74
N GLY B 373 18.12 -21.61 29.80
CA GLY B 373 17.71 -22.99 29.98
C GLY B 373 17.39 -23.73 28.71
N VAL B 374 17.58 -23.11 27.55
CA VAL B 374 17.33 -23.79 26.29
C VAL B 374 18.44 -24.81 26.03
N THR B 375 18.07 -25.93 25.44
CA THR B 375 19.01 -27.01 25.15
C THR B 375 19.59 -26.82 23.75
N VAL B 376 20.91 -26.90 23.65
CA VAL B 376 21.62 -26.80 22.38
C VAL B 376 22.33 -28.11 22.12
N ASP B 377 22.10 -28.70 20.94
CA ASP B 377 22.65 -30.01 20.62
C ASP B 377 23.15 -30.06 19.18
N GLY B 378 23.65 -28.95 18.65
CA GLY B 378 24.16 -28.93 17.30
C GLY B 378 25.10 -27.77 17.09
N SER B 379 26.06 -27.98 16.17
CA SER B 379 27.02 -26.94 15.83
C SER B 379 27.63 -27.27 14.47
N LEU B 380 27.56 -26.32 13.55
CA LEU B 380 28.07 -26.51 12.20
C LEU B 380 29.42 -25.81 12.06
N GLN B 417 26.16 -24.99 2.20
CA GLN B 417 25.69 -26.03 1.29
C GLN B 417 24.32 -26.55 1.72
N GLN B 418 23.37 -26.51 0.79
CA GLN B 418 21.99 -26.84 1.12
C GLN B 418 21.84 -28.29 1.56
N PHE B 419 22.48 -29.21 0.84
CA PHE B 419 22.31 -30.63 1.17
C PHE B 419 22.88 -30.95 2.54
N GLN B 420 24.06 -30.41 2.87
CA GLN B 420 24.66 -30.68 4.18
C GLN B 420 23.77 -30.16 5.29
N PHE B 421 23.26 -28.94 5.14
CA PHE B 421 22.38 -28.37 6.15
C PHE B 421 21.10 -29.17 6.28
N TYR B 422 20.56 -29.63 5.16
CA TYR B 422 19.35 -30.46 5.19
C TYR B 422 19.60 -31.74 5.97
N GLY B 423 20.72 -32.40 5.71
CA GLY B 423 21.04 -33.59 6.46
C GLY B 423 21.20 -33.33 7.94
N LEU B 424 21.89 -32.24 8.29
CA LEU B 424 22.08 -31.91 9.69
C LEU B 424 20.75 -31.65 10.38
N LEU B 425 19.86 -30.89 9.72
CA LEU B 425 18.57 -30.58 10.32
C LEU B 425 17.74 -31.84 10.50
N GLN B 426 17.74 -32.72 9.49
CA GLN B 426 17.02 -33.99 9.65
C GLN B 426 17.57 -34.78 10.82
N ARG B 427 18.90 -34.80 10.97
CA ARG B 427 19.50 -35.53 12.07
C ARG B 427 19.08 -34.96 13.43
N VAL B 428 19.09 -33.63 13.55
CA VAL B 428 18.91 -33.00 14.85
C VAL B 428 17.43 -32.74 15.15
N LYS B 429 16.69 -32.21 14.20
CA LYS B 429 15.27 -31.88 14.39
C LYS B 429 15.10 -30.90 15.55
N PRO B 430 15.71 -29.72 15.47
CA PRO B 430 15.56 -28.74 16.55
C PRO B 430 14.23 -28.00 16.46
N ASP B 431 13.82 -27.45 17.62
CA ASP B 431 12.65 -26.59 17.64
C ASP B 431 12.89 -25.32 16.85
N PHE B 432 14.09 -24.76 16.97
CA PHE B 432 14.46 -23.56 16.23
C PHE B 432 15.95 -23.62 15.95
N ILE B 433 16.39 -22.78 15.01
CA ILE B 433 17.80 -22.69 14.66
C ILE B 433 18.23 -21.23 14.74
N ILE B 434 19.53 -21.04 14.93
CA ILE B 434 20.15 -19.72 14.87
C ILE B 434 21.21 -19.78 13.79
N ILE B 435 21.08 -18.89 12.79
CA ILE B 435 22.00 -18.84 11.67
C ILE B 435 22.30 -17.37 11.37
N ARG B 436 23.35 -17.16 10.57
CA ARG B 436 23.77 -15.82 10.19
C ARG B 436 24.00 -15.68 8.69
N HIS B 437 23.69 -16.71 7.90
CA HIS B 437 23.92 -16.69 6.47
C HIS B 437 22.61 -16.96 5.74
N ASN B 438 22.53 -16.45 4.51
CA ASN B 438 21.33 -16.60 3.72
C ASN B 438 21.24 -18.01 3.12
N GLY B 439 20.04 -18.35 2.68
CA GLY B 439 19.76 -19.65 2.09
C GLY B 439 19.46 -20.73 3.12
N LEU B 440 20.10 -20.66 4.28
CA LEU B 440 19.88 -21.65 5.32
C LEU B 440 18.46 -21.56 5.86
N ALA B 441 18.00 -20.34 6.17
CA ALA B 441 16.69 -20.18 6.78
C ALA B 441 15.56 -20.69 5.91
N PRO B 442 15.44 -20.31 4.64
CA PRO B 442 14.32 -20.82 3.84
C PRO B 442 14.30 -22.33 3.72
N LEU B 443 15.46 -22.99 3.67
CA LEU B 443 15.47 -24.44 3.63
C LEU B 443 14.94 -25.01 4.94
N ALA B 444 15.37 -24.47 6.08
CA ALA B 444 14.86 -24.93 7.36
C ALA B 444 13.36 -24.67 7.48
N SER B 445 12.88 -23.59 6.86
CA SER B 445 11.45 -23.30 6.90
C SER B 445 10.65 -24.41 6.23
N ARG B 446 11.15 -24.93 5.11
CA ARG B 446 10.47 -26.01 4.41
C ARG B 446 10.48 -27.31 5.18
N LEU B 447 11.31 -27.44 6.21
CA LEU B 447 11.29 -28.57 7.11
C LEU B 447 10.47 -28.29 8.36
N GLY B 448 9.90 -27.10 8.48
CA GLY B 448 9.07 -26.77 9.62
C GLY B 448 9.80 -26.21 10.82
N ILE B 449 11.02 -25.71 10.64
CA ILE B 449 11.84 -25.23 11.74
C ILE B 449 12.00 -23.71 11.58
N PRO B 450 11.50 -22.90 12.51
CA PRO B 450 11.76 -21.47 12.44
C PRO B 450 13.21 -21.15 12.73
N ALA B 451 13.67 -20.03 12.21
CA ALA B 451 15.02 -19.53 12.44
C ALA B 451 14.93 -18.16 13.09
N ILE B 452 15.85 -17.89 14.02
CA ILE B 452 15.89 -16.59 14.69
C ILE B 452 16.28 -15.55 13.65
N PRO B 453 15.50 -14.48 13.44
CA PRO B 453 15.82 -13.54 12.37
C PRO B 453 17.08 -12.76 12.68
N LEU B 454 18.23 -13.40 12.52
CA LEU B 454 19.51 -12.82 12.92
C LEU B 454 20.01 -11.82 11.88
N GLY B 455 19.16 -10.84 11.59
CA GLY B 455 19.57 -9.68 10.83
C GLY B 455 20.19 -8.60 11.67
N ASP B 456 20.09 -8.73 12.99
CA ASP B 456 20.72 -7.81 13.95
C ASP B 456 21.48 -8.67 14.95
N GLU B 457 22.79 -8.80 14.74
CA GLU B 457 23.60 -9.63 15.62
C GLU B 457 23.55 -9.14 17.06
N HIS B 458 23.18 -7.88 17.27
CA HIS B 458 23.14 -7.29 18.59
C HIS B 458 21.86 -7.62 19.35
N ILE B 459 21.12 -8.65 18.92
CA ILE B 459 19.87 -8.98 19.58
C ILE B 459 20.13 -9.46 21.01
N ALA B 460 21.16 -10.29 21.19
CA ALA B 460 21.40 -10.97 22.45
C ALA B 460 22.54 -10.36 23.26
N VAL B 461 22.98 -9.17 22.91
CA VAL B 461 24.12 -8.54 23.58
C VAL B 461 23.65 -7.87 24.86
N GLY B 462 24.37 -8.11 25.94
CA GLY B 462 24.11 -7.41 27.19
C GLY B 462 23.10 -8.11 28.07
N TYR B 463 22.74 -7.42 29.15
CA TYR B 463 21.77 -7.96 30.09
C TYR B 463 20.38 -8.00 29.47
N GLN B 464 19.97 -6.92 28.82
CA GLN B 464 18.69 -6.92 28.12
C GLN B 464 18.70 -7.90 26.95
N GLY B 465 19.89 -8.26 26.46
CA GLY B 465 19.97 -9.22 25.37
C GLY B 465 19.45 -10.58 25.75
N ILE B 466 19.62 -10.98 27.01
CA ILE B 466 19.09 -12.27 27.45
C ILE B 466 17.58 -12.30 27.28
N LEU B 467 16.90 -11.26 27.78
CA LEU B 467 15.46 -11.21 27.67
C LEU B 467 15.02 -11.05 26.22
N ASN B 468 15.77 -10.28 25.43
CA ASN B 468 15.42 -10.12 24.03
C ASN B 468 15.49 -11.44 23.30
N LEU B 469 16.55 -12.23 23.54
CA LEU B 469 16.66 -13.52 22.89
C LEU B 469 15.58 -14.48 23.37
N GLY B 470 15.26 -14.45 24.66
CA GLY B 470 14.18 -15.30 25.14
C GLY B 470 12.86 -14.97 24.47
N GLU B 471 12.54 -13.68 24.38
CA GLU B 471 11.29 -13.27 23.73
C GLU B 471 11.31 -13.62 22.25
N SER B 472 12.45 -13.47 21.59
CA SER B 472 12.54 -13.84 20.17
C SER B 472 12.33 -15.33 19.99
N ILE B 473 12.90 -16.14 20.88
CA ILE B 473 12.70 -17.59 20.79
C ILE B 473 11.22 -17.91 20.96
N LEU B 474 10.57 -17.29 21.95
CA LEU B 474 9.15 -17.54 22.14
C LEU B 474 8.33 -17.09 20.94
N ASP B 475 8.77 -16.01 20.27
CA ASP B 475 8.07 -15.55 19.08
C ASP B 475 8.19 -16.57 17.94
N VAL B 476 9.41 -17.00 17.65
CA VAL B 476 9.60 -17.91 16.53
C VAL B 476 8.97 -19.27 16.84
N LEU B 477 8.84 -19.63 18.12
CA LEU B 477 8.10 -20.84 18.44
C LEU B 477 6.65 -20.72 18.03
N ALA B 478 6.05 -19.56 18.24
CA ALA B 478 4.68 -19.35 17.76
C ALA B 478 4.62 -19.45 16.24
N HIS B 479 5.60 -18.88 15.54
CA HIS B 479 5.63 -18.89 14.09
C HIS B 479 5.80 -20.28 13.50
N ARG B 480 5.99 -21.31 14.34
CA ARG B 480 6.05 -22.66 13.81
C ARG B 480 4.81 -23.00 13.01
N LYS B 481 3.67 -22.37 13.34
CA LYS B 481 2.44 -22.63 12.60
C LYS B 481 2.67 -22.47 11.10
N PHE B 482 3.33 -21.39 10.70
CA PHE B 482 3.55 -21.13 9.28
C PHE B 482 4.45 -22.17 8.66
N HIS B 483 5.60 -22.43 9.29
CA HIS B 483 6.58 -23.34 8.70
C HIS B 483 6.06 -24.77 8.65
N GLU B 484 5.35 -25.19 9.70
CA GLU B 484 4.78 -26.54 9.68
C GLU B 484 3.73 -26.67 8.59
N ASP B 485 2.94 -25.63 8.37
CA ASP B 485 1.99 -25.64 7.26
C ASP B 485 2.71 -25.71 5.92
N ILE B 486 3.80 -24.96 5.78
CA ILE B 486 4.58 -25.01 4.55
C ILE B 486 5.20 -26.38 4.37
N ALA B 487 5.77 -26.93 5.46
CA ALA B 487 6.45 -28.21 5.37
C ALA B 487 5.53 -29.29 4.80
N ALA B 488 4.24 -29.20 5.07
CA ALA B 488 3.30 -30.24 4.66
C ALA B 488 2.87 -30.14 3.21
N HIS B 489 3.13 -29.01 2.54
CA HIS B 489 2.58 -28.76 1.22
C HIS B 489 3.63 -28.43 0.18
N VAL B 490 4.89 -28.74 0.44
CA VAL B 490 5.98 -28.42 -0.48
C VAL B 490 6.76 -29.68 -0.79
N ARG B 491 7.15 -29.83 -2.04
CA ARG B 491 8.06 -30.89 -2.46
C ARG B 491 9.47 -30.31 -2.54
N LEU B 492 10.37 -30.86 -1.73
CA LEU B 492 11.75 -30.44 -1.80
C LEU B 492 12.38 -30.97 -3.08
N PRO B 493 13.36 -30.26 -3.64
CA PRO B 493 13.90 -30.64 -4.95
C PRO B 493 14.88 -31.80 -4.93
N TYR B 494 14.96 -32.54 -3.83
CA TYR B 494 15.94 -33.63 -3.72
C TYR B 494 15.29 -34.95 -4.08
N ARG B 495 15.93 -35.70 -4.97
CA ARG B 495 15.38 -36.96 -5.43
C ARG B 495 15.42 -38.02 -4.34
N GLN B 496 14.47 -38.96 -4.43
CA GLN B 496 14.31 -39.96 -3.37
C GLN B 496 15.57 -40.82 -3.24
N ASP B 497 16.11 -41.29 -4.37
CA ASP B 497 17.26 -42.18 -4.31
C ASP B 497 18.39 -41.56 -3.50
N TRP B 498 18.66 -40.26 -3.71
CA TRP B 498 19.58 -39.56 -2.83
C TRP B 498 18.97 -39.33 -1.46
N LEU B 499 17.65 -39.14 -1.39
CA LEU B 499 16.98 -38.97 -0.11
C LEU B 499 16.97 -40.25 0.72
N ALA B 500 17.34 -41.39 0.14
CA ALA B 500 17.53 -42.62 0.87
C ALA B 500 18.96 -42.81 1.33
N ARG B 501 19.81 -41.80 1.15
CA ARG B 501 21.21 -41.86 1.51
C ARG B 501 21.59 -40.58 2.25
N ASP B 502 22.68 -40.68 3.03
CA ASP B 502 23.16 -39.55 3.80
C ASP B 502 23.50 -38.36 2.89
N LYS C 21 -19.56 1.80 32.89
CA LYS C 21 -19.35 2.08 31.48
C LYS C 21 -20.05 3.35 31.06
N THR C 22 -19.29 4.31 30.53
CA THR C 22 -19.86 5.58 30.13
C THR C 22 -20.70 5.43 28.87
N ASN C 23 -21.53 6.43 28.62
CA ASN C 23 -22.32 6.47 27.40
C ASN C 23 -21.54 7.03 26.23
N SER C 24 -20.57 7.89 26.49
CA SER C 24 -19.87 8.59 25.43
C SER C 24 -19.23 7.62 24.45
N ILE C 25 -19.33 7.93 23.17
CA ILE C 25 -18.61 7.22 22.12
C ILE C 25 -17.81 8.25 21.34
N GLU C 26 -16.49 8.13 21.40
CA GLU C 26 -15.58 8.99 20.67
C GLU C 26 -15.12 8.27 19.41
N GLN C 27 -15.16 8.97 18.28
CA GLN C 27 -14.70 8.40 17.01
C GLN C 27 -15.49 7.14 16.67
N VAL C 28 -16.78 7.37 16.41
CA VAL C 28 -17.74 6.29 16.17
C VAL C 28 -17.15 5.19 15.31
N ARG C 29 -17.47 3.94 15.66
CA ARG C 29 -17.08 2.77 14.91
C ARG C 29 -18.18 2.24 14.00
N TYR C 30 -19.32 2.91 13.93
CA TYR C 30 -20.42 2.50 13.08
C TYR C 30 -21.41 3.66 13.00
N ILE C 31 -22.53 3.42 12.34
CA ILE C 31 -23.55 4.42 12.11
C ILE C 31 -24.90 3.86 12.56
N CYS C 32 -25.95 4.65 12.40
CA CYS C 32 -27.26 4.26 12.93
C CYS C 32 -27.93 3.25 12.01
N SER C 33 -29.11 2.78 12.44
CA SER C 33 -29.83 1.77 11.68
C SER C 33 -30.12 2.25 10.26
N ILE C 34 -30.54 3.50 10.12
CA ILE C 34 -30.89 4.01 8.80
C ILE C 34 -29.69 3.99 7.87
N GLY C 35 -28.48 3.90 8.42
CA GLY C 35 -27.31 3.64 7.60
C GLY C 35 -27.35 2.31 6.90
N ALA C 36 -28.29 1.44 7.27
CA ALA C 36 -28.54 0.21 6.53
C ALA C 36 -29.13 0.46 5.17
N MET C 37 -29.40 1.71 4.80
CA MET C 37 -29.77 2.01 3.42
C MET C 37 -28.71 1.53 2.45
N HIS C 38 -27.46 1.42 2.90
CA HIS C 38 -26.40 0.93 2.04
C HIS C 38 -26.56 -0.55 1.75
N SER C 39 -27.14 -1.31 2.68
CA SER C 39 -27.47 -2.69 2.40
C SER C 39 -28.49 -2.79 1.28
N ALA C 40 -29.51 -1.94 1.30
CA ALA C 40 -30.49 -1.93 0.23
C ALA C 40 -29.85 -1.49 -1.10
N SER C 41 -29.01 -0.47 -1.06
CA SER C 41 -28.37 0.00 -2.29
C SER C 41 -27.28 -0.95 -2.78
N ALA C 42 -26.90 -1.94 -1.98
CA ALA C 42 -25.94 -2.94 -2.43
C ALA C 42 -26.57 -4.01 -3.31
N ILE C 43 -27.89 -4.12 -3.32
CA ILE C 43 -28.57 -5.01 -4.25
C ILE C 43 -28.67 -4.32 -5.60
N PRO C 44 -28.22 -4.95 -6.69
CA PRO C 44 -28.27 -4.27 -7.99
C PRO C 44 -29.67 -3.78 -8.32
N ARG C 45 -29.75 -2.53 -8.79
CA ARG C 45 -31.00 -1.91 -9.23
C ARG C 45 -32.04 -1.85 -8.11
N VAL C 46 -31.57 -1.57 -6.90
CA VAL C 46 -32.44 -1.30 -5.75
C VAL C 46 -32.07 0.08 -5.24
N ILE C 47 -33.06 0.93 -5.05
CA ILE C 47 -32.86 2.31 -4.65
C ILE C 47 -33.52 2.53 -3.29
N PRO C 48 -32.77 2.89 -2.25
CA PRO C 48 -33.41 3.23 -0.98
C PRO C 48 -33.96 4.64 -0.99
N ILE C 49 -35.06 4.81 -0.26
CA ILE C 49 -35.72 6.11 -0.08
C ILE C 49 -35.69 6.41 1.41
N THR C 50 -34.83 7.34 1.80
CA THR C 50 -34.61 7.65 3.21
C THR C 50 -35.61 8.68 3.70
N HIS C 51 -35.95 8.58 5.00
CA HIS C 51 -36.90 9.49 5.64
C HIS C 51 -36.41 9.75 7.06
N CYS C 52 -35.59 10.78 7.22
CA CYS C 52 -34.98 11.14 8.51
C CYS C 52 -35.38 12.58 8.82
N GLY C 53 -36.59 12.76 9.34
CA GLY C 53 -37.07 14.07 9.74
C GLY C 53 -37.00 15.07 8.61
N PRO C 54 -36.54 16.29 8.90
CA PRO C 54 -36.26 17.24 7.81
C PRO C 54 -35.00 16.93 7.04
N GLY C 55 -34.22 15.93 7.45
CA GLY C 55 -33.08 15.47 6.67
C GLY C 55 -31.98 16.51 6.52
N CYS C 56 -31.60 17.14 7.64
CA CYS C 56 -30.52 18.13 7.59
C CYS C 56 -29.32 17.61 6.82
N ALA C 57 -28.72 16.53 7.33
CA ALA C 57 -27.51 15.95 6.74
C ALA C 57 -27.64 14.44 6.65
N ASP C 58 -28.86 13.93 6.45
CA ASP C 58 -29.03 12.51 6.16
C ASP C 58 -28.06 12.04 5.09
N LYS C 59 -27.58 12.95 4.24
CA LYS C 59 -26.53 12.65 3.29
C LYS C 59 -25.28 12.09 3.95
N GLN C 60 -25.17 12.17 5.28
CA GLN C 60 -23.97 11.70 5.97
C GLN C 60 -23.62 10.28 5.53
N PHE C 61 -24.60 9.38 5.55
CA PHE C 61 -24.35 8.00 5.15
C PHE C 61 -23.96 7.92 3.69
N MET C 62 -24.68 8.63 2.82
CA MET C 62 -24.31 8.67 1.42
C MET C 62 -22.85 9.05 1.23
N ASN C 63 -22.23 9.66 2.24
CA ASN C 63 -20.84 10.08 2.17
C ASN C 63 -19.91 9.31 3.09
N VAL C 64 -20.42 8.68 4.15
CA VAL C 64 -19.52 7.89 5.00
C VAL C 64 -18.99 6.70 4.23
N ALA C 65 -19.84 6.09 3.38
CA ALA C 65 -19.36 5.02 2.51
C ALA C 65 -18.26 5.51 1.60
N PHE C 66 -18.31 6.79 1.21
CA PHE C 66 -17.25 7.34 0.37
C PHE C 66 -15.95 7.48 1.15
N TYR C 67 -16.01 7.64 2.46
CA TYR C 67 -14.83 7.78 3.29
C TYR C 67 -14.44 6.47 3.96
N ASN C 68 -15.08 5.38 3.58
CA ASN C 68 -14.71 4.03 4.00
C ASN C 68 -14.35 3.28 2.72
N GLY C 69 -13.14 3.51 2.22
CA GLY C 69 -12.67 2.84 1.03
C GLY C 69 -12.88 3.58 -0.27
N PHE C 70 -13.53 4.74 -0.26
CA PHE C 70 -13.79 5.52 -1.47
C PHE C 70 -14.58 4.68 -2.48
N GLN C 71 -15.73 4.19 -2.03
CA GLN C 71 -16.47 3.18 -2.76
C GLN C 71 -17.50 3.77 -3.72
N GLY C 72 -18.19 4.83 -3.33
CA GLY C 72 -19.20 5.41 -4.19
C GLY C 72 -20.47 4.58 -4.16
N GLY C 73 -21.62 5.26 -4.25
CA GLY C 73 -22.90 4.60 -4.06
C GLY C 73 -23.30 3.65 -5.17
N GLY C 74 -22.61 3.70 -6.30
CA GLY C 74 -22.93 2.82 -7.41
C GLY C 74 -24.09 3.29 -8.25
N TYR C 75 -25.18 2.52 -8.25
CA TYR C 75 -26.37 2.82 -9.04
C TYR C 75 -27.44 3.55 -8.24
N GLY C 76 -27.78 3.03 -7.05
CA GLY C 76 -28.83 3.61 -6.24
C GLY C 76 -28.33 4.37 -5.03
N GLY C 77 -27.05 4.74 -5.02
CA GLY C 77 -26.45 5.43 -3.92
C GLY C 77 -26.05 6.86 -4.27
N GLY C 78 -25.39 7.50 -3.30
CA GLY C 78 -24.98 8.87 -3.50
C GLY C 78 -26.18 9.80 -3.58
N ALA C 79 -26.07 10.82 -4.42
CA ALA C 79 -27.18 11.75 -4.62
C ALA C 79 -28.40 11.09 -5.26
N VAL C 80 -28.24 9.88 -5.81
CA VAL C 80 -29.37 9.18 -6.40
C VAL C 80 -30.44 8.90 -5.37
N VAL C 81 -30.05 8.78 -4.10
CA VAL C 81 -30.97 8.40 -3.03
C VAL C 81 -31.94 9.54 -2.73
N PRO C 82 -33.25 9.33 -2.87
CA PRO C 82 -34.19 10.35 -2.41
C PRO C 82 -34.22 10.45 -0.90
N SER C 83 -34.55 11.64 -0.40
CA SER C 83 -34.61 11.88 1.03
C SER C 83 -35.54 13.05 1.29
N THR C 84 -36.01 13.13 2.53
CA THR C 84 -36.91 14.21 2.95
C THR C 84 -36.12 15.35 3.58
N GLY C 94 -46.17 15.90 10.96
CA GLY C 94 -46.40 14.60 10.37
C GLY C 94 -45.68 14.41 9.04
N GLY C 95 -44.91 13.33 8.94
CA GLY C 95 -44.19 13.02 7.73
C GLY C 95 -44.93 12.15 6.74
N ALA C 96 -46.18 11.79 7.02
CA ALA C 96 -46.91 10.93 6.11
C ALA C 96 -47.08 11.57 4.74
N GLU C 97 -47.56 12.82 4.72
CA GLU C 97 -47.74 13.51 3.44
C GLU C 97 -46.41 13.75 2.75
N ARG C 98 -45.39 14.16 3.52
CA ARG C 98 -44.07 14.39 2.93
C ARG C 98 -43.49 13.10 2.37
N LEU C 99 -43.61 12.01 3.13
CA LEU C 99 -43.10 10.73 2.64
C LEU C 99 -43.86 10.29 1.39
N ASP C 100 -45.17 10.50 1.35
CA ASP C 100 -45.94 10.11 0.17
C ASP C 100 -45.52 10.93 -1.04
N GLU C 101 -45.32 12.23 -0.86
CA GLU C 101 -44.83 13.06 -1.97
C GLU C 101 -43.48 12.57 -2.46
N LEU C 102 -42.57 12.27 -1.53
CA LEU C 102 -41.25 11.79 -1.90
C LEU C 102 -41.34 10.48 -2.67
N ILE C 103 -42.19 9.56 -2.20
CA ILE C 103 -42.32 8.28 -2.88
C ILE C 103 -42.87 8.48 -4.29
N GLY C 104 -43.87 9.35 -4.44
CA GLY C 104 -44.41 9.61 -5.76
C GLY C 104 -43.35 10.18 -6.69
N ALA C 105 -42.59 11.16 -6.22
CA ALA C 105 -41.55 11.76 -7.05
C ALA C 105 -40.51 10.73 -7.46
N SER C 106 -40.03 9.94 -6.49
CA SER C 106 -39.02 8.93 -6.79
C SER C 106 -39.56 7.90 -7.78
N LEU C 107 -40.80 7.48 -7.61
CA LEU C 107 -41.40 6.51 -8.52
C LEU C 107 -41.47 7.08 -9.93
N GLN C 108 -41.83 8.35 -10.06
CA GLN C 108 -41.95 8.93 -11.39
C GLN C 108 -40.59 9.16 -12.04
N VAL C 109 -39.56 9.42 -11.24
CA VAL C 109 -38.25 9.78 -11.78
C VAL C 109 -37.38 8.54 -11.96
N LEU C 110 -37.09 7.85 -10.87
CA LEU C 110 -36.07 6.82 -10.86
C LEU C 110 -36.60 5.49 -11.39
N ASP C 111 -35.72 4.75 -12.04
CA ASP C 111 -36.02 3.42 -12.57
C ASP C 111 -35.30 2.39 -11.72
N ALA C 112 -36.06 1.66 -10.91
CA ALA C 112 -35.49 0.68 -10.00
C ALA C 112 -36.32 -0.58 -10.03
N ASP C 113 -35.66 -1.72 -9.78
CA ASP C 113 -36.37 -2.97 -9.61
C ASP C 113 -37.11 -3.03 -8.28
N LEU C 114 -36.67 -2.25 -7.30
CA LEU C 114 -37.27 -2.29 -5.97
C LEU C 114 -36.86 -1.04 -5.23
N PHE C 115 -37.81 -0.45 -4.50
CA PHE C 115 -37.55 0.69 -3.63
C PHE C 115 -37.66 0.25 -2.19
N VAL C 116 -36.70 0.68 -1.38
CA VAL C 116 -36.69 0.40 0.05
C VAL C 116 -36.84 1.71 0.78
N VAL C 117 -37.89 1.84 1.58
CA VAL C 117 -38.16 3.05 2.34
C VAL C 117 -37.67 2.83 3.76
N LEU C 118 -36.68 3.61 4.18
CA LEU C 118 -36.15 3.55 5.52
C LEU C 118 -36.52 4.82 6.27
N THR C 119 -36.83 4.68 7.55
CA THR C 119 -37.22 5.79 8.40
C THR C 119 -36.26 5.93 9.56
N GLY C 120 -36.06 7.16 10.00
CA GLY C 120 -35.12 7.44 11.07
C GLY C 120 -35.77 7.85 12.37
N CYS C 121 -35.15 8.81 13.06
CA CYS C 121 -35.64 9.20 14.38
C CYS C 121 -37.04 9.80 14.29
N ILE C 122 -37.17 10.93 13.60
CA ILE C 122 -38.39 11.73 13.70
C ILE C 122 -39.63 10.91 13.36
N PRO C 123 -39.68 10.16 12.26
CA PRO C 123 -40.87 9.32 12.04
C PRO C 123 -41.15 8.37 13.19
N ASP C 124 -40.11 7.85 13.85
CA ASP C 124 -40.33 6.93 14.95
C ASP C 124 -40.85 7.64 16.19
N LEU C 125 -40.24 8.78 16.54
CA LEU C 125 -40.64 9.50 17.75
C LEU C 125 -42.02 10.11 17.59
N VAL C 126 -42.26 10.79 16.47
CA VAL C 126 -43.58 11.35 16.21
C VAL C 126 -44.62 10.25 16.13
N GLY C 127 -44.24 9.11 15.56
CA GLY C 127 -45.16 8.00 15.40
C GLY C 127 -45.80 7.89 14.04
N ASP C 128 -45.11 8.31 12.98
CA ASP C 128 -45.70 8.25 11.64
C ASP C 128 -46.05 6.82 11.28
N ASP C 129 -47.20 6.65 10.64
CA ASP C 129 -47.66 5.33 10.20
C ASP C 129 -47.11 5.10 8.80
N ILE C 130 -45.92 4.51 8.72
CA ILE C 130 -45.26 4.30 7.44
C ILE C 130 -46.01 3.25 6.62
N GLY C 131 -46.57 2.24 7.29
CA GLY C 131 -47.34 1.24 6.57
C GLY C 131 -48.49 1.85 5.79
N SER C 132 -49.23 2.76 6.42
CA SER C 132 -50.35 3.38 5.73
C SER C 132 -49.90 4.16 4.50
N VAL C 133 -48.66 4.63 4.49
CA VAL C 133 -48.16 5.41 3.37
C VAL C 133 -47.61 4.51 2.27
N VAL C 134 -46.98 3.40 2.62
CA VAL C 134 -46.30 2.57 1.63
C VAL C 134 -47.21 1.46 1.08
N GLY C 135 -48.11 0.90 1.90
CA GLY C 135 -49.00 -0.15 1.46
C GLY C 135 -49.89 0.22 0.30
N PRO C 136 -50.40 1.45 0.23
CA PRO C 136 -51.17 1.83 -0.96
C PRO C 136 -50.42 1.61 -2.26
N TYR C 137 -49.13 1.91 -2.28
CA TYR C 137 -48.34 1.65 -3.48
C TYR C 137 -48.17 0.16 -3.72
N GLN C 138 -47.96 -0.62 -2.65
CA GLN C 138 -47.76 -2.05 -2.81
C GLN C 138 -49.02 -2.72 -3.37
N LYS C 139 -50.19 -2.33 -2.88
CA LYS C 139 -51.43 -2.87 -3.41
C LYS C 139 -51.63 -2.49 -4.87
N ARG C 140 -50.97 -1.44 -5.34
CA ARG C 140 -51.02 -1.03 -6.73
C ARG C 140 -49.93 -1.70 -7.57
N GLY C 141 -49.19 -2.64 -6.99
CA GLY C 141 -48.21 -3.41 -7.72
C GLY C 141 -46.80 -2.85 -7.74
N VAL C 142 -46.57 -1.69 -7.15
CA VAL C 142 -45.22 -1.11 -7.17
C VAL C 142 -44.27 -2.01 -6.38
N PRO C 143 -43.05 -2.23 -6.84
CA PRO C 143 -42.09 -2.99 -6.03
C PRO C 143 -41.44 -2.12 -4.96
N ILE C 144 -42.12 -1.95 -3.84
CA ILE C 144 -41.65 -1.07 -2.78
C ILE C 144 -41.82 -1.79 -1.44
N VAL C 145 -40.83 -1.62 -0.56
CA VAL C 145 -40.90 -2.13 0.80
C VAL C 145 -40.51 -0.99 1.73
N TYR C 146 -40.91 -1.12 2.99
CA TYR C 146 -40.54 -0.15 4.01
C TYR C 146 -39.99 -0.87 5.23
N ALA C 147 -38.95 -0.29 5.82
CA ALA C 147 -38.36 -0.79 7.04
C ALA C 147 -38.31 0.32 8.08
N GLU C 148 -38.65 -0.01 9.31
CA GLU C 148 -38.60 0.94 10.41
C GLU C 148 -37.25 0.82 11.09
N THR C 149 -36.40 1.82 10.93
CA THR C 149 -35.02 1.77 11.40
C THR C 149 -34.68 2.97 12.28
N GLY C 150 -35.54 3.27 13.26
CA GLY C 150 -35.24 4.31 14.23
C GLY C 150 -33.78 4.32 14.64
N GLY C 151 -33.10 5.43 14.34
CA GLY C 151 -31.66 5.46 14.48
C GLY C 151 -31.15 5.24 15.90
N PHE C 152 -31.97 5.57 16.90
CA PHE C 152 -31.57 5.46 18.29
C PHE C 152 -31.78 4.06 18.85
N ARG C 153 -32.25 3.11 18.05
CA ARG C 153 -32.52 1.76 18.51
C ARG C 153 -31.39 0.78 18.23
N GLY C 154 -30.46 1.13 17.37
CA GLY C 154 -29.34 0.25 17.08
C GLY C 154 -28.44 0.87 16.04
N ASN C 155 -27.38 0.13 15.72
CA ASN C 155 -26.43 0.56 14.69
C ASN C 155 -26.88 -0.02 13.35
N ASN C 156 -26.04 0.09 12.33
CA ASN C 156 -26.44 -0.32 11.00
C ASN C 156 -26.45 -1.83 10.82
N PHE C 157 -25.95 -2.61 11.78
CA PHE C 157 -26.09 -4.06 11.69
C PHE C 157 -27.54 -4.48 11.97
N THR C 158 -28.12 -3.93 13.03
CA THR C 158 -29.53 -4.17 13.30
C THR C 158 -30.38 -3.62 12.15
N GLY C 159 -29.99 -2.48 11.60
CA GLY C 159 -30.70 -1.95 10.45
C GLY C 159 -30.60 -2.87 9.25
N HIS C 160 -29.44 -3.49 9.06
CA HIS C 160 -29.29 -4.43 7.95
C HIS C 160 -30.23 -5.61 8.11
N GLU C 161 -30.31 -6.17 9.32
CA GLU C 161 -31.24 -7.26 9.54
C GLU C 161 -32.68 -6.82 9.31
N LEU C 162 -33.02 -5.61 9.76
CA LEU C 162 -34.37 -5.10 9.54
C LEU C 162 -34.68 -4.96 8.06
N VAL C 163 -33.72 -4.46 7.29
CA VAL C 163 -33.95 -4.28 5.86
C VAL C 163 -34.13 -5.61 5.15
N THR C 164 -33.27 -6.59 5.48
CA THR C 164 -33.40 -7.90 4.84
C THR C 164 -34.74 -8.54 5.20
N LYS C 165 -35.14 -8.46 6.46
CA LYS C 165 -36.42 -9.04 6.86
C LYS C 165 -37.57 -8.32 6.17
N ALA C 166 -37.48 -7.00 6.04
CA ALA C 166 -38.53 -6.26 5.35
C ALA C 166 -38.64 -6.69 3.90
N ILE C 167 -37.51 -6.83 3.21
CA ILE C 167 -37.55 -7.30 1.82
C ILE C 167 -38.19 -8.68 1.76
N ILE C 168 -37.74 -9.60 2.61
CA ILE C 168 -38.28 -10.95 2.57
C ILE C 168 -39.79 -10.93 2.80
N ASP C 169 -40.25 -10.12 3.74
CA ASP C 169 -41.65 -10.14 4.11
C ASP C 169 -42.53 -9.48 3.06
N GLN C 170 -42.09 -8.35 2.50
CA GLN C 170 -42.96 -7.53 1.68
C GLN C 170 -42.73 -7.69 0.19
N PHE C 171 -41.63 -8.28 -0.25
CA PHE C 171 -41.34 -8.45 -1.66
C PHE C 171 -41.27 -9.91 -2.06
N VAL C 172 -40.47 -10.72 -1.36
CA VAL C 172 -40.42 -12.14 -1.63
C VAL C 172 -41.76 -12.79 -1.29
N GLY C 173 -42.31 -12.44 -0.13
CA GLY C 173 -43.63 -12.90 0.21
C GLY C 173 -43.69 -14.40 0.49
N ASP C 174 -44.91 -14.91 0.43
CA ASP C 174 -45.16 -16.32 0.70
C ASP C 174 -44.56 -17.19 -0.40
N TYR C 175 -44.38 -18.47 -0.08
CA TYR C 175 -43.78 -19.43 -0.98
C TYR C 175 -44.76 -20.57 -1.24
N ASP C 176 -44.91 -20.94 -2.50
CA ASP C 176 -45.69 -22.11 -2.89
C ASP C 176 -44.89 -22.88 -3.93
N ALA C 177 -44.49 -24.10 -3.58
CA ALA C 177 -43.58 -24.85 -4.43
C ALA C 177 -44.15 -25.06 -5.83
N GLU C 178 -45.47 -25.20 -5.95
CA GLU C 178 -46.07 -25.41 -7.26
C GLU C 178 -46.09 -24.12 -8.07
N ARG C 179 -46.44 -23.01 -7.43
CA ARG C 179 -46.50 -21.74 -8.15
C ARG C 179 -45.11 -21.19 -8.43
N ASP C 180 -44.21 -21.27 -7.45
CA ASP C 180 -42.92 -20.58 -7.53
C ASP C 180 -41.78 -21.47 -7.99
N GLY C 181 -41.85 -22.78 -7.73
CA GLY C 181 -40.80 -23.69 -8.13
C GLY C 181 -40.36 -24.54 -6.96
N ALA C 182 -39.97 -25.77 -7.25
CA ALA C 182 -39.56 -26.70 -6.22
C ALA C 182 -38.25 -26.24 -5.58
N ARG C 183 -38.14 -26.48 -4.28
CA ARG C 183 -36.91 -26.12 -3.57
C ARG C 183 -35.74 -26.91 -4.12
N GLU C 184 -34.60 -26.24 -4.27
CA GLU C 184 -33.41 -26.85 -4.83
C GLU C 184 -32.44 -27.18 -3.71
N PRO C 185 -32.18 -28.45 -3.41
CA PRO C 185 -31.32 -28.76 -2.25
C PRO C 185 -29.91 -28.21 -2.35
N HIS C 186 -29.43 -27.92 -3.55
CA HIS C 186 -28.06 -27.48 -3.74
C HIS C 186 -27.97 -26.00 -4.10
N THR C 187 -29.01 -25.23 -3.82
CA THR C 187 -28.97 -23.78 -3.90
C THR C 187 -28.87 -23.24 -2.48
N VAL C 188 -28.09 -22.18 -2.31
CA VAL C 188 -27.79 -21.63 -1.00
C VAL C 188 -27.96 -20.11 -1.04
N ASN C 189 -28.61 -19.58 -0.02
CA ASN C 189 -28.60 -18.15 0.24
C ASN C 189 -27.45 -17.84 1.20
N VAL C 190 -26.62 -16.88 0.85
CA VAL C 190 -25.45 -16.54 1.64
C VAL C 190 -25.72 -15.25 2.40
N TRP C 191 -25.72 -15.35 3.72
CA TRP C 191 -25.83 -14.20 4.61
C TRP C 191 -24.47 -14.01 5.28
N SER C 192 -23.86 -12.86 5.01
CA SER C 192 -22.43 -12.68 5.20
C SER C 192 -22.12 -11.23 5.53
N LEU C 193 -20.91 -10.80 5.22
CA LEU C 193 -20.45 -9.44 5.48
C LEU C 193 -21.50 -8.38 5.22
N LEU C 194 -21.48 -7.32 6.02
CA LEU C 194 -22.40 -6.21 5.87
C LEU C 194 -21.95 -5.30 4.74
N PRO C 195 -22.77 -5.07 3.71
CA PRO C 195 -22.31 -4.24 2.59
C PRO C 195 -21.95 -2.83 3.02
N TYR C 196 -20.86 -2.33 2.43
CA TYR C 196 -20.42 -0.95 2.53
C TYR C 196 -19.86 -0.59 3.91
N HIS C 197 -19.99 -1.49 4.87
CA HIS C 197 -19.36 -1.32 6.16
C HIS C 197 -18.13 -2.21 6.29
N ASN C 198 -18.23 -3.45 5.85
CA ASN C 198 -17.05 -4.25 5.57
C ASN C 198 -16.45 -3.74 4.27
N THR C 199 -15.33 -3.03 4.38
CA THR C 199 -14.84 -2.23 3.26
C THR C 199 -14.67 -3.06 1.99
N PHE C 200 -14.21 -4.29 2.13
CA PHE C 200 -13.88 -5.15 1.00
C PHE C 200 -15.00 -6.14 0.71
N TRP C 201 -16.25 -5.71 0.91
CA TRP C 201 -17.38 -6.61 0.76
C TRP C 201 -17.58 -7.08 -0.67
N ARG C 202 -17.27 -6.24 -1.66
CA ARG C 202 -17.51 -6.63 -3.05
C ARG C 202 -16.59 -7.79 -3.45
N GLY C 203 -15.29 -7.60 -3.30
CA GLY C 203 -14.37 -8.68 -3.61
C GLY C 203 -14.57 -9.88 -2.69
N ASP C 204 -14.90 -9.62 -1.43
CA ASP C 204 -15.10 -10.72 -0.49
C ASP C 204 -16.29 -11.58 -0.88
N LEU C 205 -17.39 -10.95 -1.26
CA LEU C 205 -18.56 -11.71 -1.71
C LEU C 205 -18.29 -12.40 -3.03
N THR C 206 -17.51 -11.78 -3.91
CA THR C 206 -17.08 -12.47 -5.13
C THR C 206 -16.32 -13.74 -4.79
N GLU C 207 -15.40 -13.66 -3.84
CA GLU C 207 -14.61 -14.84 -3.46
C GLU C 207 -15.49 -15.90 -2.81
N ILE C 208 -16.42 -15.48 -1.95
CA ILE C 208 -17.30 -16.44 -1.31
C ILE C 208 -18.14 -17.16 -2.35
N LYS C 209 -18.71 -16.42 -3.30
CA LYS C 209 -19.50 -17.03 -4.35
C LYS C 209 -18.66 -17.97 -5.19
N ARG C 210 -17.44 -17.56 -5.53
CA ARG C 210 -16.57 -18.42 -6.32
C ARG C 210 -16.27 -19.72 -5.60
N LEU C 211 -15.98 -19.64 -4.30
CA LEU C 211 -15.70 -20.84 -3.53
C LEU C 211 -16.92 -21.74 -3.47
N LEU C 212 -18.10 -21.17 -3.24
CA LEU C 212 -19.29 -22.00 -3.08
C LEU C 212 -19.69 -22.64 -4.41
N GLU C 213 -19.54 -21.92 -5.51
CA GLU C 213 -19.82 -22.51 -6.82
C GLU C 213 -18.77 -23.52 -7.21
N GLY C 214 -17.56 -23.42 -6.67
CA GLY C 214 -16.54 -24.42 -6.98
C GLY C 214 -16.94 -25.81 -6.54
N ILE C 215 -17.55 -25.92 -5.37
CA ILE C 215 -17.90 -27.22 -4.81
C ILE C 215 -19.28 -27.66 -5.32
N GLY C 216 -19.84 -26.92 -6.26
CA GLY C 216 -21.02 -27.35 -6.97
C GLY C 216 -22.34 -26.83 -6.44
N LEU C 217 -22.35 -25.66 -5.80
CA LEU C 217 -23.58 -25.05 -5.32
C LEU C 217 -24.02 -23.94 -6.27
N LYS C 218 -25.32 -23.69 -6.26
CA LYS C 218 -25.88 -22.50 -6.90
C LYS C 218 -26.08 -21.44 -5.81
N VAL C 219 -25.47 -20.28 -5.99
CA VAL C 219 -25.29 -19.32 -4.93
C VAL C 219 -26.18 -18.12 -5.17
N ASN C 220 -26.97 -17.76 -4.16
CA ASN C 220 -27.67 -16.48 -4.11
C ASN C 220 -26.86 -15.58 -3.19
N ILE C 221 -25.92 -14.83 -3.77
CA ILE C 221 -25.07 -13.96 -2.97
C ILE C 221 -25.82 -12.71 -2.51
N LEU C 222 -26.82 -12.27 -3.25
CA LEU C 222 -27.82 -11.31 -2.79
C LEU C 222 -27.33 -9.88 -2.68
N PHE C 223 -26.04 -9.64 -2.86
CA PHE C 223 -25.48 -8.32 -2.73
C PHE C 223 -24.30 -8.17 -3.67
N GLY C 224 -24.06 -6.95 -4.13
CA GLY C 224 -22.86 -6.64 -4.86
C GLY C 224 -22.93 -6.97 -6.33
N PRO C 225 -21.80 -6.79 -7.03
CA PRO C 225 -21.80 -6.96 -8.49
C PRO C 225 -22.18 -8.36 -8.94
N GLN C 226 -21.82 -9.40 -8.18
CA GLN C 226 -22.08 -10.76 -8.61
C GLN C 226 -23.53 -11.17 -8.46
N SER C 227 -24.33 -10.41 -7.73
CA SER C 227 -25.73 -10.75 -7.53
C SER C 227 -26.54 -10.46 -8.79
N ALA C 228 -27.61 -11.21 -8.96
CA ALA C 228 -28.52 -11.01 -10.08
C ALA C 228 -29.59 -9.96 -9.80
N GLY C 229 -29.66 -9.45 -8.57
CA GLY C 229 -30.62 -8.44 -8.23
C GLY C 229 -31.84 -8.97 -7.52
N VAL C 230 -32.99 -8.36 -7.77
CA VAL C 230 -34.22 -8.78 -7.08
C VAL C 230 -34.66 -10.16 -7.54
N ALA C 231 -34.21 -10.61 -8.70
CA ALA C 231 -34.52 -11.97 -9.11
C ALA C 231 -33.91 -12.99 -8.14
N GLU C 232 -32.70 -12.71 -7.67
CA GLU C 232 -32.08 -13.58 -6.67
C GLU C 232 -32.87 -13.58 -5.37
N TRP C 233 -33.37 -12.41 -4.96
CA TRP C 233 -34.12 -12.33 -3.71
C TRP C 233 -35.47 -13.02 -3.84
N LYS C 234 -36.09 -12.93 -5.00
CA LYS C 234 -37.35 -13.63 -5.22
C LYS C 234 -37.17 -15.14 -5.16
N ALA C 235 -35.96 -15.64 -5.38
CA ALA C 235 -35.66 -17.05 -5.35
C ALA C 235 -35.17 -17.52 -3.99
N ILE C 236 -35.20 -16.66 -2.98
CA ILE C 236 -34.77 -17.07 -1.65
C ILE C 236 -35.53 -18.28 -1.16
N PRO C 237 -36.86 -18.36 -1.29
CA PRO C 237 -37.59 -19.52 -0.77
C PRO C 237 -37.21 -20.83 -1.44
N ARG C 238 -36.61 -20.79 -2.63
CA ARG C 238 -36.27 -21.98 -3.38
C ARG C 238 -34.89 -22.53 -3.05
N ALA C 239 -34.13 -21.86 -2.19
CA ALA C 239 -32.82 -22.35 -1.83
C ALA C 239 -32.93 -23.51 -0.86
N GLY C 240 -31.98 -24.44 -0.95
CA GLY C 240 -31.99 -25.59 -0.06
C GLY C 240 -31.78 -25.21 1.38
N PHE C 241 -30.87 -24.27 1.64
CA PHE C 241 -30.56 -23.88 3.00
C PHE C 241 -30.00 -22.46 2.98
N ASN C 242 -29.95 -21.86 4.16
CA ASN C 242 -29.34 -20.56 4.37
C ASN C 242 -27.99 -20.75 5.04
N LEU C 243 -26.97 -20.12 4.50
CA LEU C 243 -25.62 -20.14 5.08
C LEU C 243 -25.39 -18.80 5.73
N VAL C 244 -25.29 -18.80 7.06
CA VAL C 244 -24.96 -17.60 7.82
C VAL C 244 -23.45 -17.63 8.03
N LEU C 245 -22.72 -16.97 7.14
CA LEU C 245 -21.27 -16.96 7.18
C LEU C 245 -20.80 -15.72 7.94
N SER C 246 -21.07 -15.72 9.24
CA SER C 246 -20.66 -14.64 10.12
C SER C 246 -20.95 -15.08 11.55
N PRO C 247 -20.26 -14.49 12.53
CA PRO C 247 -20.53 -14.86 13.93
C PRO C 247 -21.98 -14.69 14.34
N TRP C 248 -22.55 -13.51 14.12
CA TRP C 248 -23.93 -13.27 14.53
C TRP C 248 -24.80 -12.59 13.49
N LEU C 249 -24.24 -11.86 12.52
CA LEU C 249 -25.08 -11.11 11.60
C LEU C 249 -25.67 -12.06 10.56
N GLY C 250 -26.99 -12.02 10.42
CA GLY C 250 -27.71 -12.93 9.57
C GLY C 250 -28.41 -14.05 10.31
N LEU C 251 -28.05 -14.29 11.57
CA LEU C 251 -28.74 -15.32 12.34
C LEU C 251 -30.22 -14.99 12.51
N ASP C 252 -30.52 -13.71 12.76
CA ASP C 252 -31.92 -13.29 12.86
C ASP C 252 -32.65 -13.58 11.55
N THR C 253 -32.05 -13.21 10.43
CA THR C 253 -32.66 -13.45 9.13
C THR C 253 -32.84 -14.94 8.87
N ALA C 254 -31.83 -15.75 9.20
CA ALA C 254 -31.92 -17.18 8.96
C ALA C 254 -33.00 -17.82 9.81
N ARG C 255 -33.14 -17.39 11.07
CA ARG C 255 -34.23 -17.89 11.90
C ARG C 255 -35.58 -17.48 11.33
N HIS C 256 -35.68 -16.24 10.86
CA HIS C 256 -36.92 -15.79 10.24
C HIS C 256 -37.27 -16.64 9.03
N LEU C 257 -36.28 -16.93 8.19
CA LEU C 257 -36.53 -17.75 7.00
C LEU C 257 -36.87 -19.17 7.37
N ASP C 258 -36.28 -19.70 8.45
CA ASP C 258 -36.65 -21.02 8.93
C ASP C 258 -38.11 -21.05 9.34
N ARG C 259 -38.55 -20.04 10.09
CA ARG C 259 -39.94 -19.98 10.51
C ARG C 259 -40.87 -19.84 9.31
N LYS C 260 -40.48 -19.00 8.35
CA LYS C 260 -41.36 -18.66 7.24
C LYS C 260 -41.45 -19.79 6.22
N TYR C 261 -40.31 -20.17 5.64
CA TYR C 261 -40.27 -21.15 4.56
C TYR C 261 -39.82 -22.53 5.02
N GLY C 262 -39.45 -22.70 6.28
CA GLY C 262 -38.95 -23.98 6.73
C GLY C 262 -37.58 -24.34 6.20
N GLN C 263 -36.79 -23.37 5.83
CA GLN C 263 -35.46 -23.63 5.30
C GLN C 263 -34.49 -23.93 6.42
N PRO C 264 -33.68 -24.99 6.30
CA PRO C 264 -32.63 -25.21 7.29
C PRO C 264 -31.53 -24.16 7.18
N THR C 265 -30.80 -23.99 8.28
CA THR C 265 -29.75 -22.99 8.38
C THR C 265 -28.44 -23.68 8.72
N LEU C 266 -27.37 -23.27 8.05
CA LEU C 266 -26.01 -23.65 8.41
C LEU C 266 -25.31 -22.39 8.89
N HIS C 267 -24.92 -22.38 10.16
CA HIS C 267 -24.17 -21.28 10.75
C HIS C 267 -22.70 -21.62 10.74
N ARG C 268 -21.91 -20.78 10.08
CA ARG C 268 -20.46 -20.97 9.96
C ARG C 268 -19.81 -19.70 10.49
N PRO C 269 -19.66 -19.58 11.81
CA PRO C 269 -19.29 -18.28 12.39
C PRO C 269 -17.96 -17.72 11.90
N ILE C 270 -17.01 -18.56 11.51
CA ILE C 270 -15.70 -18.09 11.07
C ILE C 270 -15.70 -17.99 9.56
N ILE C 271 -15.52 -16.78 9.05
CA ILE C 271 -15.36 -16.57 7.61
C ILE C 271 -13.96 -17.01 7.20
N PRO C 272 -13.82 -17.89 6.21
CA PRO C 272 -12.51 -18.50 5.96
C PRO C 272 -11.55 -17.56 5.25
N ILE C 273 -10.33 -17.50 5.76
CA ILE C 273 -9.20 -16.88 5.08
C ILE C 273 -8.08 -17.90 5.07
N GLY C 274 -7.51 -18.13 3.89
CA GLY C 274 -6.43 -19.08 3.76
C GLY C 274 -6.91 -20.48 3.45
N ALA C 275 -5.95 -21.37 3.20
CA ALA C 275 -6.26 -22.70 2.71
C ALA C 275 -6.84 -23.59 3.80
N LYS C 276 -6.28 -23.53 5.00
CA LYS C 276 -6.74 -24.41 6.06
C LYS C 276 -8.20 -24.15 6.41
N GLU C 277 -8.51 -22.90 6.75
CA GLU C 277 -9.87 -22.56 7.15
C GLU C 277 -10.83 -22.67 5.97
N THR C 278 -10.38 -22.30 4.78
CA THR C 278 -11.26 -22.39 3.61
C THR C 278 -11.59 -23.84 3.28
N GLY C 279 -10.61 -24.74 3.38
CA GLY C 279 -10.89 -26.14 3.17
C GLY C 279 -11.84 -26.69 4.21
N ALA C 280 -11.64 -26.32 5.48
CA ALA C 280 -12.57 -26.74 6.51
C ALA C 280 -13.98 -26.25 6.23
N PHE C 281 -14.11 -24.99 5.83
CA PHE C 281 -15.42 -24.40 5.55
C PHE C 281 -16.09 -25.09 4.37
N LEU C 282 -15.33 -25.34 3.30
CA LEU C 282 -15.91 -25.98 2.13
C LEU C 282 -16.34 -27.40 2.43
N ARG C 283 -15.53 -28.15 3.18
CA ARG C 283 -15.91 -29.50 3.54
C ARG C 283 -17.12 -29.51 4.45
N GLU C 284 -17.21 -28.53 5.36
CA GLU C 284 -18.39 -28.44 6.22
C GLU C 284 -19.65 -28.15 5.42
N VAL C 285 -19.57 -27.24 4.47
CA VAL C 285 -20.74 -26.93 3.64
C VAL C 285 -21.12 -28.12 2.78
N ALA C 286 -20.11 -28.83 2.24
CA ALA C 286 -20.41 -30.01 1.44
C ALA C 286 -21.08 -31.09 2.27
N ALA C 287 -20.62 -31.29 3.50
CA ALA C 287 -21.25 -32.25 4.38
C ALA C 287 -22.68 -31.85 4.68
N PHE C 288 -22.92 -30.56 4.92
CA PHE C 288 -24.27 -30.11 5.24
C PHE C 288 -25.21 -30.31 4.06
N ALA C 289 -24.81 -29.86 2.87
CA ALA C 289 -25.68 -29.87 1.71
C ALA C 289 -25.69 -31.21 0.99
N GLY C 290 -24.88 -32.17 1.43
CA GLY C 290 -24.81 -33.45 0.74
C GLY C 290 -24.26 -33.36 -0.66
N LEU C 291 -23.23 -32.53 -0.86
CA LEU C 291 -22.64 -32.36 -2.17
C LEU C 291 -21.73 -33.54 -2.51
N ASP C 292 -21.43 -33.67 -3.80
CA ASP C 292 -20.55 -34.72 -4.26
C ASP C 292 -19.14 -34.47 -3.72
N SER C 293 -18.57 -35.49 -3.07
CA SER C 293 -17.29 -35.30 -2.40
C SER C 293 -16.14 -35.25 -3.39
N ALA C 294 -16.24 -35.95 -4.53
CA ALA C 294 -15.17 -35.91 -5.51
C ALA C 294 -14.98 -34.50 -6.05
N VAL C 295 -16.08 -33.82 -6.37
CA VAL C 295 -16.00 -32.46 -6.87
C VAL C 295 -15.40 -31.53 -5.82
N VAL C 296 -15.85 -31.67 -4.58
CA VAL C 296 -15.36 -30.82 -3.50
C VAL C 296 -13.86 -31.00 -3.33
N GLU C 297 -13.41 -32.26 -3.32
CA GLU C 297 -11.99 -32.51 -3.12
C GLU C 297 -11.17 -32.04 -4.31
N ALA C 298 -11.67 -32.20 -5.53
CA ALA C 298 -10.94 -31.71 -6.69
C ALA C 298 -10.78 -30.19 -6.63
N PHE C 299 -11.86 -29.48 -6.31
CA PHE C 299 -11.78 -28.04 -6.20
C PHE C 299 -10.80 -27.63 -5.10
N ILE C 300 -10.87 -28.29 -3.95
CA ILE C 300 -10.00 -27.93 -2.84
C ILE C 300 -8.55 -28.17 -3.20
N THR C 301 -8.26 -29.30 -3.86
CA THR C 301 -6.87 -29.60 -4.18
C THR C 301 -6.32 -28.62 -5.22
N ALA C 302 -7.14 -28.22 -6.19
CA ALA C 302 -6.66 -27.22 -7.16
C ALA C 302 -6.38 -25.88 -6.48
N GLU C 303 -7.33 -25.42 -5.67
CA GLU C 303 -7.14 -24.15 -4.98
C GLU C 303 -5.92 -24.21 -4.08
N GLU C 304 -5.74 -25.32 -3.37
CA GLU C 304 -4.58 -25.48 -2.50
C GLU C 304 -3.29 -25.50 -3.30
N ALA C 305 -3.29 -26.14 -4.46
CA ALA C 305 -2.09 -26.12 -5.29
C ALA C 305 -1.66 -24.68 -5.56
N VAL C 306 -2.59 -23.86 -6.04
CA VAL C 306 -2.25 -22.47 -6.34
C VAL C 306 -1.79 -21.75 -5.06
N TYR C 307 -2.59 -21.87 -4.00
CA TYR C 307 -2.34 -21.13 -2.78
C TYR C 307 -0.99 -21.47 -2.19
N TYR C 308 -0.64 -22.75 -2.15
CA TYR C 308 0.60 -23.16 -1.54
C TYR C 308 1.79 -22.95 -2.45
N ARG C 309 1.60 -22.87 -3.77
CA ARG C 309 2.69 -22.38 -4.60
C ARG C 309 3.05 -20.95 -4.22
N TYR C 310 2.03 -20.11 -4.07
CA TYR C 310 2.32 -18.73 -3.68
C TYR C 310 2.90 -18.66 -2.27
N LEU C 311 2.40 -19.48 -1.35
CA LEU C 311 2.93 -19.48 0.01
C LEU C 311 4.37 -19.97 0.03
N GLU C 312 4.71 -20.94 -0.82
CA GLU C 312 6.10 -21.36 -0.96
C GLU C 312 6.96 -20.19 -1.40
N ASP C 313 6.48 -19.41 -2.37
CA ASP C 313 7.24 -18.24 -2.76
C ASP C 313 7.39 -17.27 -1.60
N PHE C 314 6.35 -17.14 -0.77
CA PHE C 314 6.36 -16.19 0.33
C PHE C 314 7.26 -16.65 1.48
N THR C 315 7.49 -17.95 1.60
CA THR C 315 8.23 -18.46 2.76
C THR C 315 9.63 -17.89 2.84
N ASP C 316 10.26 -17.61 1.70
CA ASP C 316 11.60 -17.03 1.73
C ASP C 316 11.58 -15.71 2.50
N PHE C 317 10.67 -14.82 2.13
CA PHE C 317 10.55 -13.56 2.85
C PHE C 317 10.18 -13.79 4.30
N TYR C 318 9.21 -14.66 4.55
CA TYR C 318 8.69 -14.82 5.91
C TYR C 318 9.75 -15.36 6.86
N ALA C 319 10.63 -16.23 6.38
CA ALA C 319 11.62 -16.85 7.24
C ALA C 319 12.95 -16.13 7.25
N GLU C 320 13.31 -15.45 6.17
CA GLU C 320 14.63 -14.87 6.03
C GLU C 320 14.69 -13.41 6.43
N TYR C 321 13.61 -12.66 6.31
CA TYR C 321 13.66 -11.21 6.42
C TYR C 321 14.52 -10.76 7.60
N TRP C 322 15.59 -10.03 7.29
CA TRP C 322 16.60 -9.72 8.30
C TRP C 322 16.02 -8.87 9.42
N TRP C 323 15.25 -7.85 9.07
CA TRP C 323 14.92 -6.77 9.99
C TRP C 323 13.71 -7.09 10.86
N GLY C 324 13.29 -8.34 10.90
CA GLY C 324 12.26 -8.76 11.82
C GLY C 324 10.88 -8.33 11.41
N LEU C 325 9.90 -9.17 11.68
CA LEU C 325 8.50 -8.90 11.40
C LEU C 325 7.71 -8.90 12.69
N PRO C 326 6.56 -8.22 12.72
CA PRO C 326 5.77 -8.18 13.95
C PRO C 326 5.41 -9.57 14.43
N ALA C 327 5.51 -9.78 15.74
CA ALA C 327 5.15 -11.05 16.35
C ALA C 327 3.75 -11.05 16.92
N LYS C 328 3.29 -9.91 17.43
CA LYS C 328 1.97 -9.77 18.03
C LYS C 328 1.13 -8.84 17.19
N PHE C 329 -0.18 -9.01 17.29
CA PHE C 329 -1.13 -8.21 16.54
C PHE C 329 -2.30 -7.84 17.43
N ALA C 330 -2.98 -6.79 17.04
CA ALA C 330 -4.27 -6.42 17.63
C ALA C 330 -5.26 -6.23 16.51
N VAL C 331 -6.47 -6.73 16.69
CA VAL C 331 -7.54 -6.61 15.71
C VAL C 331 -8.70 -5.86 16.35
N ILE C 332 -9.08 -4.75 15.73
CA ILE C 332 -10.21 -3.94 16.18
C ILE C 332 -11.17 -3.82 15.01
N GLY C 333 -12.40 -4.28 15.19
CA GLY C 333 -13.37 -4.20 14.12
C GLY C 333 -14.59 -5.04 14.44
N ASP C 334 -15.45 -5.16 13.44
CA ASP C 334 -16.67 -5.93 13.60
C ASP C 334 -16.35 -7.40 13.83
N SER C 335 -17.31 -8.12 14.40
CA SER C 335 -17.05 -9.48 14.83
C SER C 335 -16.65 -10.38 13.66
N ALA C 336 -17.31 -10.22 12.51
CA ALA C 336 -17.02 -11.07 11.37
C ALA C 336 -15.55 -11.01 10.99
N TYR C 337 -15.10 -9.84 10.55
CA TYR C 337 -13.71 -9.70 10.13
C TYR C 337 -12.76 -9.84 11.30
N ASN C 338 -13.17 -9.43 12.50
CA ASN C 338 -12.30 -9.59 13.65
C ASN C 338 -11.93 -11.05 13.87
N LEU C 339 -12.94 -11.92 13.91
CA LEU C 339 -12.67 -13.33 14.13
C LEU C 339 -11.98 -13.97 12.93
N ALA C 340 -12.36 -13.57 11.72
CA ALA C 340 -11.70 -14.12 10.54
C ALA C 340 -10.21 -13.79 10.55
N LEU C 341 -9.88 -12.53 10.81
CA LEU C 341 -8.48 -12.12 10.84
C LEU C 341 -7.73 -12.78 11.98
N THR C 342 -8.35 -12.87 13.17
CA THR C 342 -7.67 -13.51 14.28
C THR C 342 -7.36 -14.96 13.95
N LYS C 343 -8.32 -15.67 13.39
CA LYS C 343 -8.11 -17.06 13.02
C LYS C 343 -6.98 -17.18 12.01
N PHE C 344 -7.00 -16.34 10.98
CA PHE C 344 -5.96 -16.44 9.95
C PHE C 344 -4.59 -16.11 10.50
N LEU C 345 -4.50 -15.06 11.33
CA LEU C 345 -3.21 -14.62 11.82
C LEU C 345 -2.65 -15.59 12.85
N VAL C 346 -3.52 -16.33 13.55
CA VAL C 346 -3.02 -17.30 14.51
C VAL C 346 -2.65 -18.60 13.82
N ASN C 347 -3.46 -19.04 12.87
CA ASN C 347 -3.31 -20.39 12.34
C ASN C 347 -2.45 -20.45 11.08
N GLN C 348 -2.61 -19.54 10.14
CA GLN C 348 -1.75 -19.54 8.97
C GLN C 348 -0.35 -19.05 9.34
N LEU C 349 -0.26 -17.81 9.79
CA LEU C 349 0.93 -17.30 10.43
C LEU C 349 0.86 -17.62 11.91
N GLY C 350 2.01 -17.75 12.54
CA GLY C 350 2.00 -18.05 13.95
C GLY C 350 2.02 -16.81 14.80
N LEU C 351 1.33 -15.76 14.36
CA LEU C 351 1.33 -14.52 15.10
C LEU C 351 0.62 -14.71 16.43
N ILE C 352 1.09 -13.99 17.44
CA ILE C 352 0.58 -14.11 18.80
C ILE C 352 -0.56 -13.11 18.98
N PRO C 353 -1.77 -13.54 19.33
CA PRO C 353 -2.86 -12.58 19.51
C PRO C 353 -2.62 -11.72 20.74
N GLY C 354 -2.51 -10.41 20.52
CA GLY C 354 -2.22 -9.49 21.61
C GLY C 354 -3.47 -8.88 22.20
N LEU C 355 -4.42 -8.49 21.35
CA LEU C 355 -5.63 -7.83 21.83
C LEU C 355 -6.65 -7.81 20.71
N GLN C 356 -7.83 -8.33 20.97
CA GLN C 356 -8.92 -8.33 20.00
C GLN C 356 -10.13 -7.66 20.63
N ILE C 357 -10.61 -6.61 19.99
CA ILE C 357 -11.79 -5.88 20.44
C ILE C 357 -12.80 -5.87 19.31
N ILE C 358 -14.03 -6.26 19.61
CA ILE C 358 -15.11 -6.26 18.65
C ILE C 358 -15.95 -5.01 18.87
N THR C 359 -16.18 -4.24 17.81
CA THR C 359 -16.75 -2.92 17.94
C THR C 359 -18.14 -2.77 17.33
N ASP C 360 -18.73 -3.84 16.80
CA ASP C 360 -20.05 -3.71 16.18
C ASP C 360 -21.19 -3.90 17.16
N ASN C 361 -20.90 -4.09 18.44
CA ASN C 361 -21.93 -4.13 19.47
C ASN C 361 -22.92 -5.25 19.20
N PRO C 362 -22.48 -6.51 19.20
CA PRO C 362 -23.39 -7.62 18.96
C PRO C 362 -24.35 -7.80 20.13
N PRO C 363 -25.48 -8.48 19.91
CA PRO C 363 -26.42 -8.71 21.01
C PRO C 363 -25.78 -9.51 22.13
N GLU C 364 -26.24 -9.24 23.36
CA GLU C 364 -25.66 -9.92 24.51
C GLU C 364 -25.81 -11.44 24.43
N GLU C 365 -26.80 -11.93 23.70
CA GLU C 365 -27.03 -13.36 23.63
C GLU C 365 -25.88 -14.08 22.93
N VAL C 366 -25.33 -13.48 21.87
CA VAL C 366 -24.34 -14.16 21.04
C VAL C 366 -22.92 -13.96 21.53
N ARG C 367 -22.70 -13.11 22.53
CA ARG C 367 -21.33 -12.73 22.87
C ARG C 367 -20.54 -13.89 23.44
N GLU C 368 -21.19 -14.78 24.19
CA GLU C 368 -20.45 -15.90 24.77
C GLU C 368 -20.00 -16.88 23.70
N ASP C 369 -20.80 -17.08 22.66
CA ASP C 369 -20.37 -17.96 21.58
C ASP C 369 -19.16 -17.38 20.85
N ILE C 370 -19.16 -16.07 20.62
CA ILE C 370 -18.00 -15.42 20.00
C ILE C 370 -16.78 -15.58 20.89
N ARG C 371 -16.94 -15.34 22.19
CA ARG C 371 -15.83 -15.50 23.10
C ARG C 371 -15.31 -16.94 23.06
N ALA C 372 -16.23 -17.92 22.96
CA ALA C 372 -15.82 -19.30 22.86
C ALA C 372 -14.99 -19.55 21.62
N HIS C 373 -15.41 -18.99 20.49
CA HIS C 373 -14.61 -19.09 19.28
C HIS C 373 -13.20 -18.57 19.53
N TYR C 374 -13.08 -17.49 20.29
CA TYR C 374 -11.76 -16.94 20.56
C TYR C 374 -10.97 -17.81 21.53
N HIS C 375 -11.65 -18.50 22.45
CA HIS C 375 -10.95 -19.34 23.41
C HIS C 375 -10.29 -20.53 22.76
N ALA C 376 -10.88 -21.06 21.70
CA ALA C 376 -10.35 -22.20 20.95
C ALA C 376 -9.81 -21.76 19.61
N ILE C 377 -9.19 -20.58 19.56
CA ILE C 377 -8.72 -20.03 18.29
C ILE C 377 -7.73 -20.97 17.63
N ALA C 378 -7.03 -21.77 18.42
CA ALA C 378 -6.18 -22.82 17.90
C ALA C 378 -6.15 -23.95 18.91
N ASP C 379 -5.64 -25.10 18.47
CA ASP C 379 -5.57 -26.25 19.36
C ASP C 379 -4.75 -25.95 20.61
N ASP C 380 -3.73 -25.11 20.47
CA ASP C 380 -2.84 -24.79 21.59
C ASP C 380 -2.76 -23.30 21.89
N VAL C 381 -3.57 -22.48 21.22
CA VAL C 381 -3.61 -21.04 21.47
C VAL C 381 -5.01 -20.71 21.97
N ALA C 382 -5.07 -20.00 23.08
CA ALA C 382 -6.32 -19.51 23.63
C ALA C 382 -6.19 -18.01 23.85
N THR C 383 -7.17 -17.25 23.38
CA THR C 383 -7.18 -15.81 23.57
C THR C 383 -8.60 -15.41 23.99
N ASP C 384 -8.86 -14.11 23.95
CA ASP C 384 -10.16 -13.60 24.36
C ASP C 384 -10.48 -12.37 23.52
N VAL C 385 -11.74 -12.00 23.52
CA VAL C 385 -12.23 -10.84 22.78
C VAL C 385 -13.04 -9.97 23.73
N SER C 386 -12.84 -8.67 23.64
CA SER C 386 -13.64 -7.70 24.36
C SER C 386 -14.64 -7.06 23.41
N PHE C 387 -15.58 -6.31 23.98
CA PHE C 387 -16.62 -5.64 23.22
C PHE C 387 -16.65 -4.18 23.66
N GLU C 388 -16.08 -3.30 22.86
CA GLU C 388 -16.07 -1.87 23.14
C GLU C 388 -16.51 -1.13 21.89
N GLU C 389 -17.25 -0.05 22.09
CA GLU C 389 -17.73 0.77 20.99
C GLU C 389 -17.18 2.18 21.01
N ASP C 390 -16.45 2.57 22.06
CA ASP C 390 -15.90 3.91 22.18
C ASP C 390 -14.40 3.83 21.88
N SER C 391 -13.95 4.66 20.93
CA SER C 391 -12.57 4.56 20.47
C SER C 391 -11.59 4.97 21.56
N TYR C 392 -11.98 5.86 22.47
CA TYR C 392 -11.09 6.20 23.55
C TYR C 392 -10.80 4.99 24.44
N THR C 393 -11.83 4.22 24.76
CA THR C 393 -11.64 3.02 25.56
C THR C 393 -10.78 2.02 24.80
N ILE C 394 -11.01 1.87 23.50
CA ILE C 394 -10.23 0.92 22.70
C ILE C 394 -8.76 1.33 22.71
N HIS C 395 -8.50 2.62 22.52
CA HIS C 395 -7.12 3.09 22.47
C HIS C 395 -6.44 2.96 23.83
N GLN C 396 -7.16 3.25 24.91
CA GLN C 396 -6.59 3.08 26.23
C GLN C 396 -6.27 1.61 26.49
N LYS C 397 -7.14 0.71 26.02
CA LYS C 397 -6.88 -0.71 26.18
C LYS C 397 -5.65 -1.13 25.40
N ILE C 398 -5.49 -0.62 24.18
CA ILE C 398 -4.32 -0.94 23.38
C ILE C 398 -3.06 -0.42 24.07
N ARG C 399 -3.11 0.80 24.60
CA ARG C 399 -1.96 1.37 25.27
C ARG C 399 -1.61 0.57 26.53
N ALA C 400 -2.63 0.13 27.27
CA ALA C 400 -2.39 -0.65 28.48
C ALA C 400 -1.91 -2.06 28.20
N THR C 401 -1.95 -2.50 26.94
CA THR C 401 -1.56 -3.86 26.59
C THR C 401 -0.05 -3.94 26.38
N ASP C 402 0.52 -5.06 26.77
CA ASP C 402 1.95 -5.32 26.61
C ASP C 402 2.13 -6.18 25.37
N PHE C 403 2.74 -5.61 24.33
CA PHE C 403 2.94 -6.29 23.07
C PHE C 403 4.34 -6.86 22.92
N GLY C 404 5.14 -6.84 23.97
CA GLY C 404 6.46 -7.40 23.91
C GLY C 404 7.51 -6.39 23.49
N HIS C 405 8.67 -6.93 23.10
CA HIS C 405 9.82 -6.09 22.76
C HIS C 405 9.76 -5.55 21.33
N LYS C 406 8.79 -5.98 20.53
CA LYS C 406 8.57 -5.44 19.20
C LYS C 406 7.26 -4.68 19.16
N ALA C 407 7.17 -3.75 18.21
CA ALA C 407 5.91 -3.06 17.99
C ALA C 407 4.93 -4.01 17.33
N PRO C 408 3.66 -3.98 17.72
CA PRO C 408 2.69 -4.89 17.13
C PRO C 408 2.23 -4.38 15.77
N ILE C 409 1.36 -5.15 15.14
CA ILE C 409 0.65 -4.73 13.94
C ILE C 409 -0.81 -4.58 14.29
N LEU C 410 -1.38 -3.42 14.02
CA LEU C 410 -2.77 -3.14 14.32
C LEU C 410 -3.61 -3.40 13.07
N PHE C 411 -4.67 -4.18 13.23
CA PHE C 411 -5.69 -4.35 12.22
C PHE C 411 -6.90 -3.58 12.73
N GLY C 412 -7.11 -2.38 12.22
CA GLY C 412 -8.16 -1.51 12.71
C GLY C 412 -8.66 -0.59 11.65
N THR C 413 -8.85 0.67 11.99
CA THR C 413 -9.45 1.63 11.09
C THR C 413 -8.58 2.88 11.01
N THR C 414 -9.09 3.94 10.38
CA THR C 414 -8.35 5.20 10.34
C THR C 414 -8.18 5.77 11.73
N TRP C 415 -9.09 5.44 12.65
CA TRP C 415 -8.98 5.97 14.00
C TRP C 415 -7.72 5.51 14.71
N GLU C 416 -7.13 4.41 14.26
CA GLU C 416 -5.96 3.84 14.92
C GLU C 416 -4.65 4.25 14.29
N ARG C 417 -4.67 5.14 13.30
CA ARG C 417 -3.43 5.55 12.63
C ARG C 417 -2.51 6.27 13.61
N ASP C 418 -3.05 7.25 14.34
CA ASP C 418 -2.23 7.97 15.31
C ASP C 418 -1.70 7.04 16.38
N LEU C 419 -2.54 6.13 16.87
CA LEU C 419 -2.11 5.17 17.87
C LEU C 419 -1.03 4.26 17.31
N ALA C 420 -1.18 3.83 16.06
CA ALA C 420 -0.16 2.99 15.45
C ALA C 420 1.17 3.71 15.36
N LYS C 421 1.15 4.99 14.97
CA LYS C 421 2.38 5.77 14.95
C LYS C 421 2.97 5.90 16.34
N GLU C 422 2.12 6.09 17.35
CA GLU C 422 2.60 6.20 18.72
C GLU C 422 3.29 4.92 19.17
N LEU C 423 2.76 3.77 18.77
CA LEU C 423 3.36 2.50 19.11
C LEU C 423 4.52 2.13 18.21
N LYS C 424 4.81 2.94 17.19
CA LYS C 424 5.89 2.66 16.25
C LYS C 424 5.68 1.33 15.55
N GLY C 425 4.41 1.04 15.22
CA GLY C 425 4.06 -0.20 14.55
C GLY C 425 3.27 0.07 13.27
N ALA C 426 2.97 -1.00 12.57
CA ALA C 426 2.21 -0.92 11.34
C ALA C 426 0.72 -1.00 11.63
N ILE C 427 -0.06 -0.41 10.74
CA ILE C 427 -1.51 -0.47 10.81
C ILE C 427 -2.04 -0.92 9.45
N VAL C 428 -2.97 -1.87 9.47
CA VAL C 428 -3.69 -2.29 8.27
C VAL C 428 -5.15 -1.95 8.49
N GLU C 429 -5.71 -1.13 7.61
CA GLU C 429 -7.12 -0.76 7.71
C GLU C 429 -7.96 -1.88 7.12
N VAL C 430 -8.81 -2.47 7.96
CA VAL C 430 -9.60 -3.64 7.57
C VAL C 430 -11.10 -3.42 7.75
N GLY C 431 -11.52 -2.23 8.17
CA GLY C 431 -12.93 -2.02 8.41
C GLY C 431 -13.25 -0.55 8.48
N PHE C 432 -14.53 -0.27 8.70
CA PHE C 432 -15.00 1.11 8.71
C PHE C 432 -14.43 1.85 9.91
N PRO C 433 -13.87 3.05 9.74
CA PRO C 433 -13.60 3.77 8.48
C PRO C 433 -12.22 3.48 7.92
N ALA C 434 -12.15 2.97 6.69
CA ALA C 434 -10.88 2.79 5.99
C ALA C 434 -10.71 3.98 5.05
N SER C 435 -10.34 5.12 5.64
CA SER C 435 -10.29 6.37 4.88
C SER C 435 -9.01 6.52 4.08
N TYR C 436 -8.06 5.60 4.20
CA TYR C 436 -6.81 5.68 3.45
C TYR C 436 -6.63 4.49 2.54
N GLU C 437 -7.71 3.83 2.16
CA GLU C 437 -7.70 2.77 1.17
C GLU C 437 -8.65 3.13 0.04
N VAL C 438 -8.20 2.94 -1.19
CA VAL C 438 -9.06 3.01 -2.35
C VAL C 438 -9.37 1.57 -2.75
N VAL C 439 -10.61 1.16 -2.53
CA VAL C 439 -11.00 -0.24 -2.65
C VAL C 439 -11.91 -0.37 -3.86
N LEU C 440 -11.44 -1.10 -4.87
CA LEU C 440 -12.30 -1.44 -5.99
C LEU C 440 -12.76 -2.89 -5.91
N SER C 441 -11.83 -3.84 -5.97
CA SER C 441 -12.17 -5.26 -6.04
C SER C 441 -11.29 -6.09 -5.12
N ARG C 442 -10.59 -5.45 -4.20
CA ARG C 442 -9.74 -6.15 -3.25
C ARG C 442 -10.58 -7.09 -2.39
N SER C 443 -10.00 -8.24 -2.06
CA SER C 443 -10.61 -9.19 -1.15
C SER C 443 -9.55 -9.71 -0.20
N TYR C 444 -9.98 -10.12 0.99
CA TYR C 444 -9.09 -10.72 1.97
C TYR C 444 -9.60 -12.08 2.44
N LEU C 445 -10.52 -12.69 1.71
CA LEU C 445 -11.14 -13.94 2.10
C LEU C 445 -10.69 -15.08 1.20
N GLY C 446 -10.99 -16.29 1.64
CA GLY C 446 -10.78 -17.45 0.80
C GLY C 446 -9.32 -17.70 0.49
N TYR C 447 -9.07 -18.23 -0.70
CA TYR C 447 -7.72 -18.60 -1.10
C TYR C 447 -6.96 -17.41 -1.66
N ARG C 448 -7.58 -16.66 -2.58
CA ARG C 448 -6.90 -15.54 -3.21
C ARG C 448 -6.86 -14.32 -2.31
N GLY C 449 -7.94 -14.08 -1.57
CA GLY C 449 -7.95 -12.98 -0.64
C GLY C 449 -6.89 -13.13 0.44
N ALA C 450 -6.58 -14.36 0.84
CA ALA C 450 -5.53 -14.57 1.82
C ALA C 450 -4.18 -14.07 1.30
N LEU C 451 -3.88 -14.37 0.04
CA LEU C 451 -2.63 -13.89 -0.54
C LEU C 451 -2.63 -12.37 -0.67
N THR C 452 -3.78 -11.80 -1.08
CA THR C 452 -3.86 -10.34 -1.14
C THR C 452 -3.63 -9.73 0.24
N LEU C 453 -4.18 -10.34 1.28
CA LEU C 453 -4.02 -9.85 2.63
C LEU C 453 -2.57 -9.94 3.08
N LEU C 454 -1.90 -11.03 2.76
CA LEU C 454 -0.47 -11.13 3.09
C LEU C 454 0.32 -10.04 2.39
N GLU C 455 0.03 -9.80 1.12
CA GLU C 455 0.70 -8.73 0.40
C GLU C 455 0.50 -7.40 1.10
N LYS C 456 -0.74 -7.09 1.47
CA LYS C 456 -1.01 -5.82 2.14
C LYS C 456 -0.26 -5.73 3.47
N ILE C 457 -0.37 -6.76 4.30
CA ILE C 457 0.25 -6.72 5.62
C ILE C 457 1.74 -6.46 5.50
N TYR C 458 2.41 -7.26 4.68
CA TYR C 458 3.86 -7.23 4.69
C TYR C 458 4.45 -6.21 3.73
N THR C 459 3.63 -5.60 2.88
CA THR C 459 4.04 -4.36 2.24
C THR C 459 3.95 -3.20 3.21
N THR C 460 2.99 -3.25 4.13
CA THR C 460 2.92 -2.21 5.16
C THR C 460 4.08 -2.33 6.14
N THR C 461 4.42 -3.55 6.57
CA THR C 461 5.49 -3.70 7.54
C THR C 461 6.84 -3.26 6.97
N VAL C 462 7.15 -3.64 5.73
CA VAL C 462 8.45 -3.31 5.15
C VAL C 462 8.55 -1.85 4.78
N SER C 463 7.44 -1.13 4.72
CA SER C 463 7.45 0.28 4.37
C SER C 463 7.90 1.16 5.53
N ALA C 464 8.44 0.58 6.58
CA ALA C 464 8.95 1.39 7.69
C ALA C 464 10.08 2.29 7.22
N SER C 465 10.95 1.79 6.34
CA SER C 465 12.06 2.56 5.79
C SER C 465 11.77 3.11 4.40
N ALA C 466 10.52 3.03 3.95
CA ALA C 466 10.16 3.51 2.62
C ALA C 466 10.08 5.03 2.60
N THR D 22 28.11 8.49 -21.84
CA THR D 22 29.10 7.90 -20.95
C THR D 22 28.87 6.42 -20.78
N ASN D 23 29.78 5.76 -20.06
CA ASN D 23 29.68 4.34 -19.78
C ASN D 23 29.13 4.05 -18.40
N SER D 24 29.36 4.94 -17.44
CA SER D 24 28.96 4.69 -16.06
C SER D 24 27.47 4.41 -15.98
N ILE D 25 27.11 3.40 -15.18
CA ILE D 25 25.73 3.15 -14.83
C ILE D 25 25.63 3.16 -13.32
N GLU D 26 24.89 4.13 -12.80
CA GLU D 26 24.65 4.27 -11.37
C GLU D 26 23.29 3.69 -11.05
N GLN D 27 23.22 2.86 -10.01
CA GLN D 27 21.96 2.27 -9.57
C GLN D 27 21.31 1.46 -10.70
N VAL D 28 21.99 0.35 -11.01
CA VAL D 28 21.66 -0.52 -12.13
C VAL D 28 20.17 -0.79 -12.24
N ARG D 29 19.65 -0.75 -13.46
CA ARG D 29 18.25 -1.04 -13.75
C ARG D 29 18.02 -2.46 -14.23
N TYR D 30 19.06 -3.29 -14.25
CA TYR D 30 18.93 -4.68 -14.68
C TYR D 30 20.22 -5.40 -14.27
N ILE D 31 20.33 -6.67 -14.66
CA ILE D 31 21.45 -7.51 -14.31
C ILE D 31 22.01 -8.13 -15.59
N CYS D 32 23.03 -8.96 -15.45
CA CYS D 32 23.71 -9.51 -16.62
C CYS D 32 22.90 -10.64 -17.23
N SER D 33 23.41 -11.16 -18.35
CA SER D 33 22.70 -12.20 -19.07
C SER D 33 22.51 -13.44 -18.20
N ILE D 34 23.53 -13.81 -17.43
CA ILE D 34 23.41 -14.99 -16.59
C ILE D 34 22.32 -14.83 -15.56
N GLY D 35 21.87 -13.60 -15.30
CA GLY D 35 20.69 -13.39 -14.50
C GLY D 35 19.43 -13.94 -15.14
N ALA D 36 19.50 -14.34 -16.40
CA ALA D 36 18.41 -15.04 -17.06
C ALA D 36 18.21 -16.44 -16.50
N MET D 37 19.05 -16.87 -15.55
CA MET D 37 18.79 -18.12 -14.87
C MET D 37 17.44 -18.10 -14.17
N HIS D 38 16.93 -16.90 -13.88
CA HIS D 38 15.60 -16.80 -13.29
C HIS D 38 14.51 -17.17 -14.29
N SER D 39 14.74 -16.91 -15.57
CA SER D 39 13.80 -17.37 -16.58
C SER D 39 13.73 -18.89 -16.59
N ALA D 40 14.87 -19.55 -16.48
CA ALA D 40 14.87 -21.01 -16.41
C ALA D 40 14.17 -21.51 -15.15
N SER D 41 14.43 -20.87 -14.01
CA SER D 41 13.81 -21.30 -12.77
C SER D 41 12.34 -20.92 -12.69
N ALA D 42 11.85 -20.07 -13.60
CA ALA D 42 10.44 -19.75 -13.64
C ALA D 42 9.61 -20.86 -14.27
N ILE D 43 10.23 -21.77 -14.99
CA ILE D 43 9.52 -22.95 -15.51
C ILE D 43 9.39 -23.97 -14.39
N PRO D 44 8.19 -24.45 -14.09
CA PRO D 44 8.05 -25.41 -12.97
C PRO D 44 8.95 -26.61 -13.13
N ARG D 45 9.62 -26.97 -12.04
CA ARG D 45 10.48 -28.16 -11.98
C ARG D 45 11.63 -28.08 -13.00
N VAL D 46 12.17 -26.88 -13.18
CA VAL D 46 13.38 -26.66 -13.96
C VAL D 46 14.40 -25.99 -13.06
N ILE D 47 15.59 -26.54 -13.02
CA ILE D 47 16.64 -26.07 -12.11
C ILE D 47 17.81 -25.56 -12.96
N PRO D 48 18.18 -24.29 -12.86
CA PRO D 48 19.38 -23.82 -13.54
C PRO D 48 20.65 -24.17 -12.79
N ILE D 49 21.70 -24.43 -13.55
CA ILE D 49 23.02 -24.70 -13.02
C ILE D 49 23.93 -23.61 -13.53
N THR D 50 24.41 -22.76 -12.63
CA THR D 50 25.17 -21.59 -13.01
C THR D 50 26.66 -21.89 -12.99
N HIS D 51 27.39 -21.31 -13.95
CA HIS D 51 28.83 -21.47 -14.07
C HIS D 51 29.39 -20.08 -14.41
N CYS D 52 29.72 -19.32 -13.37
CA CYS D 52 30.20 -17.95 -13.53
C CYS D 52 31.70 -17.84 -13.39
N GLY D 53 32.40 -18.96 -13.25
CA GLY D 53 33.81 -18.96 -12.96
C GLY D 53 34.09 -19.82 -11.75
N PRO D 54 34.85 -19.30 -10.78
CA PRO D 54 34.86 -19.94 -9.46
C PRO D 54 33.48 -20.01 -8.82
N GLY D 55 32.61 -19.05 -9.11
CA GLY D 55 31.24 -19.07 -8.65
C GLY D 55 31.07 -18.49 -7.27
N CYS D 56 31.51 -17.24 -7.07
CA CYS D 56 31.41 -16.62 -5.76
C CYS D 56 29.98 -16.21 -5.45
N ALA D 57 29.40 -15.36 -6.28
CA ALA D 57 28.14 -14.68 -5.98
C ALA D 57 27.13 -14.92 -7.09
N ASP D 58 26.91 -16.18 -7.46
CA ASP D 58 25.63 -16.53 -8.07
C ASP D 58 24.49 -16.12 -7.16
N LYS D 59 24.75 -16.08 -5.85
CA LYS D 59 23.79 -15.58 -4.88
C LYS D 59 23.38 -14.16 -5.19
N GLN D 60 24.22 -13.40 -5.90
CA GLN D 60 23.88 -12.03 -6.25
C GLN D 60 22.58 -11.96 -7.04
N PHE D 61 22.17 -13.05 -7.67
CA PHE D 61 20.92 -13.11 -8.43
C PHE D 61 19.78 -13.74 -7.65
N MET D 62 19.92 -14.99 -7.23
CA MET D 62 18.86 -15.62 -6.45
C MET D 62 18.50 -14.80 -5.23
N ASN D 63 19.35 -13.84 -4.85
CA ASN D 63 18.98 -12.85 -3.84
C ASN D 63 18.56 -11.52 -4.44
N VAL D 64 18.88 -11.26 -5.71
CA VAL D 64 18.39 -10.04 -6.35
C VAL D 64 16.89 -10.14 -6.58
N ALA D 65 16.40 -11.31 -6.97
CA ALA D 65 14.97 -11.50 -7.11
C ALA D 65 14.27 -11.34 -5.77
N PHE D 66 14.98 -11.61 -4.68
CA PHE D 66 14.40 -11.41 -3.35
C PHE D 66 14.18 -9.93 -3.07
N TYR D 67 15.05 -9.06 -3.55
CA TYR D 67 14.92 -7.63 -3.34
C TYR D 67 14.15 -6.94 -4.45
N ASN D 68 13.68 -7.71 -5.43
CA ASN D 68 12.47 -7.36 -6.17
C ASN D 68 11.35 -7.69 -5.19
N GLY D 69 10.11 -7.84 -5.63
CA GLY D 69 9.04 -7.85 -4.66
C GLY D 69 9.01 -9.06 -3.73
N PHE D 70 10.15 -9.36 -3.10
CA PHE D 70 10.24 -10.35 -2.02
C PHE D 70 9.57 -11.66 -2.40
N GLN D 71 9.90 -12.16 -3.58
CA GLN D 71 9.21 -13.34 -4.10
C GLN D 71 10.00 -14.63 -3.94
N GLY D 72 11.31 -14.60 -4.14
CA GLY D 72 12.09 -15.81 -3.91
C GLY D 72 11.86 -16.85 -5.00
N GLY D 73 12.88 -17.62 -5.32
CA GLY D 73 12.82 -18.53 -6.45
C GLY D 73 12.58 -19.96 -6.06
N GLY D 74 12.12 -20.20 -4.83
CA GLY D 74 11.99 -21.56 -4.34
C GLY D 74 11.16 -22.45 -5.24
N TYR D 75 10.22 -21.86 -5.98
CA TYR D 75 9.41 -22.65 -6.90
C TYR D 75 10.29 -23.42 -7.89
N GLY D 76 11.42 -22.84 -8.29
CA GLY D 76 12.32 -23.51 -9.20
C GLY D 76 13.80 -23.29 -8.90
N GLY D 77 14.10 -22.57 -7.82
CA GLY D 77 15.48 -22.20 -7.56
C GLY D 77 15.70 -21.55 -6.21
N GLY D 78 16.51 -20.50 -6.18
CA GLY D 78 16.94 -19.89 -4.94
C GLY D 78 18.26 -20.47 -4.49
N ALA D 79 18.41 -20.73 -3.20
CA ALA D 79 19.58 -21.46 -2.73
C ALA D 79 19.63 -22.87 -3.33
N VAL D 80 18.50 -23.34 -3.88
CA VAL D 80 18.47 -24.64 -4.53
C VAL D 80 19.41 -24.68 -5.73
N VAL D 81 19.68 -23.52 -6.33
CA VAL D 81 20.42 -23.45 -7.59
C VAL D 81 21.86 -23.91 -7.38
N PRO D 82 22.31 -24.95 -8.08
CA PRO D 82 23.75 -25.26 -8.06
C PRO D 82 24.55 -24.19 -8.76
N SER D 83 25.80 -24.03 -8.31
CA SER D 83 26.68 -23.03 -8.89
C SER D 83 28.11 -23.48 -8.75
N THR D 84 28.92 -23.12 -9.74
CA THR D 84 30.35 -23.45 -9.74
C THR D 84 31.06 -22.71 -8.62
N GLY D 94 40.94 -24.73 -15.84
CA GLY D 94 39.94 -25.21 -16.77
C GLY D 94 38.59 -25.45 -16.11
N GLY D 95 37.57 -24.76 -16.59
CA GLY D 95 36.24 -24.92 -16.05
C GLY D 95 35.48 -26.12 -16.56
N ALA D 96 35.95 -26.76 -17.63
CA ALA D 96 35.25 -27.92 -18.17
C ALA D 96 35.19 -29.04 -17.15
N GLU D 97 36.33 -29.36 -16.53
CA GLU D 97 36.35 -30.41 -15.52
C GLU D 97 35.47 -30.04 -14.32
N ARG D 98 35.56 -28.79 -13.88
CA ARG D 98 34.84 -28.38 -12.69
C ARG D 98 33.34 -28.26 -12.98
N LEU D 99 32.99 -27.77 -14.17
CA LEU D 99 31.59 -27.76 -14.58
C LEU D 99 31.04 -29.18 -14.69
N ASP D 100 31.84 -30.10 -15.21
CA ASP D 100 31.40 -31.49 -15.30
C ASP D 100 31.17 -32.08 -13.92
N GLU D 101 32.06 -31.78 -12.98
CA GLU D 101 31.85 -32.23 -11.61
C GLU D 101 30.56 -31.65 -11.04
N LEU D 102 30.31 -30.36 -11.28
CA LEU D 102 29.09 -29.74 -10.78
C LEU D 102 27.86 -30.41 -11.37
N ILE D 103 27.86 -30.65 -12.67
CA ILE D 103 26.70 -31.28 -13.30
C ILE D 103 26.48 -32.67 -12.73
N GLY D 104 27.56 -33.43 -12.57
CA GLY D 104 27.42 -34.75 -11.99
C GLY D 104 26.83 -34.72 -10.59
N ALA D 105 27.29 -33.77 -9.76
CA ALA D 105 26.78 -33.66 -8.41
C ALA D 105 25.30 -33.27 -8.41
N SER D 106 24.94 -32.28 -9.21
CA SER D 106 23.55 -31.81 -9.23
C SER D 106 22.61 -32.89 -9.74
N LEU D 107 23.05 -33.66 -10.73
CA LEU D 107 22.18 -34.67 -11.32
C LEU D 107 21.76 -35.71 -10.30
N GLN D 108 22.67 -36.09 -9.40
CA GLN D 108 22.41 -37.16 -8.44
C GLN D 108 21.71 -36.67 -7.18
N VAL D 109 21.55 -35.37 -6.99
CA VAL D 109 20.94 -34.80 -5.79
C VAL D 109 19.56 -34.25 -6.10
N LEU D 110 19.45 -33.43 -7.14
CA LEU D 110 18.24 -32.67 -7.39
C LEU D 110 17.32 -33.41 -8.36
N ASP D 111 16.02 -33.35 -8.07
CA ASP D 111 14.99 -33.94 -8.92
C ASP D 111 14.39 -32.82 -9.75
N ALA D 112 14.76 -32.78 -11.03
CA ALA D 112 14.28 -31.74 -11.93
C ALA D 112 13.84 -32.37 -13.24
N ASP D 113 12.82 -31.76 -13.85
CA ASP D 113 12.41 -32.18 -15.18
C ASP D 113 13.40 -31.73 -16.24
N LEU D 114 14.18 -30.69 -15.95
CA LEU D 114 15.12 -30.15 -16.92
C LEU D 114 16.16 -29.32 -16.19
N PHE D 115 17.41 -29.45 -16.60
CA PHE D 115 18.50 -28.64 -16.08
C PHE D 115 18.97 -27.69 -17.16
N VAL D 116 19.18 -26.43 -16.78
CA VAL D 116 19.67 -25.41 -17.69
C VAL D 116 21.02 -24.95 -17.16
N VAL D 117 22.06 -25.13 -17.97
CA VAL D 117 23.41 -24.74 -17.61
C VAL D 117 23.70 -23.39 -18.23
N LEU D 118 23.97 -22.40 -17.39
CA LEU D 118 24.28 -21.05 -17.83
C LEU D 118 25.73 -20.73 -17.50
N THR D 119 26.40 -20.05 -18.42
CA THR D 119 27.80 -19.70 -18.28
C THR D 119 27.95 -18.20 -18.12
N GLY D 120 28.96 -17.79 -17.36
CA GLY D 120 29.19 -16.39 -17.09
C GLY D 120 30.38 -15.81 -17.83
N CYS D 121 31.08 -14.89 -17.18
CA CYS D 121 32.22 -14.24 -17.81
C CYS D 121 33.37 -15.22 -18.03
N ILE D 122 33.87 -15.80 -16.93
CA ILE D 122 35.14 -16.54 -17.00
C ILE D 122 35.07 -17.67 -18.01
N PRO D 123 34.05 -18.52 -18.03
CA PRO D 123 33.99 -19.53 -19.10
C PRO D 123 34.04 -18.93 -20.49
N ASP D 124 33.43 -17.76 -20.68
CA ASP D 124 33.43 -17.13 -22.01
C ASP D 124 34.82 -16.62 -22.37
N LEU D 125 35.46 -15.90 -21.44
CA LEU D 125 36.76 -15.31 -21.72
C LEU D 125 37.82 -16.41 -21.89
N VAL D 126 37.86 -17.35 -20.96
CA VAL D 126 38.79 -18.47 -21.07
C VAL D 126 38.49 -19.28 -22.33
N GLY D 127 37.25 -19.26 -22.79
CA GLY D 127 36.88 -20.04 -23.96
C GLY D 127 36.53 -21.47 -23.66
N ASP D 128 35.99 -21.75 -22.47
CA ASP D 128 35.62 -23.11 -22.13
C ASP D 128 34.61 -23.66 -23.14
N ASP D 129 34.82 -24.92 -23.52
CA ASP D 129 33.91 -25.60 -24.45
C ASP D 129 32.80 -26.26 -23.62
N ILE D 130 31.74 -25.50 -23.39
CA ILE D 130 30.64 -26.01 -22.57
C ILE D 130 29.81 -27.03 -23.34
N GLY D 131 29.74 -26.89 -24.66
CA GLY D 131 29.03 -27.88 -25.45
C GLY D 131 29.60 -29.27 -25.26
N SER D 132 30.93 -29.38 -25.23
CA SER D 132 31.55 -30.68 -25.03
C SER D 132 31.27 -31.23 -23.64
N VAL D 133 31.17 -30.37 -22.64
CA VAL D 133 30.90 -30.84 -21.28
C VAL D 133 29.46 -31.32 -21.17
N VAL D 134 28.52 -30.61 -21.79
CA VAL D 134 27.10 -30.90 -21.60
C VAL D 134 26.54 -31.91 -22.59
N GLY D 135 27.17 -32.09 -23.75
CA GLY D 135 26.68 -33.00 -24.75
C GLY D 135 26.62 -34.44 -24.26
N PRO D 136 27.70 -34.91 -23.63
CA PRO D 136 27.71 -36.30 -23.17
C PRO D 136 26.50 -36.67 -22.33
N TYR D 137 26.05 -35.78 -21.45
CA TYR D 137 24.86 -36.06 -20.67
C TYR D 137 23.63 -36.14 -21.58
N GLN D 138 23.54 -35.25 -22.57
CA GLN D 138 22.38 -35.25 -23.46
C GLN D 138 22.31 -36.55 -24.26
N LYS D 139 23.46 -37.01 -24.78
CA LYS D 139 23.48 -38.30 -25.46
C LYS D 139 23.12 -39.43 -24.51
N ARG D 140 23.43 -39.27 -23.22
CA ARG D 140 23.01 -40.22 -22.20
C ARG D 140 21.52 -40.16 -21.94
N GLY D 141 20.82 -39.16 -22.46
CA GLY D 141 19.39 -39.03 -22.29
C GLY D 141 18.97 -38.10 -21.16
N VAL D 142 19.91 -37.45 -20.49
CA VAL D 142 19.55 -36.55 -19.40
C VAL D 142 18.81 -35.35 -19.96
N PRO D 143 17.79 -34.82 -19.28
CA PRO D 143 17.16 -33.59 -19.75
C PRO D 143 17.95 -32.36 -19.33
N ILE D 144 18.97 -32.01 -20.09
CA ILE D 144 19.86 -30.92 -19.77
C ILE D 144 20.11 -30.10 -21.01
N VAL D 145 20.15 -28.76 -20.85
CA VAL D 145 20.51 -27.85 -21.92
C VAL D 145 21.55 -26.89 -21.37
N TYR D 146 22.29 -26.27 -22.28
CA TYR D 146 23.28 -25.25 -21.90
C TYR D 146 23.07 -24.02 -22.76
N ALA D 147 23.19 -22.85 -22.12
CA ALA D 147 23.12 -21.58 -22.81
C ALA D 147 24.39 -20.80 -22.55
N GLU D 148 25.03 -20.33 -23.61
CA GLU D 148 26.24 -19.51 -23.50
C GLU D 148 25.79 -18.07 -23.32
N THR D 149 25.86 -17.57 -22.10
CA THR D 149 25.21 -16.32 -21.71
C THR D 149 26.21 -15.40 -21.00
N GLY D 150 27.39 -15.25 -21.60
CA GLY D 150 28.41 -14.36 -21.07
C GLY D 150 27.88 -13.03 -20.57
N GLY D 151 28.23 -12.67 -19.34
CA GLY D 151 27.58 -11.54 -18.69
C GLY D 151 27.83 -10.22 -19.39
N PHE D 152 29.07 -9.98 -19.85
CA PHE D 152 29.39 -8.71 -20.46
C PHE D 152 28.78 -8.53 -21.83
N ARG D 153 28.15 -9.57 -22.39
CA ARG D 153 27.54 -9.44 -23.71
C ARG D 153 26.28 -8.59 -23.66
N GLY D 154 25.41 -8.82 -22.68
CA GLY D 154 24.18 -8.07 -22.58
C GLY D 154 23.57 -8.21 -21.21
N ASN D 155 22.35 -7.71 -21.08
CA ASN D 155 21.63 -7.79 -19.82
C ASN D 155 20.79 -9.05 -19.79
N ASN D 156 19.91 -9.17 -18.80
CA ASN D 156 19.17 -10.42 -18.63
C ASN D 156 18.03 -10.59 -19.62
N PHE D 157 17.69 -9.57 -20.41
CA PHE D 157 16.73 -9.76 -21.49
C PHE D 157 17.32 -10.57 -22.63
N THR D 158 18.54 -10.21 -23.05
CA THR D 158 19.25 -11.01 -24.03
C THR D 158 19.51 -12.41 -23.48
N GLY D 159 19.82 -12.51 -22.20
CA GLY D 159 19.99 -13.82 -21.59
C GLY D 159 18.72 -14.63 -21.62
N HIS D 160 17.57 -13.97 -21.40
CA HIS D 160 16.30 -14.67 -21.46
C HIS D 160 16.07 -15.25 -22.84
N GLU D 161 16.31 -14.45 -23.88
CA GLU D 161 16.15 -14.95 -25.23
C GLU D 161 17.11 -16.12 -25.50
N LEU D 162 18.35 -16.00 -25.01
CA LEU D 162 19.31 -17.09 -25.19
C LEU D 162 18.84 -18.37 -24.52
N VAL D 163 18.30 -18.25 -23.30
CA VAL D 163 17.84 -19.42 -22.57
C VAL D 163 16.66 -20.08 -23.28
N THR D 164 15.70 -19.27 -23.74
CA THR D 164 14.54 -19.84 -24.43
C THR D 164 14.97 -20.53 -25.71
N LYS D 165 15.87 -19.91 -26.47
CA LYS D 165 16.34 -20.53 -27.70
C LYS D 165 17.10 -21.81 -27.41
N ALA D 166 17.91 -21.81 -26.35
CA ALA D 166 18.63 -23.03 -25.98
C ALA D 166 17.68 -24.15 -25.63
N ILE D 167 16.64 -23.86 -24.85
CA ILE D 167 15.66 -24.89 -24.52
C ILE D 167 15.01 -25.41 -25.79
N ILE D 168 14.55 -24.50 -26.66
CA ILE D 168 13.89 -24.93 -27.88
C ILE D 168 14.80 -25.82 -28.71
N ASP D 169 16.08 -25.44 -28.81
CA ASP D 169 16.98 -26.16 -29.70
C ASP D 169 17.38 -27.52 -29.13
N GLN D 170 17.64 -27.59 -27.83
CA GLN D 170 18.27 -28.77 -27.26
C GLN D 170 17.31 -29.69 -26.51
N PHE D 171 16.11 -29.24 -26.19
CA PHE D 171 15.14 -30.06 -25.47
C PHE D 171 13.89 -30.31 -26.29
N VAL D 172 13.25 -29.26 -26.80
CA VAL D 172 12.11 -29.44 -27.69
C VAL D 172 12.54 -30.15 -28.96
N GLY D 173 13.65 -29.73 -29.54
CA GLY D 173 14.19 -30.42 -30.69
C GLY D 173 13.33 -30.26 -31.93
N ASP D 174 13.59 -31.15 -32.89
CA ASP D 174 12.88 -31.10 -34.15
C ASP D 174 11.44 -31.57 -33.99
N TYR D 175 10.62 -31.25 -34.98
CA TYR D 175 9.19 -31.51 -34.94
C TYR D 175 8.79 -32.39 -36.10
N ASP D 176 7.97 -33.40 -35.83
CA ASP D 176 7.37 -34.25 -36.85
C ASP D 176 5.91 -34.44 -36.50
N ALA D 177 5.03 -33.93 -37.36
CA ALA D 177 3.61 -33.92 -37.04
C ALA D 177 3.07 -35.31 -36.78
N GLU D 178 3.60 -36.32 -37.46
CA GLU D 178 3.11 -37.68 -37.29
C GLU D 178 3.59 -38.27 -35.97
N ARG D 179 4.87 -38.06 -35.63
CA ARG D 179 5.41 -38.60 -34.40
C ARG D 179 4.94 -37.81 -33.18
N ASP D 180 4.92 -36.48 -33.28
CA ASP D 180 4.69 -35.63 -32.12
C ASP D 180 3.25 -35.17 -31.97
N GLY D 181 2.50 -35.06 -33.06
CA GLY D 181 1.12 -34.62 -33.01
C GLY D 181 0.87 -33.49 -33.99
N ALA D 182 -0.33 -33.46 -34.54
CA ALA D 182 -0.67 -32.45 -35.53
C ALA D 182 -0.73 -31.07 -34.88
N ARG D 183 -0.32 -30.06 -35.64
CA ARG D 183 -0.37 -28.70 -35.14
C ARG D 183 -1.81 -28.29 -34.86
N GLU D 184 -2.02 -27.59 -33.75
CA GLU D 184 -3.34 -27.18 -33.34
C GLU D 184 -3.53 -25.70 -33.65
N PRO D 185 -4.40 -25.33 -34.58
CA PRO D 185 -4.49 -23.90 -34.96
C PRO D 185 -4.91 -22.99 -33.83
N HIS D 186 -5.55 -23.51 -32.79
CA HIS D 186 -6.06 -22.69 -31.70
C HIS D 186 -5.26 -22.85 -30.41
N THR D 187 -4.04 -23.37 -30.52
CA THR D 187 -3.09 -23.35 -29.41
C THR D 187 -2.08 -22.25 -29.67
N VAL D 188 -1.68 -21.56 -28.61
CA VAL D 188 -0.81 -20.39 -28.72
C VAL D 188 0.31 -20.52 -27.69
N ASN D 189 1.53 -20.24 -28.12
CA ASN D 189 2.65 -20.02 -27.21
C ASN D 189 2.73 -18.53 -26.91
N VAL D 190 2.77 -18.19 -25.63
CA VAL D 190 2.76 -16.79 -25.21
C VAL D 190 4.18 -16.41 -24.79
N TRP D 191 4.76 -15.47 -25.51
CA TRP D 191 6.04 -14.88 -25.17
C TRP D 191 5.80 -13.46 -24.70
N SER D 192 6.15 -13.19 -23.45
CA SER D 192 5.61 -12.06 -22.71
C SER D 192 6.62 -11.57 -21.68
N LEU D 193 6.12 -10.95 -20.62
CA LEU D 193 6.95 -10.40 -19.55
C LEU D 193 8.12 -11.31 -19.17
N LEU D 194 9.23 -10.69 -18.79
CA LEU D 194 10.42 -11.42 -18.37
C LEU D 194 10.24 -11.89 -16.93
N PRO D 195 10.34 -13.20 -16.66
CA PRO D 195 10.11 -13.67 -15.28
C PRO D 195 11.11 -13.08 -14.30
N TYR D 196 10.60 -12.73 -13.13
CA TYR D 196 11.37 -12.32 -11.95
C TYR D 196 11.99 -10.94 -12.11
N HIS D 197 11.92 -10.36 -13.29
CA HIS D 197 12.33 -8.99 -13.50
C HIS D 197 11.15 -8.06 -13.60
N ASN D 198 10.13 -8.47 -14.35
CA ASN D 198 8.81 -7.87 -14.22
C ASN D 198 8.20 -8.36 -12.92
N THR D 199 8.15 -7.49 -11.92
CA THR D 199 7.90 -7.92 -10.55
C THR D 199 6.62 -8.73 -10.42
N PHE D 200 5.59 -8.35 -11.16
CA PHE D 200 4.26 -8.95 -11.06
C PHE D 200 4.02 -9.97 -12.16
N TRP D 201 5.07 -10.68 -12.56
CA TRP D 201 4.98 -11.58 -13.69
C TRP D 201 4.05 -12.76 -13.41
N ARG D 202 3.99 -13.24 -12.17
CA ARG D 202 3.15 -14.41 -11.89
C ARG D 202 1.67 -14.08 -12.08
N GLY D 203 1.18 -13.06 -11.39
CA GLY D 203 -0.20 -12.67 -11.57
C GLY D 203 -0.47 -12.17 -12.98
N ASP D 204 0.49 -11.49 -13.57
CA ASP D 204 0.32 -10.97 -14.92
C ASP D 204 0.16 -12.10 -15.93
N LEU D 205 0.98 -13.14 -15.83
CA LEU D 205 0.85 -14.29 -16.71
C LEU D 205 -0.43 -15.06 -16.44
N THR D 206 -0.84 -15.12 -15.17
CA THR D 206 -2.13 -15.72 -14.86
C THR D 206 -3.25 -14.97 -15.58
N GLU D 207 -3.21 -13.64 -15.53
CA GLU D 207 -4.26 -12.86 -16.19
C GLU D 207 -4.20 -13.02 -17.70
N ILE D 208 -3.01 -13.04 -18.29
CA ILE D 208 -2.89 -13.22 -19.73
C ILE D 208 -3.46 -14.57 -20.15
N LYS D 209 -3.11 -15.62 -19.41
CA LYS D 209 -3.63 -16.95 -19.72
C LYS D 209 -5.14 -16.99 -19.57
N ARG D 210 -5.67 -16.37 -18.51
CA ARG D 210 -7.11 -16.35 -18.32
C ARG D 210 -7.80 -15.65 -19.47
N LEU D 211 -7.27 -14.52 -19.90
CA LEU D 211 -7.87 -13.79 -21.02
C LEU D 211 -7.83 -14.62 -22.29
N LEU D 212 -6.69 -15.25 -22.56
CA LEU D 212 -6.56 -15.99 -23.81
C LEU D 212 -7.44 -17.23 -23.82
N GLU D 213 -7.57 -17.90 -22.69
CA GLU D 213 -8.47 -19.04 -22.60
C GLU D 213 -9.93 -18.62 -22.63
N GLY D 214 -10.23 -17.38 -22.24
CA GLY D 214 -11.60 -16.92 -22.30
C GLY D 214 -12.14 -16.92 -23.72
N ILE D 215 -11.32 -16.50 -24.68
CA ILE D 215 -11.77 -16.37 -26.06
C ILE D 215 -11.59 -17.70 -26.80
N GLY D 216 -11.27 -18.76 -26.07
CA GLY D 216 -11.28 -20.09 -26.61
C GLY D 216 -9.96 -20.61 -27.13
N LEU D 217 -8.83 -20.14 -26.61
CA LEU D 217 -7.52 -20.63 -27.00
C LEU D 217 -6.99 -21.60 -25.95
N LYS D 218 -6.11 -22.49 -26.39
CA LYS D 218 -5.30 -23.32 -25.51
C LYS D 218 -3.94 -22.66 -25.38
N VAL D 219 -3.55 -22.33 -24.15
CA VAL D 219 -2.44 -21.42 -23.89
C VAL D 219 -1.26 -22.21 -23.34
N ASN D 220 -0.11 -22.02 -23.97
CA ASN D 220 1.18 -22.45 -23.41
C ASN D 220 1.83 -21.21 -22.82
N ILE D 221 1.56 -20.97 -21.54
CA ILE D 221 2.11 -19.77 -20.89
C ILE D 221 3.59 -19.94 -20.58
N LEU D 222 4.07 -21.17 -20.38
CA LEU D 222 5.48 -21.52 -20.41
C LEU D 222 6.26 -21.07 -19.18
N PHE D 223 5.65 -20.28 -18.30
CA PHE D 223 6.35 -19.77 -17.13
C PHE D 223 5.35 -19.62 -15.99
N GLY D 224 5.84 -19.77 -14.77
CA GLY D 224 5.08 -19.44 -13.60
C GLY D 224 4.15 -20.54 -13.15
N PRO D 225 3.34 -20.25 -12.13
CA PRO D 225 2.49 -21.31 -11.54
C PRO D 225 1.50 -21.92 -12.52
N GLN D 226 0.96 -21.13 -13.45
CA GLN D 226 -0.07 -21.65 -14.35
C GLN D 226 0.50 -22.57 -15.42
N SER D 227 1.81 -22.60 -15.61
CA SER D 227 2.41 -23.43 -16.63
C SER D 227 2.44 -24.88 -16.19
N ALA D 228 2.40 -25.78 -17.18
CA ALA D 228 2.47 -27.20 -16.92
C ALA D 228 3.90 -27.73 -16.84
N GLY D 229 4.89 -26.89 -17.12
CA GLY D 229 6.27 -27.30 -17.02
C GLY D 229 6.89 -27.63 -18.36
N VAL D 230 7.81 -28.59 -18.37
CA VAL D 230 8.48 -28.96 -19.61
C VAL D 230 7.54 -29.64 -20.59
N ALA D 231 6.42 -30.19 -20.12
CA ALA D 231 5.44 -30.73 -21.04
C ALA D 231 4.88 -29.64 -21.94
N GLU D 232 4.68 -28.44 -21.39
CA GLU D 232 4.24 -27.32 -22.20
C GLU D 232 5.29 -26.93 -23.23
N TRP D 233 6.57 -26.99 -22.85
CA TRP D 233 7.62 -26.61 -23.78
C TRP D 233 7.78 -27.64 -24.88
N LYS D 234 7.60 -28.92 -24.57
CA LYS D 234 7.64 -29.94 -25.60
C LYS D 234 6.52 -29.78 -26.61
N ALA D 235 5.43 -29.11 -26.23
CA ALA D 235 4.30 -28.89 -27.10
C ALA D 235 4.41 -27.60 -27.89
N ILE D 236 5.52 -26.87 -27.77
CA ILE D 236 5.69 -25.64 -28.53
C ILE D 236 5.55 -25.89 -30.02
N PRO D 237 6.16 -26.91 -30.61
CA PRO D 237 6.11 -27.06 -32.07
C PRO D 237 4.72 -27.21 -32.63
N ARG D 238 3.78 -27.77 -31.87
CA ARG D 238 2.43 -28.04 -32.35
C ARG D 238 1.43 -27.04 -31.79
N ALA D 239 1.83 -25.78 -31.70
CA ALA D 239 0.93 -24.68 -31.43
C ALA D 239 0.63 -23.95 -32.72
N GLY D 240 -0.56 -23.36 -32.80
CA GLY D 240 -0.96 -22.70 -34.02
C GLY D 240 -0.06 -21.54 -34.38
N PHE D 241 0.28 -20.71 -33.39
CA PHE D 241 1.07 -19.52 -33.63
C PHE D 241 1.75 -19.11 -32.34
N ASN D 242 2.72 -18.22 -32.47
CA ASN D 242 3.40 -17.62 -31.34
C ASN D 242 2.90 -16.20 -31.16
N LEU D 243 2.51 -15.86 -29.94
CA LEU D 243 2.08 -14.51 -29.59
C LEU D 243 3.21 -13.84 -28.83
N VAL D 244 3.81 -12.83 -29.43
CA VAL D 244 4.83 -12.03 -28.78
C VAL D 244 4.12 -10.83 -28.18
N LEU D 245 3.75 -10.95 -26.91
CA LEU D 245 3.01 -9.89 -26.21
C LEU D 245 3.99 -9.01 -25.46
N SER D 246 4.78 -8.27 -26.24
CA SER D 246 5.75 -7.32 -25.69
C SER D 246 6.31 -6.51 -26.85
N PRO D 247 6.83 -5.31 -26.57
CA PRO D 247 7.40 -4.50 -27.66
C PRO D 247 8.48 -5.22 -28.44
N TRP D 248 9.50 -5.76 -27.76
CA TRP D 248 10.59 -6.41 -28.46
C TRP D 248 11.02 -7.75 -27.89
N LEU D 249 10.75 -8.04 -26.61
CA LEU D 249 11.24 -9.28 -26.02
C LEU D 249 10.39 -10.45 -26.48
N GLY D 250 11.04 -11.47 -27.03
CA GLY D 250 10.38 -12.59 -27.62
C GLY D 250 10.34 -12.58 -29.13
N LEU D 251 10.61 -11.43 -29.75
CA LEU D 251 10.65 -11.38 -31.21
C LEU D 251 11.73 -12.28 -31.77
N ASP D 252 12.90 -12.29 -31.12
CA ASP D 252 13.97 -13.19 -31.53
C ASP D 252 13.51 -14.64 -31.46
N THR D 253 12.89 -15.02 -30.35
CA THR D 253 12.41 -16.39 -30.19
C THR D 253 11.34 -16.72 -31.22
N ALA D 254 10.42 -15.78 -31.48
CA ALA D 254 9.36 -16.05 -32.43
C ALA D 254 9.91 -16.21 -33.84
N ARG D 255 10.89 -15.40 -34.22
CA ARG D 255 11.54 -15.58 -35.53
C ARG D 255 12.25 -16.91 -35.59
N HIS D 256 12.93 -17.30 -34.52
CA HIS D 256 13.59 -18.59 -34.49
C HIS D 256 12.59 -19.72 -34.68
N LEU D 257 11.46 -19.64 -33.98
CA LEU D 257 10.44 -20.68 -34.11
C LEU D 257 9.81 -20.68 -35.49
N ASP D 258 9.67 -19.51 -36.11
CA ASP D 258 9.18 -19.45 -37.48
C ASP D 258 10.13 -20.18 -38.42
N ARG D 259 11.43 -19.92 -38.30
CA ARG D 259 12.39 -20.60 -39.16
C ARG D 259 12.41 -22.09 -38.88
N LYS D 260 12.31 -22.48 -37.62
CA LYS D 260 12.47 -23.89 -37.24
C LYS D 260 11.23 -24.70 -37.60
N TYR D 261 10.07 -24.33 -37.05
CA TYR D 261 8.85 -25.10 -37.20
C TYR D 261 7.88 -24.49 -38.20
N GLY D 262 8.19 -23.33 -38.76
CA GLY D 262 7.26 -22.69 -39.66
C GLY D 262 6.03 -22.13 -38.99
N GLN D 263 6.11 -21.81 -37.71
CA GLN D 263 4.97 -21.28 -36.98
C GLN D 263 4.79 -19.80 -37.28
N PRO D 264 3.58 -19.34 -37.59
CA PRO D 264 3.35 -17.90 -37.73
C PRO D 264 3.45 -17.20 -36.39
N THR D 265 3.73 -15.90 -36.46
CA THR D 265 3.90 -15.07 -35.28
C THR D 265 2.91 -13.93 -35.31
N LEU D 266 2.29 -13.66 -34.16
CA LEU D 266 1.50 -12.46 -33.95
C LEU D 266 2.23 -11.60 -32.94
N HIS D 267 2.64 -10.41 -33.37
CA HIS D 267 3.31 -9.46 -32.49
C HIS D 267 2.29 -8.44 -32.02
N ARG D 268 2.13 -8.34 -30.69
CA ARG D 268 1.19 -7.43 -30.07
C ARG D 268 1.98 -6.57 -29.09
N PRO D 269 2.63 -5.52 -29.59
CA PRO D 269 3.62 -4.82 -28.76
C PRO D 269 3.07 -4.23 -27.47
N ILE D 270 1.80 -3.87 -27.42
CA ILE D 270 1.22 -3.26 -26.23
C ILE D 270 0.55 -4.35 -25.41
N ILE D 271 1.04 -4.55 -24.19
CA ILE D 271 0.38 -5.48 -23.27
C ILE D 271 -0.86 -4.80 -22.71
N PRO D 272 -2.03 -5.43 -22.78
CA PRO D 272 -3.27 -4.72 -22.46
C PRO D 272 -3.47 -4.53 -20.96
N ILE D 273 -3.83 -3.31 -20.58
CA ILE D 273 -4.33 -3.01 -19.25
C ILE D 273 -5.64 -2.26 -19.43
N GLY D 274 -6.69 -2.72 -18.76
CA GLY D 274 -7.98 -2.08 -18.84
C GLY D 274 -8.85 -2.67 -19.94
N ALA D 275 -10.10 -2.19 -19.97
CA ALA D 275 -11.09 -2.80 -20.85
C ALA D 275 -10.87 -2.42 -22.30
N LYS D 276 -10.51 -1.17 -22.58
CA LYS D 276 -10.35 -0.74 -23.95
C LYS D 276 -9.22 -1.51 -24.64
N GLU D 277 -8.02 -1.43 -24.09
CA GLU D 277 -6.89 -2.10 -24.69
C GLU D 277 -7.04 -3.61 -24.66
N THR D 278 -7.60 -4.15 -23.58
CA THR D 278 -7.78 -5.59 -23.50
C THR D 278 -8.76 -6.09 -24.54
N GLY D 279 -9.86 -5.36 -24.76
CA GLY D 279 -10.79 -5.74 -25.81
C GLY D 279 -10.14 -5.66 -27.18
N ALA D 280 -9.37 -4.61 -27.43
CA ALA D 280 -8.67 -4.52 -28.70
C ALA D 280 -7.72 -5.70 -28.89
N PHE D 281 -6.98 -6.05 -27.84
CA PHE D 281 -6.02 -7.15 -27.92
C PHE D 281 -6.73 -8.47 -28.16
N LEU D 282 -7.82 -8.73 -27.45
CA LEU D 282 -8.54 -9.98 -27.62
C LEU D 282 -9.14 -10.09 -29.00
N ARG D 283 -9.71 -9.00 -29.52
CA ARG D 283 -10.28 -9.05 -30.85
C ARG D 283 -9.19 -9.23 -31.90
N GLU D 284 -8.03 -8.63 -31.69
CA GLU D 284 -6.92 -8.81 -32.62
C GLU D 284 -6.44 -10.26 -32.63
N VAL D 285 -6.32 -10.88 -31.45
CA VAL D 285 -5.90 -12.27 -31.39
C VAL D 285 -6.95 -13.18 -32.01
N ALA D 286 -8.24 -12.89 -31.78
CA ALA D 286 -9.30 -13.70 -32.37
C ALA D 286 -9.28 -13.59 -33.89
N ALA D 287 -9.06 -12.39 -34.41
CA ALA D 287 -8.96 -12.22 -35.85
C ALA D 287 -7.77 -12.98 -36.41
N PHE D 288 -6.65 -12.96 -35.71
CA PHE D 288 -5.46 -13.66 -36.20
C PHE D 288 -5.68 -15.16 -36.21
N ALA D 289 -6.17 -15.72 -35.11
CA ALA D 289 -6.29 -17.16 -34.97
C ALA D 289 -7.57 -17.71 -35.58
N GLY D 290 -8.44 -16.87 -36.11
CA GLY D 290 -9.70 -17.34 -36.66
C GLY D 290 -10.62 -17.94 -35.62
N LEU D 291 -10.69 -17.34 -34.44
CA LEU D 291 -11.54 -17.87 -33.38
C LEU D 291 -12.99 -17.51 -33.62
N ASP D 292 -13.87 -18.21 -32.91
CA ASP D 292 -15.31 -17.96 -33.01
C ASP D 292 -15.61 -16.59 -32.42
N SER D 293 -16.20 -15.71 -33.24
CA SER D 293 -16.43 -14.34 -32.79
C SER D 293 -17.49 -14.25 -31.71
N ALA D 294 -18.47 -15.16 -31.73
CA ALA D 294 -19.51 -15.12 -30.71
C ALA D 294 -18.92 -15.35 -29.32
N VAL D 295 -18.03 -16.33 -29.19
CA VAL D 295 -17.40 -16.61 -27.90
C VAL D 295 -16.57 -15.43 -27.46
N VAL D 296 -15.79 -14.85 -28.39
CA VAL D 296 -14.94 -13.71 -28.06
C VAL D 296 -15.79 -12.56 -27.56
N GLU D 297 -16.88 -12.25 -28.25
CA GLU D 297 -17.71 -11.14 -27.86
C GLU D 297 -18.40 -11.38 -26.54
N ALA D 298 -18.86 -12.62 -26.29
CA ALA D 298 -19.49 -12.92 -25.00
C ALA D 298 -18.50 -12.74 -23.86
N PHE D 299 -17.28 -13.26 -24.04
CA PHE D 299 -16.27 -13.10 -22.99
C PHE D 299 -15.95 -11.64 -22.75
N ILE D 300 -15.78 -10.87 -23.83
CA ILE D 300 -15.46 -9.44 -23.67
C ILE D 300 -16.61 -8.73 -22.97
N THR D 301 -17.85 -9.09 -23.32
CA THR D 301 -19.00 -8.44 -22.69
C THR D 301 -19.04 -8.71 -21.20
N ALA D 302 -18.81 -9.95 -20.79
CA ALA D 302 -18.83 -10.26 -19.36
C ALA D 302 -17.71 -9.54 -18.62
N GLU D 303 -16.49 -9.60 -19.16
CA GLU D 303 -15.37 -8.93 -18.52
C GLU D 303 -15.61 -7.44 -18.42
N GLU D 304 -16.14 -6.83 -19.47
CA GLU D 304 -16.42 -5.40 -19.46
C GLU D 304 -17.52 -5.07 -18.46
N ALA D 305 -18.53 -5.92 -18.33
CA ALA D 305 -19.56 -5.68 -17.34
C ALA D 305 -18.94 -5.54 -15.95
N VAL D 306 -18.11 -6.51 -15.57
CA VAL D 306 -17.47 -6.46 -14.26
C VAL D 306 -16.60 -5.22 -14.15
N TYR D 307 -15.74 -5.01 -15.15
CA TYR D 307 -14.75 -3.94 -15.10
C TYR D 307 -15.41 -2.58 -14.98
N TYR D 308 -16.47 -2.35 -15.74
CA TYR D 308 -17.12 -1.05 -15.72
C TYR D 308 -18.05 -0.87 -14.55
N ARG D 309 -18.55 -1.95 -13.94
CA ARG D 309 -19.19 -1.77 -12.64
C ARG D 309 -18.19 -1.22 -11.63
N TYR D 310 -16.99 -1.81 -11.59
CA TYR D 310 -15.98 -1.30 -10.66
C TYR D 310 -15.55 0.12 -11.01
N LEU D 311 -15.40 0.41 -12.31
CA LEU D 311 -15.01 1.75 -12.71
C LEU D 311 -16.10 2.77 -12.38
N GLU D 312 -17.36 2.39 -12.50
CA GLU D 312 -18.45 3.25 -12.06
C GLU D 312 -18.33 3.54 -10.58
N ASP D 313 -18.02 2.53 -9.78
CA ASP D 313 -17.82 2.79 -8.36
C ASP D 313 -16.65 3.75 -8.14
N PHE D 314 -15.60 3.62 -8.95
CA PHE D 314 -14.40 4.45 -8.82
C PHE D 314 -14.62 5.88 -9.29
N THR D 315 -15.59 6.11 -10.17
CA THR D 315 -15.77 7.43 -10.75
C THR D 315 -16.07 8.48 -9.70
N ASP D 316 -16.78 8.11 -8.63
CA ASP D 316 -17.04 9.08 -7.57
C ASP D 316 -15.75 9.65 -7.01
N PHE D 317 -14.82 8.76 -6.63
CA PHE D 317 -13.53 9.22 -6.15
C PHE D 317 -12.80 10.01 -7.22
N TYR D 318 -12.75 9.48 -8.44
CA TYR D 318 -11.92 10.09 -9.48
C TYR D 318 -12.39 11.51 -9.80
N ALA D 319 -13.70 11.74 -9.78
CA ALA D 319 -14.23 13.03 -10.18
C ALA D 319 -14.42 13.99 -9.02
N GLU D 320 -14.67 13.49 -7.82
CA GLU D 320 -15.04 14.34 -6.70
C GLU D 320 -13.87 14.68 -5.78
N TYR D 321 -12.85 13.84 -5.71
CA TYR D 321 -11.82 13.98 -4.68
C TYR D 321 -11.39 15.44 -4.52
N TRP D 322 -11.58 15.96 -3.31
CA TRP D 322 -11.42 17.39 -3.07
C TRP D 322 -9.99 17.84 -3.31
N TRP D 323 -9.03 17.08 -2.80
CA TRP D 323 -7.66 17.54 -2.67
C TRP D 323 -6.82 17.31 -3.92
N GLY D 324 -7.47 17.02 -5.05
CA GLY D 324 -6.76 16.95 -6.31
C GLY D 324 -5.92 15.70 -6.45
N LEU D 325 -5.78 15.22 -7.67
CA LEU D 325 -5.00 14.05 -7.99
C LEU D 325 -3.95 14.41 -9.02
N PRO D 326 -2.86 13.64 -9.10
CA PRO D 326 -1.81 13.98 -10.06
C PRO D 326 -2.35 14.05 -11.48
N ALA D 327 -1.89 15.04 -12.23
CA ALA D 327 -2.28 15.21 -13.62
C ALA D 327 -1.26 14.62 -14.58
N LYS D 328 0.02 14.77 -14.28
CA LYS D 328 1.09 14.23 -15.11
C LYS D 328 1.71 13.02 -14.43
N PHE D 329 2.40 12.21 -15.22
CA PHE D 329 3.07 11.03 -14.71
C PHE D 329 4.38 10.85 -15.46
N ALA D 330 5.27 10.09 -14.84
CA ALA D 330 6.49 9.64 -15.48
C ALA D 330 6.60 8.14 -15.27
N VAL D 331 6.98 7.43 -16.33
CA VAL D 331 7.14 5.98 -16.27
C VAL D 331 8.59 5.65 -16.60
N ILE D 332 9.26 4.96 -15.69
CA ILE D 332 10.63 4.51 -15.88
C ILE D 332 10.64 3.01 -15.67
N GLY D 333 11.06 2.28 -16.69
CA GLY D 333 11.10 0.83 -16.58
C GLY D 333 11.32 0.20 -17.94
N ASP D 334 11.21 -1.13 -17.96
CA ASP D 334 11.40 -1.88 -19.19
C ASP D 334 10.32 -1.52 -20.20
N SER D 335 10.61 -1.79 -21.47
CA SER D 335 9.73 -1.33 -22.54
C SER D 335 8.33 -1.90 -22.41
N ALA D 336 8.22 -3.18 -22.04
CA ALA D 336 6.92 -3.83 -21.97
C ALA D 336 6.00 -3.08 -21.01
N TYR D 337 6.35 -3.05 -19.73
CA TYR D 337 5.51 -2.37 -18.75
C TYR D 337 5.49 -0.88 -18.97
N ASN D 338 6.58 -0.29 -19.46
CA ASN D 338 6.58 1.14 -19.72
C ASN D 338 5.48 1.51 -20.70
N LEU D 339 5.43 0.82 -21.85
CA LEU D 339 4.42 1.14 -22.84
C LEU D 339 3.03 0.75 -22.36
N ALA D 340 2.90 -0.38 -21.67
CA ALA D 340 1.60 -0.78 -21.16
C ALA D 340 1.04 0.27 -20.20
N LEU D 341 1.87 0.72 -19.25
CA LEU D 341 1.42 1.72 -18.30
C LEU D 341 1.14 3.05 -18.98
N THR D 342 1.98 3.47 -19.92
CA THR D 342 1.74 4.73 -20.61
C THR D 342 0.41 4.68 -21.34
N LYS D 343 0.16 3.59 -22.05
CA LYS D 343 -1.11 3.45 -22.77
C LYS D 343 -2.29 3.50 -21.80
N PHE D 344 -2.21 2.76 -20.69
CA PHE D 344 -3.33 2.74 -19.76
C PHE D 344 -3.56 4.10 -19.12
N LEU D 345 -2.48 4.77 -18.71
CA LEU D 345 -2.62 6.05 -18.03
C LEU D 345 -3.12 7.13 -18.96
N VAL D 346 -2.72 7.08 -20.23
CA VAL D 346 -3.20 8.09 -21.17
C VAL D 346 -4.65 7.81 -21.57
N ASN D 347 -4.99 6.56 -21.85
CA ASN D 347 -6.26 6.26 -22.49
C ASN D 347 -7.37 5.95 -21.50
N GLN D 348 -7.07 5.38 -20.34
CA GLN D 348 -8.12 5.10 -19.38
C GLN D 348 -8.35 6.26 -18.42
N LEU D 349 -7.27 6.89 -17.95
CA LEU D 349 -7.37 7.94 -16.96
C LEU D 349 -7.24 9.34 -17.54
N GLY D 350 -6.78 9.46 -18.78
CA GLY D 350 -6.57 10.77 -19.36
C GLY D 350 -5.46 11.54 -18.70
N LEU D 351 -4.51 10.86 -18.06
CA LEU D 351 -3.38 11.55 -17.49
C LEU D 351 -2.45 12.03 -18.59
N ILE D 352 -1.67 13.06 -18.28
CA ILE D 352 -0.80 13.71 -19.25
C ILE D 352 0.57 13.05 -19.16
N PRO D 353 1.09 12.46 -20.24
CA PRO D 353 2.42 11.85 -20.17
C PRO D 353 3.50 12.91 -20.04
N GLY D 354 4.23 12.87 -18.93
CA GLY D 354 5.26 13.86 -18.66
C GLY D 354 6.63 13.43 -19.12
N LEU D 355 6.98 12.17 -18.89
CA LEU D 355 8.30 11.68 -19.23
C LEU D 355 8.30 10.17 -19.16
N GLN D 356 8.71 9.52 -20.25
CA GLN D 356 8.79 8.07 -20.30
C GLN D 356 10.20 7.69 -20.71
N ILE D 357 10.87 6.92 -19.87
CA ILE D 357 12.22 6.44 -20.14
C ILE D 357 12.20 4.92 -20.06
N ILE D 358 12.73 4.27 -21.09
CA ILE D 358 12.83 2.82 -21.14
C ILE D 358 14.25 2.43 -20.76
N THR D 359 14.38 1.52 -19.80
CA THR D 359 15.67 1.24 -19.18
C THR D 359 16.19 -0.15 -19.45
N ASP D 360 15.52 -0.96 -20.25
CA ASP D 360 15.98 -2.33 -20.50
C ASP D 360 16.93 -2.42 -21.68
N ASN D 361 17.28 -1.31 -22.30
CA ASN D 361 18.30 -1.30 -23.34
C ASN D 361 17.92 -2.20 -24.51
N PRO D 362 16.81 -1.91 -25.19
CA PRO D 362 16.41 -2.75 -26.31
C PRO D 362 17.36 -2.59 -27.49
N PRO D 363 17.37 -3.54 -28.42
CA PRO D 363 18.26 -3.42 -29.58
C PRO D 363 17.92 -2.18 -30.40
N GLU D 364 18.94 -1.61 -31.03
CA GLU D 364 18.75 -0.39 -31.80
C GLU D 364 17.75 -0.58 -32.93
N GLU D 365 17.56 -1.80 -33.42
CA GLU D 365 16.66 -2.02 -34.54
C GLU D 365 15.20 -1.78 -34.16
N VAL D 366 14.82 -2.11 -32.93
CA VAL D 366 13.41 -2.05 -32.53
C VAL D 366 13.03 -0.71 -31.92
N ARG D 367 13.99 0.18 -31.70
CA ARG D 367 13.70 1.39 -30.92
C ARG D 367 12.76 2.33 -31.66
N GLU D 368 12.86 2.39 -32.99
CA GLU D 368 11.99 3.30 -33.73
C GLU D 368 10.54 2.83 -33.68
N ASP D 369 10.31 1.52 -33.71
CA ASP D 369 8.94 1.02 -33.59
C ASP D 369 8.35 1.36 -32.22
N ILE D 370 9.14 1.22 -31.17
CA ILE D 370 8.68 1.59 -29.83
C ILE D 370 8.35 3.09 -29.79
N ARG D 371 9.25 3.90 -30.33
CA ARG D 371 8.99 5.34 -30.36
C ARG D 371 7.71 5.63 -31.13
N ALA D 372 7.47 4.91 -32.22
CA ALA D 372 6.25 5.10 -32.98
C ALA D 372 5.02 4.77 -32.14
N HIS D 373 5.08 3.68 -31.38
CA HIS D 373 3.99 3.37 -30.47
C HIS D 373 3.73 4.53 -29.53
N TYR D 374 4.79 5.18 -29.07
CA TYR D 374 4.60 6.31 -28.16
C TYR D 374 4.06 7.54 -28.89
N HIS D 375 4.39 7.71 -30.17
CA HIS D 375 3.93 8.88 -30.90
C HIS D 375 2.42 8.84 -31.12
N ALA D 376 1.85 7.66 -31.27
CA ALA D 376 0.42 7.47 -31.47
C ALA D 376 -0.23 6.89 -30.21
N ILE D 377 0.24 7.32 -29.05
CA ILE D 377 -0.24 6.74 -27.80
C ILE D 377 -1.74 6.93 -27.66
N ALA D 378 -2.27 7.97 -28.29
CA ALA D 378 -3.71 8.17 -28.37
C ALA D 378 -4.01 8.89 -29.68
N ASP D 379 -5.29 8.91 -30.03
CA ASP D 379 -5.70 9.57 -31.28
C ASP D 379 -5.31 11.04 -31.27
N ASP D 380 -5.33 11.68 -30.10
CA ASP D 380 -5.03 13.10 -29.99
C ASP D 380 -3.89 13.40 -29.02
N VAL D 381 -3.22 12.38 -28.50
CA VAL D 381 -2.09 12.55 -27.61
C VAL D 381 -0.87 11.95 -28.28
N ALA D 382 0.21 12.72 -28.35
CA ALA D 382 1.48 12.26 -28.88
C ALA D 382 2.56 12.53 -27.85
N THR D 383 3.37 11.54 -27.55
CA THR D 383 4.47 11.68 -26.61
C THR D 383 5.69 11.02 -27.21
N ASP D 384 6.72 10.83 -26.38
CA ASP D 384 7.96 10.23 -26.83
C ASP D 384 8.55 9.42 -25.69
N VAL D 385 9.47 8.54 -26.04
CA VAL D 385 10.17 7.71 -25.07
C VAL D 385 11.66 7.83 -25.31
N SER D 386 12.41 7.95 -24.23
CA SER D 386 13.87 7.92 -24.27
C SER D 386 14.37 6.56 -23.83
N PHE D 387 15.65 6.33 -24.04
CA PHE D 387 16.30 5.06 -23.69
C PHE D 387 17.55 5.39 -22.88
N GLU D 388 17.45 5.25 -21.56
CA GLU D 388 18.57 5.47 -20.66
C GLU D 388 18.71 4.29 -19.73
N GLU D 389 19.95 3.94 -19.41
CA GLU D 389 20.23 2.82 -18.52
C GLU D 389 20.92 3.25 -17.23
N ASP D 390 21.32 4.51 -17.11
CA ASP D 390 22.02 5.01 -15.94
C ASP D 390 21.04 5.84 -15.11
N SER D 391 20.90 5.48 -13.83
CA SER D 391 19.88 6.12 -13.00
C SER D 391 20.18 7.59 -12.78
N TYR D 392 21.45 7.99 -12.78
CA TYR D 392 21.75 9.41 -12.62
C TYR D 392 21.20 10.21 -13.79
N THR D 393 21.37 9.71 -15.02
CA THR D 393 20.82 10.39 -16.18
C THR D 393 19.31 10.43 -16.11
N ILE D 394 18.68 9.34 -15.70
CA ILE D 394 17.23 9.29 -15.60
C ILE D 394 16.73 10.33 -14.58
N HIS D 395 17.40 10.39 -13.43
CA HIS D 395 16.97 11.33 -12.40
C HIS D 395 17.19 12.77 -12.83
N GLN D 396 18.31 13.04 -13.50
CA GLN D 396 18.53 14.40 -14.01
C GLN D 396 17.48 14.77 -15.04
N LYS D 397 17.09 13.81 -15.88
CA LYS D 397 16.04 14.08 -16.86
C LYS D 397 14.71 14.36 -16.17
N ILE D 398 14.39 13.61 -15.12
CA ILE D 398 13.15 13.85 -14.39
C ILE D 398 13.18 15.23 -13.74
N ARG D 399 14.32 15.60 -13.16
CA ARG D 399 14.44 16.90 -12.52
C ARG D 399 14.32 18.02 -13.54
N ALA D 400 14.89 17.84 -14.72
CA ALA D 400 14.83 18.84 -15.77
C ALA D 400 13.47 18.95 -16.41
N THR D 401 12.55 18.02 -16.11
CA THR D 401 11.24 18.01 -16.72
C THR D 401 10.28 18.91 -15.94
N ASP D 402 9.35 19.53 -16.66
CA ASP D 402 8.34 20.38 -16.07
C ASP D 402 7.02 19.61 -15.99
N PHE D 403 6.51 19.44 -14.78
CA PHE D 403 5.30 18.65 -14.54
C PHE D 403 4.11 19.50 -14.16
N GLY D 404 4.20 20.82 -14.33
CA GLY D 404 3.10 21.70 -13.97
C GLY D 404 3.15 22.09 -12.52
N HIS D 405 2.05 22.71 -12.07
CA HIS D 405 2.00 23.20 -10.69
C HIS D 405 1.67 22.11 -9.70
N LYS D 406 1.34 20.91 -10.16
CA LYS D 406 1.11 19.76 -9.29
C LYS D 406 2.30 18.82 -9.36
N ALA D 407 2.53 18.09 -8.28
CA ALA D 407 3.57 17.08 -8.29
C ALA D 407 3.12 15.88 -9.13
N PRO D 408 4.01 15.29 -9.91
CA PRO D 408 3.63 14.15 -10.75
C PRO D 408 3.57 12.88 -9.94
N ILE D 409 3.18 11.81 -10.60
CA ILE D 409 3.25 10.46 -10.05
C ILE D 409 4.30 9.70 -10.84
N LEU D 410 5.27 9.13 -10.14
CA LEU D 410 6.34 8.37 -10.77
C LEU D 410 6.00 6.89 -10.74
N PHE D 411 6.08 6.26 -11.89
CA PHE D 411 6.01 4.81 -12.01
C PHE D 411 7.43 4.36 -12.30
N GLY D 412 8.11 3.87 -11.29
CA GLY D 412 9.53 3.52 -11.41
C GLY D 412 9.89 2.42 -10.48
N THR D 413 11.05 2.56 -9.83
CA THR D 413 11.59 1.51 -8.98
C THR D 413 11.95 2.08 -7.62
N THR D 414 12.65 1.30 -6.80
CA THR D 414 13.10 1.82 -5.51
C THR D 414 14.09 2.95 -5.69
N TRP D 415 14.81 2.96 -6.82
CA TRP D 415 15.78 4.01 -7.05
C TRP D 415 15.14 5.39 -7.12
N GLU D 416 13.85 5.46 -7.42
CA GLU D 416 13.15 6.73 -7.58
C GLU D 416 12.45 7.20 -6.32
N ARG D 417 12.58 6.47 -5.21
CA ARG D 417 11.88 6.87 -3.99
C ARG D 417 12.39 8.22 -3.50
N ASP D 418 13.71 8.39 -3.42
CA ASP D 418 14.26 9.66 -2.98
C ASP D 418 13.84 10.79 -3.92
N LEU D 419 13.90 10.54 -5.23
CA LEU D 419 13.49 11.55 -6.19
C LEU D 419 12.02 11.88 -6.04
N ALA D 420 11.19 10.87 -5.80
CA ALA D 420 9.76 11.11 -5.60
C ALA D 420 9.53 11.98 -4.39
N LYS D 421 10.22 11.70 -3.28
CA LYS D 421 10.09 12.54 -2.10
C LYS D 421 10.57 13.96 -2.40
N GLU D 422 11.64 14.09 -3.17
CA GLU D 422 12.15 15.41 -3.52
C GLU D 422 11.12 16.20 -4.33
N LEU D 423 10.43 15.53 -5.25
CA LEU D 423 9.39 16.18 -6.05
C LEU D 423 8.08 16.35 -5.31
N LYS D 424 7.98 15.83 -4.08
CA LYS D 424 6.74 15.92 -3.31
C LYS D 424 5.60 15.24 -4.04
N GLY D 425 5.90 14.11 -4.70
CA GLY D 425 4.91 13.36 -5.43
C GLY D 425 4.88 11.91 -4.98
N ALA D 426 3.95 11.16 -5.57
CA ALA D 426 3.80 9.75 -5.27
C ALA D 426 4.68 8.92 -6.18
N ILE D 427 5.07 7.75 -5.69
CA ILE D 427 5.80 6.78 -6.50
C ILE D 427 5.10 5.43 -6.39
N VAL D 428 4.94 4.78 -7.54
CA VAL D 428 4.45 3.41 -7.61
C VAL D 428 5.56 2.56 -8.18
N GLU D 429 6.00 1.56 -7.43
CA GLU D 429 7.04 0.66 -7.90
C GLU D 429 6.43 -0.38 -8.83
N VAL D 430 6.87 -0.37 -10.09
CA VAL D 430 6.29 -1.22 -11.12
C VAL D 430 7.31 -2.14 -11.76
N GLY D 431 8.56 -2.10 -11.34
CA GLY D 431 9.56 -2.93 -11.99
C GLY D 431 10.79 -3.05 -11.12
N PHE D 432 11.76 -3.77 -11.65
CA PHE D 432 12.98 -4.06 -10.89
C PHE D 432 13.78 -2.79 -10.68
N PRO D 433 14.22 -2.50 -9.45
CA PRO D 433 13.97 -3.20 -8.18
C PRO D 433 12.76 -2.66 -7.44
N ALA D 434 11.76 -3.50 -7.16
CA ALA D 434 10.62 -3.12 -6.32
C ALA D 434 10.91 -3.64 -4.92
N SER D 435 11.78 -2.95 -4.21
CA SER D 435 12.25 -3.41 -2.92
C SER D 435 11.29 -3.12 -1.78
N TYR D 436 10.20 -2.38 -2.04
CA TYR D 436 9.24 -2.04 -1.01
C TYR D 436 7.86 -2.60 -1.31
N GLU D 437 7.79 -3.64 -2.13
CA GLU D 437 6.56 -4.36 -2.40
C GLU D 437 6.76 -5.81 -2.04
N VAL D 438 5.78 -6.40 -1.36
CA VAL D 438 5.71 -7.83 -1.15
C VAL D 438 4.68 -8.35 -2.14
N VAL D 439 5.14 -9.09 -3.15
CA VAL D 439 4.33 -9.46 -4.30
C VAL D 439 4.12 -10.96 -4.25
N LEU D 440 2.88 -11.39 -4.04
CA LEU D 440 2.55 -12.79 -4.16
C LEU D 440 1.83 -13.08 -5.48
N SER D 441 0.64 -12.51 -5.66
CA SER D 441 -0.19 -12.82 -6.82
C SER D 441 -0.78 -11.56 -7.45
N ARG D 442 -0.26 -10.40 -7.10
CA ARG D 442 -0.74 -9.15 -7.65
C ARG D 442 -0.51 -9.11 -9.15
N SER D 443 -1.44 -8.50 -9.87
CA SER D 443 -1.32 -8.30 -11.31
C SER D 443 -1.78 -6.89 -11.64
N TYR D 444 -1.25 -6.37 -12.75
CA TYR D 444 -1.66 -5.05 -13.25
C TYR D 444 -2.11 -5.11 -14.70
N LEU D 445 -2.41 -6.29 -15.22
CA LEU D 445 -2.78 -6.46 -16.62
C LEU D 445 -4.25 -6.82 -16.74
N GLY D 446 -4.76 -6.69 -17.96
CA GLY D 446 -6.14 -7.05 -18.21
C GLY D 446 -7.10 -6.25 -17.34
N TYR D 447 -8.31 -6.80 -17.18
CA TYR D 447 -9.37 -6.11 -16.46
C TYR D 447 -9.09 -6.09 -14.95
N ARG D 448 -8.92 -7.27 -14.37
CA ARG D 448 -8.70 -7.37 -12.93
C ARG D 448 -7.41 -6.68 -12.53
N GLY D 449 -6.35 -6.88 -13.32
CA GLY D 449 -5.11 -6.21 -13.03
C GLY D 449 -5.23 -4.69 -13.16
N ALA D 450 -6.03 -4.23 -14.11
CA ALA D 450 -6.24 -2.79 -14.23
C ALA D 450 -6.89 -2.24 -12.96
N LEU D 451 -7.90 -2.95 -12.44
CA LEU D 451 -8.53 -2.49 -11.20
C LEU D 451 -7.54 -2.50 -10.04
N THR D 452 -6.72 -3.55 -9.95
CA THR D 452 -5.70 -3.59 -8.89
C THR D 452 -4.72 -2.43 -9.02
N LEU D 453 -4.33 -2.12 -10.25
CA LEU D 453 -3.40 -1.01 -10.48
C LEU D 453 -4.01 0.31 -10.06
N LEU D 454 -5.29 0.52 -10.38
CA LEU D 454 -5.95 1.75 -9.92
C LEU D 454 -5.95 1.82 -8.41
N GLU D 455 -6.27 0.70 -7.74
CA GLU D 455 -6.24 0.68 -6.29
C GLU D 455 -4.87 1.09 -5.77
N LYS D 456 -3.81 0.49 -6.33
CA LYS D 456 -2.46 0.80 -5.86
C LYS D 456 -2.13 2.28 -6.08
N ILE D 457 -2.37 2.78 -7.29
CA ILE D 457 -2.01 4.16 -7.61
C ILE D 457 -2.69 5.11 -6.64
N TYR D 458 -4.01 4.98 -6.49
CA TYR D 458 -4.73 6.00 -5.76
C TYR D 458 -4.82 5.74 -4.28
N THR D 459 -4.38 4.58 -3.81
CA THR D 459 -4.06 4.44 -2.40
C THR D 459 -2.72 5.08 -2.09
N THR D 460 -1.79 5.07 -3.04
CA THR D 460 -0.53 5.77 -2.82
C THR D 460 -0.74 7.28 -2.82
N THR D 461 -1.56 7.80 -3.75
CA THR D 461 -1.74 9.24 -3.80
C THR D 461 -2.42 9.78 -2.55
N VAL D 462 -3.48 9.11 -2.08
CA VAL D 462 -4.21 9.62 -0.92
C VAL D 462 -3.43 9.44 0.37
N SER D 463 -2.38 8.64 0.38
CA SER D 463 -1.59 8.43 1.58
C SER D 463 -0.64 9.59 1.86
N ALA D 464 -0.80 10.72 1.18
CA ALA D 464 0.04 11.87 1.46
C ALA D 464 -0.16 12.35 2.90
N SER D 465 -1.39 12.31 3.39
CA SER D 465 -1.71 12.71 4.75
C SER D 465 -1.88 11.53 5.69
N ALA D 466 -1.48 10.33 5.27
CA ALA D 466 -1.62 9.14 6.09
C ALA D 466 -0.54 9.09 7.16
FE1 CLF E . -31.27 10.14 13.36
FE2 CLF E . -29.10 11.25 12.95
FE3 CLF E . -29.36 8.88 12.14
FE4 CLF E . -30.62 10.62 10.96
S1 CLF E . -31.26 12.38 12.45
S2A CLF E . -29.27 9.43 14.35
S4A CLF E . -28.34 10.50 10.93
S3A CLF E . -31.63 8.73 11.60
FE5 CLF E . -30.67 13.41 10.31
FE6 CLF E . -31.67 15.19 12.07
FE7 CLF E . -29.54 15.81 10.64
S2B CLF E . -31.67 15.44 9.76
S3B CLF E . -29.75 16.30 12.89
S4B CLF E . -28.44 13.79 10.10
FE1 CLF F . 29.97 -12.03 -14.73
FE2 CLF F . 29.44 -10.83 -12.63
FE3 CLF F . 27.49 -11.57 -14.06
FE4 CLF F . 28.74 -13.30 -12.90
S1 CLF F . 31.05 -12.73 -12.68
S2A CLF F . 28.95 -9.93 -14.70
S4A CLF F . 27.51 -11.71 -11.81
S3A CLF F . 28.28 -13.53 -15.09
FE5 CLF F . 30.39 -14.11 -10.78
FE6 CLF F . 33.01 -13.45 -10.60
FE7 CLF F . 31.44 -13.45 -8.45
S2B CLF F . 32.04 -15.35 -9.68
S3B CLF F . 33.02 -11.81 -8.89
S4B CLF F . 29.25 -12.99 -9.18
#